data_4R84
#
_entry.id   4R84
#
_cell.length_a   64.340
_cell.length_b   81.450
_cell.length_c   111.210
_cell.angle_alpha   99.02
_cell.angle_beta   91.59
_cell.angle_gamma   101.20
#
_symmetry.space_group_name_H-M   'P 1'
#
loop_
_entity.id
_entity.type
_entity.pdbx_description
1 polymer 'Sialyltransferase 0160'
2 non-polymer "CYTIDINE-5'-MONOPHOSPHATE-3-FLUORO-N-ACETYL-NEURAMINIC ACID"
3 non-polymer 'CALCIUM ION'
4 water water
#
_entity_poly.entity_id   1
_entity_poly.type   'polypeptide(L)'
_entity_poly.pdbx_seq_one_letter_code
;MGSSHHHHHHSSGLVPRGSHMCNSDNTSLKETVSSNSADVVETETYQLTPIDAPSSFLSHSWEQTCGTPILNESDKQAIS
FDFVAPELKQDEKYCFTFKGITGDHRYITNTTLTVVAPTLEVYIDHASLPSLQQLIHIIQAKDEYPSNQRFVSWKRVTVD
ADNANKLNIHTYPLKGNNTSPEMVAAIDEYAQSKNRLNIEFYTNTAHVFNNLPPIIQPLYNNEKVKISHISLYDDGSSEY
VSLYQWKDTPNKIETLEGEVSLLANYLAGTSPDAPKGMGNRYNWHKLYDTDYYFLREDYLDVEANLHDLRDYLGSSAKQM
PWDEFAKLSDSQQTLFLDIVGFDKEQLQQQYSQSPLPNFIFTGTTTWAGGETKEYYAQQQVNVINNAINETSPYYLGKDY
DLFFKGHPAGGVINDIILGSFPDMINIPAKISFEVLMMTDMLPDTVAGIASSLYFTIPADKVNFIVFTSSDTITDREEAL
KSPLVQVMLTLGIVKEKDVLFWA
;
_entity_poly.pdbx_strand_id   A,B,C,D
#
# COMPACT_ATOMS: atom_id res chain seq x y z
N LYS A 30 -29.58 10.24 0.57
CA LYS A 30 -30.44 10.81 -0.44
C LYS A 30 -31.50 9.80 -0.86
N GLU A 31 -32.70 10.27 -1.17
CA GLU A 31 -33.74 9.40 -1.68
C GLU A 31 -34.33 9.97 -2.95
N THR A 32 -34.47 9.12 -3.98
CA THR A 32 -35.12 9.55 -5.21
C THR A 32 -36.26 8.58 -5.48
N VAL A 33 -37.45 9.11 -5.73
CA VAL A 33 -38.59 8.28 -6.12
C VAL A 33 -39.15 8.75 -7.45
N SER A 34 -39.13 7.86 -8.43
CA SER A 34 -39.64 8.19 -9.75
C SER A 34 -40.87 7.36 -10.07
N SER A 35 -41.86 7.98 -10.70
CA SER A 35 -43.09 7.26 -11.01
C SER A 35 -43.51 7.53 -12.44
N ASN A 36 -44.03 6.49 -13.09
CA ASN A 36 -44.59 6.66 -14.40
C ASN A 36 -45.64 5.60 -14.70
N SER A 37 -46.41 5.87 -15.73
CA SER A 37 -47.46 4.94 -16.15
CA SER A 37 -47.51 5.00 -16.16
C SER A 37 -47.48 4.85 -17.67
N ALA A 38 -47.90 3.70 -18.18
CA ALA A 38 -47.94 3.54 -19.61
C ALA A 38 -48.99 2.52 -19.99
N ASP A 39 -49.62 2.72 -21.15
CA ASP A 39 -50.49 1.69 -21.73
C ASP A 39 -49.64 0.75 -22.58
N VAL A 40 -49.87 -0.54 -22.45
CA VAL A 40 -49.19 -1.51 -23.30
C VAL A 40 -50.25 -2.30 -24.05
N VAL A 41 -50.18 -2.27 -25.37
CA VAL A 41 -51.13 -2.98 -26.19
C VAL A 41 -50.89 -4.47 -26.06
N GLU A 42 -51.96 -5.24 -25.94
CA GLU A 42 -51.86 -6.72 -25.89
C GLU A 42 -50.88 -7.25 -26.94
N THR A 43 -50.02 -8.15 -26.49
CA THR A 43 -48.94 -8.82 -27.26
C THR A 43 -47.70 -7.96 -27.50
N GLU A 44 -47.75 -6.66 -27.21
CA GLU A 44 -46.58 -5.81 -27.40
C GLU A 44 -45.70 -5.80 -26.15
N THR A 45 -44.46 -5.33 -26.31
CA THR A 45 -43.45 -5.39 -25.26
C THR A 45 -43.16 -3.99 -24.68
N TYR A 46 -43.04 -3.92 -23.36
CA TYR A 46 -42.60 -2.72 -22.67
C TYR A 46 -41.39 -3.08 -21.82
N GLN A 47 -40.32 -2.29 -21.89
CA GLN A 47 -39.13 -2.60 -21.08
C GLN A 47 -39.19 -1.93 -19.70
N LEU A 48 -39.33 -2.72 -18.65
CA LEU A 48 -39.24 -2.16 -17.31
C LEU A 48 -37.78 -1.85 -16.98
N THR A 49 -37.53 -0.65 -16.46
CA THR A 49 -36.18 -0.19 -16.20
C THR A 49 -36.24 0.91 -15.14
N PRO A 50 -35.16 1.08 -14.36
CA PRO A 50 -35.18 2.21 -13.43
C PRO A 50 -35.20 3.54 -14.17
N ILE A 51 -35.91 4.51 -13.62
CA ILE A 51 -35.98 5.86 -14.19
C ILE A 51 -34.91 6.76 -13.60
N ASP A 52 -34.04 7.29 -14.47
CA ASP A 52 -32.99 8.23 -14.07
C ASP A 52 -32.16 7.75 -12.88
N ALA A 53 -31.68 6.52 -12.98
CA ALA A 53 -30.90 5.94 -11.89
C ALA A 53 -29.53 5.52 -12.43
N PRO A 54 -28.57 5.25 -11.53
CA PRO A 54 -27.26 4.77 -12.00
C PRO A 54 -27.39 3.41 -12.68
N SER A 55 -26.37 3.00 -13.41
CA SER A 55 -26.38 1.70 -14.05
C SER A 55 -26.01 0.57 -13.09
N SER A 56 -25.48 0.93 -11.92
CA SER A 56 -25.00 -0.07 -10.97
C SER A 56 -25.40 0.25 -9.52
N PHE A 57 -25.65 -0.80 -8.74
CA PHE A 57 -26.11 -0.65 -7.36
C PHE A 57 -25.40 -1.62 -6.42
N LEU A 58 -25.33 -1.25 -5.14
CA LEU A 58 -24.86 -2.18 -4.13
C LEU A 58 -25.84 -3.34 -3.99
N SER A 59 -27.13 -3.01 -4.00
CA SER A 59 -28.19 -4.01 -4.01
C SER A 59 -29.39 -3.48 -4.81
N HIS A 60 -30.19 -4.38 -5.34
CA HIS A 60 -31.33 -3.97 -6.17
C HIS A 60 -32.36 -5.08 -6.30
N SER A 61 -33.60 -4.69 -6.58
CA SER A 61 -34.66 -5.69 -6.75
C SER A 61 -35.87 -5.11 -7.48
N TRP A 62 -36.57 -5.99 -8.19
CA TRP A 62 -37.90 -5.70 -8.74
C TRP A 62 -38.92 -6.54 -7.97
N GLU A 63 -40.09 -5.96 -7.75
CA GLU A 63 -41.22 -6.67 -7.18
C GLU A 63 -42.52 -6.20 -7.85
N GLN A 64 -43.49 -7.09 -7.94
CA GLN A 64 -44.80 -6.74 -8.48
C GLN A 64 -45.78 -6.43 -7.36
N THR A 65 -46.44 -5.27 -7.41
CA THR A 65 -47.29 -4.85 -6.30
C THR A 65 -48.80 -4.89 -6.55
N CYS A 66 -49.21 -5.02 -7.81
CA CYS A 66 -50.63 -5.29 -8.08
C CYS A 66 -50.76 -5.89 -9.48
N GLY A 67 -51.93 -6.46 -9.75
CA GLY A 67 -52.19 -7.15 -11.00
C GLY A 67 -51.91 -8.63 -10.84
N THR A 68 -52.46 -9.43 -11.74
CA THR A 68 -52.18 -10.87 -11.81
C THR A 68 -50.68 -11.15 -11.82
N PRO A 69 -50.21 -12.07 -10.96
CA PRO A 69 -48.77 -12.34 -10.94
C PRO A 69 -48.19 -12.67 -12.30
N ILE A 70 -47.12 -11.97 -12.68
CA ILE A 70 -46.55 -12.11 -14.01
C ILE A 70 -45.02 -11.94 -13.99
N LEU A 71 -44.50 -11.44 -12.88
CA LEU A 71 -43.06 -11.22 -12.77
C LEU A 71 -42.37 -12.56 -12.66
N ASN A 72 -41.40 -12.82 -13.55
CA ASN A 72 -40.60 -14.04 -13.49
C ASN A 72 -39.56 -13.92 -12.37
N GLU A 73 -39.26 -15.04 -11.72
CA GLU A 73 -38.31 -15.01 -10.62
C GLU A 73 -36.95 -14.44 -11.00
N SER A 74 -36.48 -14.78 -12.19
CA SER A 74 -35.16 -14.34 -12.64
C SER A 74 -35.07 -12.83 -12.80
N ASP A 75 -36.19 -12.23 -13.18
CA ASP A 75 -36.24 -10.79 -13.44
C ASP A 75 -36.16 -9.93 -12.18
N LYS A 76 -36.45 -10.52 -11.01
CA LYS A 76 -36.35 -9.79 -9.76
C LYS A 76 -34.95 -9.22 -9.54
N GLN A 77 -33.92 -9.88 -10.08
CA GLN A 77 -32.56 -9.39 -9.95
C GLN A 77 -32.04 -8.78 -11.25
N ALA A 78 -32.91 -8.60 -12.24
CA ALA A 78 -32.51 -7.91 -13.46
C ALA A 78 -32.58 -6.40 -13.23
N ILE A 79 -31.80 -5.65 -13.99
CA ILE A 79 -31.94 -4.20 -13.94
C ILE A 79 -33.07 -3.79 -14.87
N SER A 80 -32.97 -4.23 -16.13
CA SER A 80 -34.02 -4.00 -17.11
C SER A 80 -34.53 -5.34 -17.59
N PHE A 81 -35.83 -5.44 -17.83
CA PHE A 81 -36.38 -6.67 -18.40
C PHE A 81 -37.66 -6.38 -19.16
N ASP A 82 -38.08 -7.36 -19.93
CA ASP A 82 -39.26 -7.16 -20.79
C ASP A 82 -40.55 -7.64 -20.16
N PHE A 83 -41.55 -6.76 -20.22
CA PHE A 83 -42.93 -7.08 -19.92
C PHE A 83 -43.63 -7.30 -21.26
N VAL A 84 -44.12 -8.52 -21.48
CA VAL A 84 -44.92 -8.82 -22.66
C VAL A 84 -46.39 -8.83 -22.29
N ALA A 85 -47.17 -7.91 -22.84
CA ALA A 85 -48.58 -7.78 -22.50
C ALA A 85 -49.38 -9.01 -22.93
N PRO A 86 -50.07 -9.65 -21.98
CA PRO A 86 -50.91 -10.81 -22.27
C PRO A 86 -52.19 -10.43 -23.00
N GLU A 87 -52.86 -11.42 -23.56
CA GLU A 87 -54.19 -11.22 -24.15
C GLU A 87 -55.24 -11.53 -23.09
N LEU A 88 -56.04 -10.52 -22.78
CA LEU A 88 -56.95 -10.55 -21.64
C LEU A 88 -58.40 -10.41 -22.07
N LYS A 89 -59.31 -10.61 -21.13
CA LYS A 89 -60.73 -10.45 -21.42
C LYS A 89 -61.11 -8.98 -21.22
N GLN A 90 -60.26 -8.25 -20.50
CA GLN A 90 -60.49 -6.82 -20.24
C GLN A 90 -59.16 -6.19 -19.85
N ASP A 91 -59.12 -4.86 -19.85
CA ASP A 91 -57.92 -4.14 -19.45
C ASP A 91 -57.51 -4.49 -18.02
N GLU A 92 -56.22 -4.47 -17.76
CA GLU A 92 -55.74 -4.78 -16.43
C GLU A 92 -54.47 -4.02 -16.14
N LYS A 93 -54.32 -3.53 -14.91
CA LYS A 93 -53.10 -2.82 -14.57
C LYS A 93 -52.17 -3.71 -13.77
N TYR A 94 -50.90 -3.52 -14.08
CA TYR A 94 -49.80 -4.27 -13.49
C TYR A 94 -48.84 -3.26 -12.92
N CYS A 95 -48.48 -3.40 -11.65
CA CYS A 95 -47.67 -2.41 -10.94
C CYS A 95 -46.31 -3.02 -10.58
N PHE A 96 -45.21 -2.34 -10.87
CA PHE A 96 -43.86 -2.87 -10.57
C PHE A 96 -43.04 -1.83 -9.83
N THR A 97 -42.27 -2.26 -8.83
CA THR A 97 -41.42 -1.35 -8.08
C THR A 97 -39.97 -1.82 -8.11
N PHE A 98 -39.09 -0.92 -8.54
CA PHE A 98 -37.65 -1.19 -8.48
C PHE A 98 -37.07 -0.45 -7.29
N LYS A 99 -36.23 -1.14 -6.54
CA LYS A 99 -35.50 -0.51 -5.44
C LYS A 99 -34.01 -0.75 -5.65
N GLY A 100 -33.23 0.34 -5.65
CA GLY A 100 -31.80 0.21 -5.80
C GLY A 100 -31.11 1.08 -4.77
N ILE A 101 -30.09 0.51 -4.14
CA ILE A 101 -29.38 1.21 -3.09
C ILE A 101 -27.91 1.33 -3.46
N THR A 102 -27.37 2.53 -3.36
CA THR A 102 -25.94 2.71 -3.49
C THR A 102 -25.43 3.14 -2.12
N GLY A 103 -24.19 3.62 -2.06
CA GLY A 103 -23.61 3.97 -0.77
C GLY A 103 -24.26 5.14 -0.06
N ASP A 104 -24.78 6.08 -0.84
CA ASP A 104 -25.34 7.31 -0.25
C ASP A 104 -26.73 7.63 -0.79
N HIS A 105 -27.26 6.77 -1.65
CA HIS A 105 -28.47 7.11 -2.39
C HIS A 105 -29.41 5.92 -2.57
N ARG A 106 -30.69 6.16 -2.36
CA ARG A 106 -31.70 5.15 -2.56
C ARG A 106 -32.60 5.55 -3.73
N TYR A 107 -32.80 4.62 -4.67
CA TYR A 107 -33.54 4.88 -5.89
C TYR A 107 -34.75 3.97 -5.89
N ILE A 108 -35.91 4.57 -6.07
CA ILE A 108 -37.13 3.80 -6.24
C ILE A 108 -37.80 4.23 -7.53
N THR A 109 -38.18 3.25 -8.33
CA THR A 109 -38.98 3.48 -9.52
C THR A 109 -40.29 2.71 -9.42
N ASN A 110 -41.40 3.43 -9.57
CA ASN A 110 -42.70 2.80 -9.59
C ASN A 110 -43.32 2.95 -10.98
N THR A 111 -43.56 1.82 -11.64
CA THR A 111 -44.12 1.86 -12.97
C THR A 111 -45.44 1.12 -13.02
N THR A 112 -46.47 1.77 -13.52
CA THR A 112 -47.76 1.13 -13.64
C THR A 112 -48.08 0.91 -15.11
N LEU A 113 -48.22 -0.34 -15.50
CA LEU A 113 -48.54 -0.68 -16.88
C LEU A 113 -49.98 -1.12 -16.97
N THR A 114 -50.74 -0.52 -17.88
CA THR A 114 -52.10 -0.97 -18.11
C THR A 114 -52.14 -1.67 -19.47
N VAL A 115 -52.55 -2.94 -19.47
CA VAL A 115 -52.69 -3.70 -20.72
C VAL A 115 -53.99 -3.34 -21.37
N VAL A 116 -53.92 -2.89 -22.61
CA VAL A 116 -55.08 -2.38 -23.31
C VAL A 116 -55.30 -3.11 -24.62
N ALA A 117 -56.53 -3.06 -25.09
CA ALA A 117 -56.85 -3.59 -26.41
C ALA A 117 -56.18 -2.73 -27.47
N PRO A 118 -55.85 -3.32 -28.61
CA PRO A 118 -55.38 -2.48 -29.71
C PRO A 118 -56.50 -1.56 -30.19
N THR A 119 -56.13 -0.46 -30.82
CA THR A 119 -57.10 0.52 -31.33
C THR A 119 -56.92 0.64 -32.83
N LEU A 120 -58.04 0.54 -33.55
CA LEU A 120 -58.07 0.80 -34.98
C LEU A 120 -58.77 2.13 -35.18
N GLU A 121 -58.09 3.07 -35.85
CA GLU A 121 -58.68 4.37 -36.16
C GLU A 121 -59.21 4.33 -37.59
N VAL A 122 -60.48 4.71 -37.78
CA VAL A 122 -61.10 4.60 -39.12
C VAL A 122 -61.55 5.98 -39.55
N TYR A 123 -61.08 6.42 -40.73
CA TYR A 123 -61.31 7.77 -41.23
C TYR A 123 -62.06 7.71 -42.55
N ILE A 124 -63.19 8.42 -42.64
CA ILE A 124 -64.00 8.40 -43.85
C ILE A 124 -64.51 9.79 -44.16
N ASP A 125 -64.21 10.31 -45.35
CA ASP A 125 -64.72 11.63 -45.74
C ASP A 125 -64.63 11.84 -47.23
N HIS A 126 -65.59 12.59 -47.77
CA HIS A 126 -65.59 12.88 -49.19
C HIS A 126 -65.42 14.38 -49.43
N ALA A 127 -65.31 15.15 -48.36
CA ALA A 127 -65.19 16.60 -48.49
C ALA A 127 -63.75 17.05 -48.20
N SER A 128 -63.59 18.27 -47.68
CA SER A 128 -62.24 18.79 -47.41
C SER A 128 -61.99 18.98 -45.94
N LEU A 129 -62.85 19.77 -45.30
CA LEU A 129 -62.64 20.20 -43.94
C LEU A 129 -62.52 19.02 -42.93
N PRO A 130 -63.45 18.03 -42.97
CA PRO A 130 -63.25 16.90 -42.08
C PRO A 130 -61.95 16.17 -42.32
N SER A 131 -61.58 15.97 -43.58
CA SER A 131 -60.32 15.28 -43.87
C SER A 131 -59.10 16.05 -43.35
N LEU A 132 -59.11 17.38 -43.50
CA LEU A 132 -58.00 18.21 -43.05
C LEU A 132 -57.86 18.18 -41.53
N GLN A 133 -58.98 18.26 -40.82
CA GLN A 133 -58.98 18.16 -39.36
C GLN A 133 -58.47 16.80 -38.93
N GLN A 134 -58.92 15.78 -39.63
CA GLN A 134 -58.52 14.40 -39.33
C GLN A 134 -57.04 14.22 -39.59
N LEU A 135 -56.51 14.84 -40.64
CA LEU A 135 -55.09 14.69 -40.95
C LEU A 135 -54.23 15.26 -39.82
N ILE A 136 -54.63 16.41 -39.28
CA ILE A 136 -53.90 16.97 -38.15
C ILE A 136 -53.94 16.01 -36.97
N HIS A 137 -55.11 15.43 -36.72
CA HIS A 137 -55.24 14.51 -35.61
C HIS A 137 -54.35 13.28 -35.80
N ILE A 138 -54.31 12.77 -37.04
CA ILE A 138 -53.48 11.61 -37.37
C ILE A 138 -52.01 11.90 -37.12
N ILE A 139 -51.56 13.09 -37.52
CA ILE A 139 -50.16 13.43 -37.34
C ILE A 139 -49.81 13.47 -35.86
N GLN A 140 -50.71 14.01 -35.04
CA GLN A 140 -50.52 14.01 -33.58
C GLN A 140 -50.55 12.58 -33.05
N ALA A 141 -51.52 11.81 -33.52
CA ALA A 141 -51.77 10.47 -32.98
C ALA A 141 -50.68 9.45 -33.32
N LYS A 142 -49.98 9.65 -34.44
CA LYS A 142 -48.88 8.78 -34.80
C LYS A 142 -47.79 8.87 -33.73
N ASP A 143 -47.60 10.07 -33.18
CA ASP A 143 -46.61 10.27 -32.14
C ASP A 143 -47.12 9.81 -30.79
N GLU A 144 -48.38 10.09 -30.50
CA GLU A 144 -48.92 9.75 -29.19
C GLU A 144 -49.27 8.26 -29.08
N TYR A 145 -49.72 7.67 -30.18
CA TYR A 145 -50.16 6.27 -30.20
C TYR A 145 -49.51 5.52 -31.35
N PRO A 146 -48.20 5.26 -31.22
CA PRO A 146 -47.45 4.74 -32.35
C PRO A 146 -47.83 3.32 -32.77
N SER A 147 -48.59 2.63 -31.93
N SER A 147 -48.59 2.61 -31.92
CA SER A 147 -49.01 1.25 -32.24
CA SER A 147 -49.00 1.24 -32.26
C SER A 147 -50.31 1.19 -33.06
C SER A 147 -50.29 1.20 -33.08
N ASN A 148 -51.07 2.27 -33.06
CA ASN A 148 -52.40 2.26 -33.70
C ASN A 148 -52.33 2.16 -35.22
N GLN A 149 -53.14 1.26 -35.77
CA GLN A 149 -53.33 1.18 -37.21
C GLN A 149 -54.47 2.13 -37.63
N ARG A 150 -54.35 2.70 -38.82
CA ARG A 150 -55.33 3.65 -39.32
C ARG A 150 -55.80 3.22 -40.69
N PHE A 151 -57.12 3.18 -40.88
CA PHE A 151 -57.68 2.91 -42.20
C PHE A 151 -58.27 4.21 -42.68
N VAL A 152 -57.91 4.65 -43.89
CA VAL A 152 -58.30 5.98 -44.35
C VAL A 152 -58.93 5.97 -45.74
N SER A 153 -60.15 6.52 -45.83
CA SER A 153 -60.85 6.68 -47.10
C SER A 153 -61.26 8.11 -47.27
N TRP A 154 -60.43 8.87 -47.99
CA TRP A 154 -60.65 10.30 -48.23
C TRP A 154 -60.74 10.55 -49.72
N LYS A 155 -61.72 11.32 -50.14
CA LYS A 155 -61.88 11.56 -51.58
C LYS A 155 -60.97 12.67 -52.10
N ARG A 156 -60.72 13.67 -51.26
CA ARG A 156 -60.03 14.89 -51.73
C ARG A 156 -58.58 14.97 -51.26
N VAL A 157 -58.32 14.53 -50.03
CA VAL A 157 -56.95 14.51 -49.54
C VAL A 157 -56.24 13.21 -49.89
N THR A 158 -55.10 13.32 -50.57
CA THR A 158 -54.38 12.17 -51.07
C THR A 158 -53.10 11.90 -50.29
N VAL A 159 -53.00 10.71 -49.70
CA VAL A 159 -51.83 10.30 -48.96
C VAL A 159 -51.07 9.29 -49.80
N ASP A 160 -49.86 9.63 -50.25
CA ASP A 160 -49.13 8.69 -51.10
C ASP A 160 -48.55 7.54 -50.26
N ALA A 161 -47.94 6.55 -50.90
CA ALA A 161 -47.52 5.33 -50.21
C ALA A 161 -46.52 5.64 -49.10
N ASP A 162 -45.57 6.51 -49.40
CA ASP A 162 -44.54 6.89 -48.44
C ASP A 162 -45.10 7.61 -47.20
N ASN A 163 -45.95 8.62 -47.41
CA ASN A 163 -46.55 9.33 -46.30
C ASN A 163 -47.49 8.43 -45.50
N ALA A 164 -48.17 7.53 -46.19
CA ALA A 164 -49.06 6.59 -45.55
C ALA A 164 -48.29 5.71 -44.57
N ASN A 165 -47.11 5.25 -44.99
CA ASN A 165 -46.28 4.42 -44.12
C ASN A 165 -45.79 5.23 -42.90
N LYS A 166 -45.51 6.51 -43.11
CA LYS A 166 -45.09 7.39 -42.04
C LYS A 166 -46.13 7.49 -40.95
N LEU A 167 -47.40 7.31 -41.32
CA LEU A 167 -48.50 7.59 -40.40
C LEU A 167 -49.31 6.34 -40.04
N ASN A 168 -48.79 5.16 -40.39
CA ASN A 168 -49.47 3.89 -40.14
C ASN A 168 -50.88 3.89 -40.73
N ILE A 169 -50.96 4.43 -41.94
CA ILE A 169 -52.18 4.51 -42.71
C ILE A 169 -52.25 3.43 -43.79
N HIS A 170 -53.39 2.75 -43.87
CA HIS A 170 -53.76 1.94 -45.03
C HIS A 170 -54.94 2.61 -45.69
N THR A 171 -54.80 2.97 -46.97
CA THR A 171 -55.87 3.65 -47.67
C THR A 171 -56.82 2.64 -48.32
N TYR A 172 -58.10 2.99 -48.32
CA TYR A 172 -59.16 2.23 -48.97
C TYR A 172 -60.01 3.17 -49.81
N PRO A 173 -60.53 2.65 -50.92
CA PRO A 173 -61.40 3.48 -51.74
C PRO A 173 -62.74 3.74 -51.07
N LEU A 174 -63.41 4.79 -51.52
CA LEU A 174 -64.81 4.99 -51.22
C LEU A 174 -65.66 4.31 -52.29
N LYS A 175 -66.89 3.98 -51.93
CA LYS A 175 -67.92 3.65 -52.90
C LYS A 175 -68.70 4.93 -53.18
N GLY A 176 -68.33 5.60 -54.26
CA GLY A 176 -68.86 6.92 -54.52
C GLY A 176 -68.33 7.89 -53.48
N ASN A 177 -69.23 8.35 -52.61
CA ASN A 177 -68.90 9.27 -51.53
C ASN A 177 -68.78 8.60 -50.18
N ASN A 178 -69.08 7.30 -50.14
CA ASN A 178 -69.24 6.68 -48.84
C ASN A 178 -68.43 5.42 -48.61
N THR A 179 -68.52 4.92 -47.38
CA THR A 179 -67.80 3.73 -46.97
C THR A 179 -67.92 2.60 -47.99
N SER A 180 -66.79 2.03 -48.35
CA SER A 180 -66.75 0.96 -49.34
C SER A 180 -66.88 -0.42 -48.72
N PRO A 181 -67.35 -1.39 -49.51
CA PRO A 181 -67.31 -2.78 -49.05
C PRO A 181 -65.89 -3.25 -48.79
N GLU A 182 -64.92 -2.73 -49.54
CA GLU A 182 -63.52 -3.07 -49.31
C GLU A 182 -63.09 -2.66 -47.91
N MET A 183 -63.47 -1.45 -47.51
N MET A 183 -63.49 -1.44 -47.53
CA MET A 183 -63.15 -0.99 -46.15
CA MET A 183 -63.24 -0.91 -46.19
C MET A 183 -63.87 -1.82 -45.09
C MET A 183 -63.88 -1.78 -45.11
N VAL A 184 -65.16 -2.08 -45.29
CA VAL A 184 -65.91 -2.90 -44.32
C VAL A 184 -65.24 -4.27 -44.12
N ALA A 185 -64.87 -4.92 -45.21
CA ALA A 185 -64.23 -6.24 -45.12
C ALA A 185 -62.86 -6.17 -44.44
N ALA A 186 -62.11 -5.11 -44.73
CA ALA A 186 -60.79 -4.93 -44.13
C ALA A 186 -60.90 -4.75 -42.61
N ILE A 187 -61.93 -4.02 -42.17
CA ILE A 187 -62.15 -3.84 -40.73
C ILE A 187 -62.56 -5.18 -40.09
N ASP A 188 -63.44 -5.90 -40.76
CA ASP A 188 -63.88 -7.20 -40.28
C ASP A 188 -62.70 -8.16 -40.12
N GLU A 189 -61.81 -8.20 -41.10
CA GLU A 189 -60.64 -9.05 -41.04
C GLU A 189 -59.70 -8.63 -39.92
N TYR A 190 -59.54 -7.32 -39.76
CA TYR A 190 -58.65 -6.79 -38.74
C TYR A 190 -59.17 -7.17 -37.37
N ALA A 191 -60.48 -7.03 -37.18
CA ALA A 191 -61.12 -7.37 -35.90
C ALA A 191 -60.98 -8.84 -35.57
N GLN A 192 -61.15 -9.67 -36.59
CA GLN A 192 -61.07 -11.11 -36.45
C GLN A 192 -59.66 -11.50 -36.01
N SER A 193 -58.65 -10.71 -36.40
CA SER A 193 -57.26 -11.06 -36.14
C SER A 193 -56.80 -10.71 -34.72
N LYS A 194 -57.64 -9.99 -33.99
CA LYS A 194 -57.28 -9.49 -32.65
C LYS A 194 -58.07 -10.16 -31.54
N ASN A 195 -57.47 -10.28 -30.37
CA ASN A 195 -58.16 -10.82 -29.21
C ASN A 195 -59.29 -9.89 -28.74
N ARG A 196 -58.98 -8.59 -28.75
CA ARG A 196 -59.96 -7.53 -28.45
C ARG A 196 -59.67 -6.36 -29.36
N LEU A 197 -60.66 -5.50 -29.62
CA LEU A 197 -60.40 -4.34 -30.46
C LEU A 197 -61.27 -3.15 -30.08
N ASN A 198 -60.65 -1.97 -29.96
CA ASN A 198 -61.36 -0.70 -29.91
C ASN A 198 -61.32 -0.04 -31.27
N ILE A 199 -62.46 0.46 -31.72
CA ILE A 199 -62.50 1.20 -32.97
C ILE A 199 -62.88 2.64 -32.70
N GLU A 200 -62.08 3.56 -33.23
CA GLU A 200 -62.40 4.99 -33.19
C GLU A 200 -62.83 5.43 -34.59
N PHE A 201 -63.96 6.11 -34.71
CA PHE A 201 -64.45 6.59 -36.00
C PHE A 201 -64.24 8.09 -36.14
N TYR A 202 -63.92 8.52 -37.35
CA TYR A 202 -63.78 9.94 -37.68
C TYR A 202 -64.43 10.16 -39.01
N THR A 203 -65.48 10.98 -39.06
CA THR A 203 -66.12 11.16 -40.35
C THR A 203 -66.88 12.48 -40.39
N ASN A 204 -67.61 12.65 -41.49
CA ASN A 204 -68.36 13.85 -41.86
C ASN A 204 -69.72 13.86 -41.17
N THR A 205 -70.06 14.95 -40.48
CA THR A 205 -71.30 14.97 -39.71
C THR A 205 -72.54 14.74 -40.58
N ALA A 206 -72.62 15.46 -41.70
CA ALA A 206 -73.82 15.37 -42.55
C ALA A 206 -74.02 13.94 -43.07
N HIS A 207 -72.93 13.19 -43.21
CA HIS A 207 -73.06 11.88 -43.85
C HIS A 207 -72.69 10.74 -42.94
N VAL A 208 -72.75 10.98 -41.62
CA VAL A 208 -72.41 9.93 -40.66
C VAL A 208 -73.26 8.68 -40.84
N PHE A 209 -74.55 8.84 -41.16
CA PHE A 209 -75.42 7.68 -41.26
C PHE A 209 -75.15 6.87 -42.52
N ASN A 210 -74.57 7.50 -43.54
CA ASN A 210 -74.19 6.74 -44.73
C ASN A 210 -72.87 6.01 -44.54
N ASN A 211 -72.07 6.46 -43.58
CA ASN A 211 -70.71 5.91 -43.44
C ASN A 211 -70.49 4.90 -42.32
N LEU A 212 -71.12 5.10 -41.16
CA LEU A 212 -70.80 4.25 -40.01
C LEU A 212 -71.66 2.97 -39.87
N PRO A 213 -72.97 3.04 -40.13
CA PRO A 213 -73.73 1.79 -39.98
C PRO A 213 -73.21 0.58 -40.78
N PRO A 214 -72.66 0.76 -42.01
CA PRO A 214 -72.14 -0.42 -42.70
C PRO A 214 -71.00 -1.12 -42.01
N ILE A 215 -70.30 -0.41 -41.13
CA ILE A 215 -69.22 -1.01 -40.37
C ILE A 215 -69.73 -1.51 -39.02
N ILE A 216 -70.55 -0.69 -38.36
CA ILE A 216 -71.06 -1.04 -37.03
C ILE A 216 -71.97 -2.26 -37.05
N GLN A 217 -72.86 -2.38 -38.04
CA GLN A 217 -73.83 -3.48 -38.07
C GLN A 217 -73.21 -4.88 -38.05
N PRO A 218 -72.25 -5.19 -38.94
CA PRO A 218 -71.73 -6.57 -38.87
C PRO A 218 -70.87 -6.87 -37.64
N LEU A 219 -70.42 -5.83 -36.92
CA LEU A 219 -69.60 -6.05 -35.75
C LEU A 219 -70.43 -6.00 -34.48
N TYR A 220 -71.72 -5.68 -34.61
CA TYR A 220 -72.52 -5.29 -33.45
C TYR A 220 -72.56 -6.36 -32.35
N ASN A 221 -72.68 -7.62 -32.77
CA ASN A 221 -72.85 -8.68 -31.80
C ASN A 221 -71.53 -9.32 -31.40
N ASN A 222 -70.43 -8.75 -31.88
CA ASN A 222 -69.10 -9.19 -31.48
C ASN A 222 -68.64 -8.49 -30.20
N GLU A 223 -68.73 -9.20 -29.08
CA GLU A 223 -68.46 -8.61 -27.77
C GLU A 223 -66.99 -8.21 -27.55
N LYS A 224 -66.09 -8.68 -28.41
CA LYS A 224 -64.68 -8.33 -28.22
C LYS A 224 -64.34 -7.01 -28.92
N VAL A 225 -65.29 -6.49 -29.71
CA VAL A 225 -65.10 -5.25 -30.48
C VAL A 225 -65.93 -4.12 -29.86
N LYS A 226 -65.29 -3.01 -29.53
CA LYS A 226 -65.99 -1.88 -28.96
C LYS A 226 -65.76 -0.65 -29.81
N ILE A 227 -66.85 0.07 -30.10
CA ILE A 227 -66.72 1.38 -30.72
C ILE A 227 -66.42 2.34 -29.58
N SER A 228 -65.17 2.74 -29.46
CA SER A 228 -64.74 3.48 -28.28
C SER A 228 -64.94 4.99 -28.42
N HIS A 229 -65.02 5.49 -29.64
CA HIS A 229 -65.18 6.93 -29.85
C HIS A 229 -65.63 7.26 -31.27
N ILE A 230 -66.43 8.32 -31.40
CA ILE A 230 -66.86 8.79 -32.71
C ILE A 230 -66.59 10.30 -32.75
N SER A 231 -65.88 10.77 -33.77
CA SER A 231 -65.65 12.22 -33.93
C SER A 231 -66.28 12.62 -35.24
N LEU A 232 -67.23 13.56 -35.19
CA LEU A 232 -67.94 14.00 -36.37
C LEU A 232 -67.58 15.45 -36.66
N TYR A 233 -67.29 15.75 -37.93
CA TYR A 233 -66.87 17.09 -38.34
C TYR A 233 -67.81 17.66 -39.38
N ASP A 234 -68.25 18.90 -39.17
CA ASP A 234 -68.95 19.61 -40.24
C ASP A 234 -68.10 19.68 -41.48
N ASP A 235 -68.69 19.57 -42.67
CA ASP A 235 -67.87 19.78 -43.86
C ASP A 235 -67.99 21.19 -44.42
N GLY A 236 -69.00 21.94 -43.98
CA GLY A 236 -69.13 23.31 -44.41
C GLY A 236 -70.50 23.90 -44.19
N SER A 237 -70.96 24.70 -45.14
CA SER A 237 -72.20 25.42 -44.96
C SER A 237 -73.42 24.49 -44.92
N SER A 238 -73.30 23.31 -45.52
CA SER A 238 -74.45 22.44 -45.70
C SER A 238 -75.11 22.03 -44.38
N GLU A 239 -74.32 21.77 -43.34
CA GLU A 239 -74.88 21.41 -42.04
C GLU A 239 -75.68 22.57 -41.45
N TYR A 240 -75.29 23.80 -41.76
CA TYR A 240 -75.94 24.99 -41.20
C TYR A 240 -77.22 25.30 -41.94
N VAL A 241 -77.21 25.12 -43.27
CA VAL A 241 -78.43 25.24 -44.05
C VAL A 241 -79.45 24.20 -43.58
N SER A 242 -78.99 22.99 -43.29
CA SER A 242 -79.89 21.93 -42.84
C SER A 242 -80.49 22.27 -41.48
N LEU A 243 -79.67 22.81 -40.59
CA LEU A 243 -80.12 23.25 -39.28
C LEU A 243 -81.12 24.39 -39.41
N TYR A 244 -80.81 25.34 -40.30
CA TYR A 244 -81.71 26.46 -40.56
C TYR A 244 -83.09 25.98 -41.01
N GLN A 245 -83.11 25.03 -41.93
CA GLN A 245 -84.35 24.53 -42.49
C GLN A 245 -85.14 23.71 -41.49
N TRP A 246 -84.48 23.24 -40.44
CA TRP A 246 -85.06 22.33 -39.47
C TRP A 246 -85.48 23.02 -38.15
N LYS A 247 -84.98 24.24 -37.93
CA LYS A 247 -85.03 24.85 -36.61
C LYS A 247 -86.46 25.15 -36.12
N ASP A 248 -87.39 25.29 -37.06
CA ASP A 248 -88.77 25.62 -36.68
C ASP A 248 -89.69 24.40 -36.63
N THR A 249 -89.13 23.22 -36.88
CA THR A 249 -89.90 21.99 -36.86
C THR A 249 -90.52 21.75 -35.48
N PRO A 250 -91.85 21.52 -35.44
CA PRO A 250 -92.54 21.33 -34.16
C PRO A 250 -92.09 20.07 -33.43
N ASN A 251 -91.90 20.18 -32.12
CA ASN A 251 -91.55 19.05 -31.27
C ASN A 251 -90.26 18.38 -31.69
N LYS A 252 -89.31 19.14 -32.22
CA LYS A 252 -88.16 18.54 -32.92
C LYS A 252 -87.22 17.77 -31.99
N ILE A 253 -86.99 18.25 -30.78
CA ILE A 253 -86.11 17.53 -29.85
C ILE A 253 -86.81 16.27 -29.34
N GLU A 254 -88.11 16.38 -29.06
CA GLU A 254 -88.89 15.22 -28.67
C GLU A 254 -88.84 14.13 -29.75
N THR A 255 -88.90 14.55 -31.00
CA THR A 255 -88.79 13.61 -32.10
C THR A 255 -87.39 12.98 -32.11
N LEU A 256 -86.36 13.80 -31.90
CA LEU A 256 -84.99 13.30 -31.81
C LEU A 256 -84.85 12.22 -30.76
N GLU A 257 -85.31 12.53 -29.55
CA GLU A 257 -85.26 11.60 -28.43
C GLU A 257 -85.98 10.30 -28.76
N GLY A 258 -87.10 10.43 -29.46
CA GLY A 258 -87.89 9.29 -29.82
C GLY A 258 -87.21 8.42 -30.87
N GLU A 259 -86.26 9.00 -31.61
CA GLU A 259 -85.59 8.26 -32.66
C GLU A 259 -84.26 7.63 -32.23
N VAL A 260 -83.87 7.83 -30.98
CA VAL A 260 -82.67 7.17 -30.48
C VAL A 260 -82.82 5.66 -30.58
N SER A 261 -83.97 5.12 -30.14
CA SER A 261 -84.17 3.67 -30.20
C SER A 261 -84.24 3.21 -31.66
N LEU A 262 -84.72 4.07 -32.54
CA LEU A 262 -84.76 3.77 -33.96
C LEU A 262 -83.34 3.55 -34.49
N LEU A 263 -82.44 4.46 -34.18
CA LEU A 263 -81.04 4.33 -34.56
C LEU A 263 -80.43 3.09 -33.92
N ALA A 264 -80.68 2.92 -32.62
CA ALA A 264 -80.14 1.79 -31.87
C ALA A 264 -80.54 0.43 -32.44
N ASN A 265 -81.82 0.26 -32.75
CA ASN A 265 -82.31 -1.02 -33.26
C ASN A 265 -81.84 -1.29 -34.68
N TYR A 266 -81.66 -0.23 -35.45
CA TYR A 266 -81.15 -0.37 -36.81
C TYR A 266 -79.70 -0.88 -36.76
N LEU A 267 -78.92 -0.26 -35.89
CA LEU A 267 -77.54 -0.67 -35.72
C LEU A 267 -77.44 -2.09 -35.19
N ALA A 268 -78.35 -2.45 -34.28
CA ALA A 268 -78.34 -3.78 -33.66
C ALA A 268 -78.83 -4.88 -34.61
N GLY A 269 -79.34 -4.47 -35.76
CA GLY A 269 -79.80 -5.39 -36.80
C GLY A 269 -81.06 -6.15 -36.43
N THR A 270 -81.93 -5.51 -35.66
CA THR A 270 -83.18 -6.14 -35.27
C THR A 270 -84.36 -5.41 -35.92
N SER A 271 -84.05 -4.38 -36.69
CA SER A 271 -85.07 -3.64 -37.44
C SER A 271 -84.47 -3.04 -38.70
N PRO A 272 -85.27 -3.01 -39.79
CA PRO A 272 -84.84 -2.40 -41.05
C PRO A 272 -85.15 -0.91 -41.12
N ASP A 273 -85.89 -0.40 -40.13
CA ASP A 273 -86.32 0.99 -40.11
C ASP A 273 -85.23 1.91 -39.58
N ALA A 274 -84.88 2.92 -40.35
CA ALA A 274 -83.83 3.85 -39.97
C ALA A 274 -84.41 5.21 -39.64
N PRO A 275 -83.75 5.96 -38.74
CA PRO A 275 -84.21 7.32 -38.49
C PRO A 275 -84.01 8.15 -39.74
N LYS A 276 -84.95 9.06 -39.99
CA LYS A 276 -84.82 9.95 -41.11
C LYS A 276 -84.43 11.33 -40.58
N GLY A 277 -83.70 12.08 -41.39
CA GLY A 277 -83.34 13.44 -41.05
C GLY A 277 -82.40 13.53 -39.87
N MET A 278 -82.62 14.54 -39.03
CA MET A 278 -81.70 14.89 -37.96
C MET A 278 -81.50 13.73 -36.99
N GLY A 279 -82.49 12.84 -36.94
CA GLY A 279 -82.43 11.69 -36.05
C GLY A 279 -81.33 10.71 -36.38
N ASN A 280 -80.80 10.75 -37.60
CA ASN A 280 -79.69 9.85 -37.90
C ASN A 280 -78.36 10.57 -37.83
N ARG A 281 -78.42 11.84 -37.43
CA ARG A 281 -77.24 12.71 -37.44
C ARG A 281 -76.81 13.12 -36.02
N TYR A 282 -77.78 13.54 -35.22
CA TYR A 282 -77.44 14.13 -33.93
C TYR A 282 -77.91 13.29 -32.74
N ASN A 283 -78.00 11.98 -32.95
CA ASN A 283 -78.29 11.04 -31.86
C ASN A 283 -77.13 10.11 -31.52
N TRP A 284 -75.99 10.28 -32.18
CA TRP A 284 -74.89 9.33 -31.97
C TRP A 284 -74.33 9.42 -30.56
N HIS A 285 -74.39 10.60 -29.96
CA HIS A 285 -73.85 10.78 -28.60
C HIS A 285 -74.70 10.08 -27.52
N LYS A 286 -75.91 9.65 -27.91
CA LYS A 286 -76.80 8.90 -27.02
C LYS A 286 -76.40 7.43 -26.95
N LEU A 287 -75.60 7.00 -27.91
CA LEU A 287 -75.25 5.59 -28.03
C LEU A 287 -73.77 5.28 -27.90
N TYR A 288 -72.94 6.26 -28.24
CA TYR A 288 -71.49 6.14 -28.22
C TYR A 288 -70.88 7.42 -27.70
N ASP A 289 -69.64 7.34 -27.23
CA ASP A 289 -68.88 8.52 -26.86
C ASP A 289 -68.55 9.31 -28.13
N THR A 290 -69.24 10.44 -28.30
CA THR A 290 -69.24 11.19 -29.55
C THR A 290 -68.96 12.66 -29.33
N ASP A 291 -68.08 13.22 -30.16
CA ASP A 291 -67.88 14.66 -30.25
C ASP A 291 -68.41 15.14 -31.58
N TYR A 292 -69.21 16.21 -31.56
CA TYR A 292 -69.64 16.88 -32.79
C TYR A 292 -68.82 18.14 -32.92
N TYR A 293 -67.91 18.19 -33.88
CA TYR A 293 -67.12 19.39 -34.09
C TYR A 293 -67.85 20.30 -35.06
N PHE A 294 -68.31 21.43 -34.52
CA PHE A 294 -69.00 22.45 -35.31
C PHE A 294 -67.99 23.49 -35.80
N LEU A 295 -68.01 23.81 -37.09
CA LEU A 295 -67.19 24.93 -37.57
C LEU A 295 -67.66 26.25 -36.92
N ARG A 296 -68.95 26.38 -36.67
CA ARG A 296 -69.46 27.50 -35.88
C ARG A 296 -70.40 27.03 -34.78
N GLU A 297 -69.83 26.61 -33.65
CA GLU A 297 -70.62 26.08 -32.55
C GLU A 297 -71.57 27.15 -32.00
N ASP A 298 -71.17 28.41 -32.13
CA ASP A 298 -72.01 29.48 -31.60
C ASP A 298 -73.32 29.64 -32.36
N TYR A 299 -73.48 28.97 -33.50
CA TYR A 299 -74.76 29.00 -34.20
C TYR A 299 -75.84 28.47 -33.27
N LEU A 300 -75.50 27.51 -32.41
CA LEU A 300 -76.45 26.95 -31.47
C LEU A 300 -76.83 27.96 -30.38
N ASP A 301 -76.00 29.00 -30.22
CA ASP A 301 -76.26 30.08 -29.26
C ASP A 301 -77.05 31.22 -29.90
N VAL A 302 -76.57 31.71 -31.03
CA VAL A 302 -77.15 32.92 -31.64
C VAL A 302 -78.51 32.67 -32.27
N GLU A 303 -78.78 31.44 -32.68
CA GLU A 303 -80.09 31.10 -33.22
C GLU A 303 -80.99 30.54 -32.13
N ALA A 304 -81.94 31.37 -31.68
CA ALA A 304 -82.70 31.03 -30.48
C ALA A 304 -83.49 29.75 -30.62
N ASN A 305 -83.91 29.41 -31.85
CA ASN A 305 -84.68 28.19 -32.05
C ASN A 305 -83.80 26.92 -32.08
N LEU A 306 -82.51 27.09 -31.79
CA LEU A 306 -81.61 25.93 -31.70
C LEU A 306 -81.09 25.75 -30.28
N HIS A 307 -81.57 26.55 -29.35
CA HIS A 307 -81.18 26.41 -27.96
C HIS A 307 -81.55 25.03 -27.43
N ASP A 308 -82.66 24.49 -27.91
CA ASP A 308 -83.11 23.18 -27.47
C ASP A 308 -82.16 22.09 -27.99
N LEU A 309 -81.64 22.26 -29.21
CA LEU A 309 -80.63 21.33 -29.71
C LEU A 309 -79.32 21.48 -28.95
N ARG A 310 -78.94 22.72 -28.68
CA ARG A 310 -77.75 23.00 -27.87
C ARG A 310 -77.76 22.24 -26.56
N ASP A 311 -78.91 22.29 -25.89
CA ASP A 311 -79.08 21.59 -24.61
C ASP A 311 -79.05 20.08 -24.79
N TYR A 312 -79.64 19.63 -25.90
CA TYR A 312 -79.73 18.19 -26.21
C TYR A 312 -78.36 17.59 -26.48
N LEU A 313 -77.51 18.34 -27.16
CA LEU A 313 -76.16 17.85 -27.44
C LEU A 313 -75.26 18.00 -26.24
N GLY A 314 -75.47 19.08 -25.49
CA GLY A 314 -74.70 19.33 -24.29
C GLY A 314 -73.20 19.35 -24.54
N SER A 315 -72.47 18.62 -23.71
CA SER A 315 -71.01 18.67 -23.78
C SER A 315 -70.45 17.97 -25.03
N SER A 316 -71.29 17.24 -25.76
CA SER A 316 -70.83 16.57 -26.98
CA SER A 316 -70.84 16.57 -26.97
C SER A 316 -70.61 17.56 -28.12
N ALA A 317 -71.25 18.73 -28.03
CA ALA A 317 -71.04 19.78 -29.02
C ALA A 317 -69.72 20.49 -28.75
N LYS A 318 -68.86 20.54 -29.76
CA LYS A 318 -67.53 21.14 -29.63
C LYS A 318 -67.30 22.18 -30.73
N GLN A 319 -66.41 23.13 -30.49
CA GLN A 319 -65.99 24.07 -31.52
C GLN A 319 -64.77 23.50 -32.24
N MET A 320 -64.85 23.39 -33.55
CA MET A 320 -63.73 22.95 -34.36
C MET A 320 -62.58 23.93 -34.19
N PRO A 321 -61.38 23.44 -33.86
CA PRO A 321 -60.23 24.31 -33.63
C PRO A 321 -59.57 24.73 -34.93
N TRP A 322 -59.02 25.94 -34.98
CA TRP A 322 -58.37 26.40 -36.20
C TRP A 322 -56.87 26.53 -36.04
N ASP A 323 -56.37 26.28 -34.84
CA ASP A 323 -54.99 26.61 -34.54
C ASP A 323 -54.11 25.40 -34.22
N GLU A 324 -54.55 24.21 -34.56
CA GLU A 324 -53.78 23.03 -34.17
C GLU A 324 -52.51 22.85 -35.02
N PHE A 325 -52.57 23.29 -36.27
CA PHE A 325 -51.41 23.20 -37.17
C PHE A 325 -50.19 23.89 -36.57
N ALA A 326 -50.40 25.08 -36.04
CA ALA A 326 -49.32 25.91 -35.51
C ALA A 326 -48.69 25.28 -34.28
N LYS A 327 -49.44 24.42 -33.59
CA LYS A 327 -48.94 23.75 -32.39
C LYS A 327 -48.19 22.48 -32.75
N LEU A 328 -48.28 22.07 -34.01
CA LEU A 328 -47.49 20.94 -34.47
C LEU A 328 -46.02 21.37 -34.49
N SER A 329 -45.14 20.39 -34.42
CA SER A 329 -43.71 20.64 -34.60
C SER A 329 -43.45 21.04 -36.03
N ASP A 330 -42.27 21.62 -36.30
CA ASP A 330 -41.94 22.04 -37.65
C ASP A 330 -42.00 20.88 -38.66
N SER A 331 -41.44 19.74 -38.28
N SER A 331 -41.42 19.74 -38.31
CA SER A 331 -41.40 18.57 -39.16
CA SER A 331 -41.40 18.58 -39.20
C SER A 331 -42.81 18.05 -39.43
C SER A 331 -42.81 18.02 -39.43
N GLN A 332 -43.65 18.07 -38.40
CA GLN A 332 -45.04 17.68 -38.54
C GLN A 332 -45.81 18.62 -39.47
N GLN A 333 -45.52 19.92 -39.36
CA GLN A 333 -46.14 20.92 -40.23
C GLN A 333 -45.75 20.65 -41.69
N THR A 334 -44.47 20.35 -41.90
CA THR A 334 -43.97 20.05 -43.24
C THR A 334 -44.69 18.84 -43.85
N LEU A 335 -44.95 17.84 -43.02
CA LEU A 335 -45.67 16.65 -43.48
C LEU A 335 -47.11 16.97 -43.89
N PHE A 336 -47.81 17.72 -43.05
CA PHE A 336 -49.17 18.15 -43.37
C PHE A 336 -49.19 18.88 -44.71
N LEU A 337 -48.29 19.84 -44.87
CA LEU A 337 -48.24 20.67 -46.07
C LEU A 337 -47.98 19.85 -47.33
N ASP A 338 -47.11 18.85 -47.21
CA ASP A 338 -46.77 17.98 -48.32
C ASP A 338 -47.96 17.16 -48.78
N ILE A 339 -48.66 16.59 -47.82
CA ILE A 339 -49.84 15.79 -48.13
C ILE A 339 -50.93 16.64 -48.80
N VAL A 340 -51.20 17.83 -48.27
CA VAL A 340 -52.29 18.65 -48.83
C VAL A 340 -51.85 19.44 -50.07
N GLY A 341 -50.55 19.39 -50.39
CA GLY A 341 -50.04 19.98 -51.61
C GLY A 341 -49.91 21.49 -51.59
N PHE A 342 -49.59 22.05 -50.43
CA PHE A 342 -49.57 23.50 -50.25
C PHE A 342 -48.17 24.00 -49.94
N ASP A 343 -47.62 24.84 -50.82
CA ASP A 343 -46.33 25.45 -50.56
C ASP A 343 -46.53 26.75 -49.79
N LYS A 344 -46.64 26.62 -48.47
CA LYS A 344 -46.92 27.76 -47.60
C LYS A 344 -45.80 28.78 -47.65
N GLU A 345 -44.56 28.31 -47.64
CA GLU A 345 -43.40 29.18 -47.68
C GLU A 345 -43.43 30.07 -48.91
N GLN A 346 -43.83 29.51 -50.04
CA GLN A 346 -43.94 30.28 -51.28
C GLN A 346 -45.04 31.34 -51.18
N LEU A 347 -46.19 30.98 -50.64
CA LEU A 347 -47.28 31.97 -50.53
C LEU A 347 -46.88 33.07 -49.55
N GLN A 348 -46.17 32.72 -48.48
CA GLN A 348 -45.67 33.71 -47.55
C GLN A 348 -44.77 34.70 -48.28
N GLN A 349 -43.91 34.17 -49.14
CA GLN A 349 -42.98 34.99 -49.91
C GLN A 349 -43.76 35.87 -50.88
N GLN A 350 -44.79 35.30 -51.49
CA GLN A 350 -45.60 36.06 -52.47
C GLN A 350 -46.41 37.17 -51.81
N TYR A 351 -46.94 36.89 -50.61
CA TYR A 351 -47.65 37.90 -49.82
C TYR A 351 -46.72 39.10 -49.58
N SER A 352 -45.43 38.83 -49.43
CA SER A 352 -44.48 39.91 -49.14
C SER A 352 -43.77 40.51 -50.36
N GLN A 353 -44.04 39.99 -51.55
CA GLN A 353 -43.44 40.53 -52.79
C GLN A 353 -43.67 42.04 -52.94
N SER A 354 -44.90 42.46 -52.65
CA SER A 354 -45.29 43.87 -52.67
C SER A 354 -45.78 44.29 -51.28
N PRO A 355 -45.52 45.53 -50.87
CA PRO A 355 -45.90 45.90 -49.50
C PRO A 355 -47.41 46.12 -49.31
N LEU A 356 -48.18 46.09 -50.39
CA LEU A 356 -49.63 46.21 -50.26
C LEU A 356 -50.26 45.04 -49.50
N PRO A 357 -51.38 45.29 -48.82
CA PRO A 357 -52.14 44.18 -48.23
C PRO A 357 -52.66 43.27 -49.32
N ASN A 358 -53.03 42.06 -48.93
CA ASN A 358 -53.29 41.00 -49.89
C ASN A 358 -54.77 40.62 -50.00
N PHE A 359 -55.23 40.49 -51.24
CA PHE A 359 -56.62 40.17 -51.56
C PHE A 359 -56.66 38.88 -52.35
N ILE A 360 -57.43 37.91 -51.86
CA ILE A 360 -57.70 36.71 -52.66
C ILE A 360 -59.09 36.75 -53.24
N PHE A 361 -59.17 36.64 -54.56
CA PHE A 361 -60.45 36.43 -55.22
C PHE A 361 -60.72 34.92 -55.32
N THR A 362 -61.90 34.50 -54.86
CA THR A 362 -62.25 33.09 -54.97
C THR A 362 -63.11 32.83 -56.20
N GLY A 363 -62.56 32.07 -57.14
CA GLY A 363 -63.28 31.80 -58.39
C GLY A 363 -64.31 30.69 -58.26
N THR A 364 -65.15 30.53 -59.28
CA THR A 364 -66.04 29.38 -59.34
C THR A 364 -66.00 28.75 -60.72
N THR A 365 -66.85 27.76 -60.96
CA THR A 365 -66.92 27.15 -62.28
C THR A 365 -67.98 27.83 -63.12
N THR A 366 -68.92 27.05 -63.65
CA THR A 366 -70.02 27.62 -64.43
C THR A 366 -71.27 27.55 -63.56
N TRP A 367 -72.30 28.31 -63.93
CA TRP A 367 -73.57 28.24 -63.22
C TRP A 367 -74.73 28.26 -64.22
N ALA A 368 -75.94 28.54 -63.75
CA ALA A 368 -77.11 28.42 -64.61
C ALA A 368 -77.09 29.44 -65.76
N GLY A 369 -77.89 29.18 -66.80
CA GLY A 369 -78.05 30.15 -67.86
C GLY A 369 -77.73 29.64 -69.26
N GLY A 370 -77.01 28.53 -69.36
CA GLY A 370 -76.71 27.94 -70.67
C GLY A 370 -75.77 28.76 -71.53
N GLU A 371 -74.90 29.56 -70.89
CA GLU A 371 -73.94 30.36 -71.61
C GLU A 371 -72.69 29.54 -71.87
N THR A 372 -71.76 30.11 -72.63
CA THR A 372 -70.50 29.44 -72.91
C THR A 372 -69.58 29.51 -71.71
N LYS A 373 -68.58 28.64 -71.68
CA LYS A 373 -67.57 28.72 -70.65
C LYS A 373 -66.93 30.09 -70.53
N GLU A 374 -66.69 30.72 -71.68
CA GLU A 374 -66.07 32.03 -71.74
C GLU A 374 -66.93 33.09 -71.06
N TYR A 375 -68.25 32.96 -71.16
CA TYR A 375 -69.14 33.90 -70.46
C TYR A 375 -68.93 33.84 -68.97
N TYR A 376 -68.81 32.63 -68.41
CA TYR A 376 -68.70 32.50 -66.97
C TYR A 376 -67.37 33.03 -66.49
N ALA A 377 -66.32 32.85 -67.29
CA ALA A 377 -65.01 33.44 -66.96
C ALA A 377 -65.09 34.95 -67.03
N GLN A 378 -65.77 35.48 -68.04
CA GLN A 378 -65.85 36.93 -68.21
C GLN A 378 -66.61 37.60 -67.08
N GLN A 379 -67.66 36.95 -66.57
CA GLN A 379 -68.41 37.55 -65.48
C GLN A 379 -67.53 37.68 -64.24
N GLN A 380 -66.67 36.70 -64.02
CA GLN A 380 -65.79 36.74 -62.86
C GLN A 380 -64.72 37.81 -63.03
N VAL A 381 -64.23 37.96 -64.25
CA VAL A 381 -63.32 39.05 -64.56
C VAL A 381 -64.01 40.40 -64.28
N ASN A 382 -65.29 40.49 -64.66
CA ASN A 382 -66.04 41.71 -64.40
C ASN A 382 -66.13 41.97 -62.90
N VAL A 383 -66.34 40.91 -62.11
CA VAL A 383 -66.38 41.07 -60.65
C VAL A 383 -65.06 41.63 -60.11
N ILE A 384 -63.93 41.07 -60.55
CA ILE A 384 -62.64 41.56 -60.08
C ILE A 384 -62.40 43.01 -60.49
N ASN A 385 -62.74 43.33 -61.74
CA ASN A 385 -62.62 44.71 -62.22
C ASN A 385 -63.37 45.68 -61.34
N ASN A 386 -64.59 45.31 -60.94
CA ASN A 386 -65.36 46.14 -60.03
C ASN A 386 -64.69 46.27 -58.68
N ALA A 387 -64.10 45.16 -58.21
CA ALA A 387 -63.48 45.12 -56.87
C ALA A 387 -62.27 46.02 -56.75
N ILE A 388 -61.51 46.17 -57.84
CA ILE A 388 -60.28 46.94 -57.77
C ILE A 388 -60.44 48.37 -58.32
N ASN A 389 -61.65 48.71 -58.76
CA ASN A 389 -61.98 50.04 -59.30
C ASN A 389 -62.42 50.99 -58.19
N GLU A 390 -61.61 52.01 -57.92
CA GLU A 390 -61.88 52.92 -56.80
C GLU A 390 -63.21 53.67 -56.96
N THR A 391 -63.71 53.78 -58.19
CA THR A 391 -64.96 54.50 -58.42
C THR A 391 -66.16 53.57 -58.31
N SER A 392 -65.93 52.26 -58.28
CA SER A 392 -67.02 51.30 -58.16
C SER A 392 -67.60 51.29 -56.76
N PRO A 393 -68.91 51.04 -56.67
CA PRO A 393 -69.56 50.96 -55.36
C PRO A 393 -69.05 49.76 -54.57
N TYR A 394 -68.51 48.78 -55.29
CA TYR A 394 -68.08 47.54 -54.67
C TYR A 394 -66.57 47.44 -54.59
N TYR A 395 -65.91 48.58 -54.68
CA TYR A 395 -64.49 48.69 -54.44
C TYR A 395 -64.15 48.04 -53.11
N LEU A 396 -63.05 47.28 -53.07
CA LEU A 396 -62.66 46.60 -51.84
C LEU A 396 -62.40 47.58 -50.69
N GLY A 397 -62.13 48.84 -51.03
CA GLY A 397 -61.94 49.88 -50.02
C GLY A 397 -60.55 50.50 -49.96
N LYS A 398 -59.57 49.77 -50.48
CA LYS A 398 -58.20 50.29 -50.59
C LYS A 398 -57.44 49.48 -51.64
N ASP A 399 -56.19 49.85 -51.90
CA ASP A 399 -55.38 49.12 -52.88
C ASP A 399 -54.84 47.83 -52.29
N TYR A 400 -55.07 46.71 -52.99
CA TYR A 400 -54.52 45.42 -52.58
C TYR A 400 -53.68 44.80 -53.68
N ASP A 401 -52.72 43.96 -53.29
CA ASP A 401 -52.12 43.02 -54.23
C ASP A 401 -53.11 41.91 -54.54
N LEU A 402 -53.23 41.56 -55.82
CA LEU A 402 -54.21 40.56 -56.26
C LEU A 402 -53.66 39.15 -56.30
N PHE A 403 -54.44 38.26 -55.70
CA PHE A 403 -54.19 36.82 -55.69
C PHE A 403 -55.46 36.13 -56.17
N PHE A 404 -55.29 35.01 -56.84
CA PHE A 404 -56.42 34.26 -57.39
C PHE A 404 -56.46 32.86 -56.82
N LYS A 405 -57.57 32.48 -56.21
CA LYS A 405 -57.75 31.07 -55.84
C LYS A 405 -58.88 30.52 -56.69
N GLY A 406 -58.51 29.87 -57.77
CA GLY A 406 -59.50 29.31 -58.67
C GLY A 406 -60.20 28.10 -58.08
N HIS A 407 -61.39 27.82 -58.61
CA HIS A 407 -62.09 26.58 -58.26
C HIS A 407 -61.29 25.41 -58.81
N PRO A 408 -61.20 24.32 -58.04
CA PRO A 408 -60.41 23.17 -58.51
C PRO A 408 -60.90 22.61 -59.86
N ALA A 409 -62.18 22.78 -60.17
CA ALA A 409 -62.75 22.24 -61.39
C ALA A 409 -62.88 23.29 -62.49
N GLY A 410 -62.20 24.42 -62.30
CA GLY A 410 -62.39 25.56 -63.18
C GLY A 410 -61.87 25.37 -64.59
N GLY A 411 -60.83 24.57 -64.76
CA GLY A 411 -60.26 24.36 -66.08
C GLY A 411 -59.81 25.65 -66.75
N VAL A 412 -60.24 25.84 -67.99
CA VAL A 412 -59.84 27.00 -68.79
C VAL A 412 -60.38 28.31 -68.21
N ILE A 413 -61.47 28.23 -67.45
CA ILE A 413 -61.99 29.42 -66.78
C ILE A 413 -60.91 30.05 -65.91
N ASN A 414 -60.17 29.21 -65.19
CA ASN A 414 -59.09 29.71 -64.36
C ASN A 414 -58.00 30.36 -65.20
N ASP A 415 -57.66 29.76 -66.33
CA ASP A 415 -56.65 30.34 -67.22
C ASP A 415 -57.07 31.71 -67.75
N ILE A 416 -58.33 31.84 -68.15
CA ILE A 416 -58.87 33.09 -68.69
C ILE A 416 -58.82 34.19 -67.64
N ILE A 417 -59.30 33.87 -66.44
CA ILE A 417 -59.30 34.85 -65.36
C ILE A 417 -57.89 35.29 -64.97
N LEU A 418 -57.00 34.32 -64.77
CA LEU A 418 -55.64 34.66 -64.37
C LEU A 418 -54.97 35.52 -65.45
N GLY A 419 -55.20 35.15 -66.70
CA GLY A 419 -54.58 35.85 -67.81
C GLY A 419 -55.11 37.26 -68.00
N SER A 420 -56.20 37.59 -67.34
CA SER A 420 -56.82 38.91 -67.51
C SER A 420 -56.24 39.95 -66.58
N PHE A 421 -55.40 39.49 -65.66
CA PHE A 421 -54.76 40.36 -64.68
C PHE A 421 -53.29 39.96 -64.56
N PRO A 422 -52.44 40.63 -65.35
CA PRO A 422 -51.01 40.30 -65.49
C PRO A 422 -50.25 40.22 -64.17
N ASP A 423 -50.58 41.04 -63.18
CA ASP A 423 -49.81 41.01 -61.94
C ASP A 423 -50.50 40.21 -60.83
N MET A 424 -51.52 39.44 -61.20
CA MET A 424 -52.24 38.63 -60.23
C MET A 424 -51.48 37.33 -60.00
N ILE A 425 -51.29 36.97 -58.74
CA ILE A 425 -50.54 35.77 -58.39
C ILE A 425 -51.49 34.59 -58.17
N ASN A 426 -51.18 33.44 -58.79
CA ASN A 426 -52.02 32.25 -58.68
C ASN A 426 -51.75 31.41 -57.43
N ILE A 427 -52.82 30.99 -56.76
CA ILE A 427 -52.74 29.97 -55.71
C ILE A 427 -53.34 28.70 -56.29
N PRO A 428 -52.53 27.63 -56.41
CA PRO A 428 -52.93 26.43 -57.15
C PRO A 428 -54.36 25.97 -56.83
N ALA A 429 -55.18 25.87 -57.87
CA ALA A 429 -56.59 25.59 -57.70
C ALA A 429 -56.86 24.26 -57.00
N LYS A 430 -55.92 23.32 -57.12
CA LYS A 430 -56.11 22.00 -56.52
C LYS A 430 -56.18 22.03 -54.99
N ILE A 431 -55.55 23.03 -54.39
CA ILE A 431 -55.53 23.17 -52.93
C ILE A 431 -56.92 23.52 -52.42
N SER A 432 -57.42 22.82 -51.42
CA SER A 432 -58.68 23.21 -50.80
C SER A 432 -58.49 24.55 -50.09
N PHE A 433 -59.40 25.49 -50.33
CA PHE A 433 -59.25 26.81 -49.71
C PHE A 433 -59.12 26.71 -48.19
N GLU A 434 -59.81 25.74 -47.61
CA GLU A 434 -59.82 25.56 -46.16
C GLU A 434 -58.42 25.30 -45.59
N VAL A 435 -57.49 24.85 -46.43
CA VAL A 435 -56.09 24.70 -46.02
C VAL A 435 -55.52 26.05 -45.55
N LEU A 436 -55.89 27.15 -46.20
CA LEU A 436 -55.38 28.46 -45.80
C LEU A 436 -55.77 28.86 -44.38
N MET A 437 -57.04 28.69 -44.01
CA MET A 437 -57.46 29.04 -42.66
C MET A 437 -56.76 28.13 -41.64
N MET A 438 -56.59 26.86 -41.98
CA MET A 438 -55.97 25.87 -41.09
CA MET A 438 -56.00 25.96 -41.00
C MET A 438 -54.50 26.18 -40.80
N THR A 439 -53.83 26.75 -41.78
CA THR A 439 -52.39 26.98 -41.68
C THR A 439 -52.05 28.43 -41.38
N ASP A 440 -53.08 29.19 -40.99
CA ASP A 440 -52.97 30.59 -40.63
C ASP A 440 -52.42 31.40 -41.80
N MET A 441 -52.89 31.09 -43.01
CA MET A 441 -52.39 31.76 -44.21
C MET A 441 -53.49 32.53 -44.94
N LEU A 442 -54.53 32.92 -44.22
CA LEU A 442 -55.53 33.79 -44.82
C LEU A 442 -54.92 35.14 -45.14
N PRO A 443 -55.40 35.78 -46.21
CA PRO A 443 -54.89 37.10 -46.59
C PRO A 443 -55.55 38.20 -45.79
N ASP A 444 -55.35 39.44 -46.20
CA ASP A 444 -55.99 40.56 -45.53
C ASP A 444 -57.47 40.65 -45.86
N THR A 445 -57.83 40.28 -47.08
CA THR A 445 -59.23 40.30 -47.45
C THR A 445 -59.52 39.23 -48.50
N VAL A 446 -60.73 38.69 -48.43
CA VAL A 446 -61.19 37.65 -49.34
C VAL A 446 -62.52 38.04 -49.93
N ALA A 447 -62.67 37.90 -51.24
CA ALA A 447 -63.95 38.18 -51.86
C ALA A 447 -64.11 37.35 -53.11
N GLY A 448 -65.34 37.23 -53.57
CA GLY A 448 -65.59 36.48 -54.79
C GLY A 448 -66.86 35.69 -54.76
N ILE A 449 -66.89 34.59 -55.50
CA ILE A 449 -68.12 33.85 -55.67
C ILE A 449 -68.40 33.01 -54.43
N ALA A 450 -69.66 32.99 -54.00
CA ALA A 450 -70.08 32.21 -52.83
C ALA A 450 -69.58 30.78 -52.89
N SER A 451 -69.21 30.29 -51.72
CA SER A 451 -68.74 28.92 -51.55
C SER A 451 -68.75 28.63 -50.05
N SER A 452 -68.80 27.34 -49.72
CA SER A 452 -68.73 26.87 -48.35
C SER A 452 -67.47 27.39 -47.65
N LEU A 453 -66.44 27.69 -48.43
CA LEU A 453 -65.17 28.13 -47.87
C LEU A 453 -65.32 29.41 -47.02
N TYR A 454 -66.38 30.20 -47.28
CA TYR A 454 -66.55 31.46 -46.54
C TYR A 454 -67.00 31.23 -45.09
N PHE A 455 -67.37 29.99 -44.76
CA PHE A 455 -67.80 29.70 -43.40
C PHE A 455 -66.64 29.55 -42.42
N THR A 456 -65.42 29.52 -42.91
CA THR A 456 -64.29 29.45 -42.00
C THR A 456 -63.32 30.60 -42.23
N ILE A 457 -63.88 31.74 -42.62
CA ILE A 457 -63.10 32.96 -42.70
C ILE A 457 -63.64 33.96 -41.67
N PRO A 458 -62.75 34.53 -40.84
CA PRO A 458 -63.18 35.56 -39.89
C PRO A 458 -63.89 36.68 -40.63
N ALA A 459 -64.97 37.18 -40.04
CA ALA A 459 -65.79 38.21 -40.68
C ALA A 459 -64.98 39.41 -41.17
N ASP A 460 -63.96 39.79 -40.39
CA ASP A 460 -63.13 40.95 -40.70
CA ASP A 460 -63.16 40.97 -40.72
C ASP A 460 -62.38 40.79 -42.02
N LYS A 461 -62.22 39.53 -42.46
CA LYS A 461 -61.47 39.25 -43.68
C LYS A 461 -62.39 38.98 -44.89
N VAL A 462 -63.70 38.95 -44.65
CA VAL A 462 -64.63 38.76 -45.76
C VAL A 462 -65.11 40.09 -46.31
N ASN A 463 -64.78 40.37 -47.57
CA ASN A 463 -65.14 41.68 -48.12
C ASN A 463 -66.54 41.70 -48.75
N PHE A 464 -66.76 40.88 -49.76
CA PHE A 464 -68.09 40.69 -50.34
C PHE A 464 -68.20 39.28 -50.89
N ILE A 465 -69.43 38.84 -51.06
CA ILE A 465 -69.70 37.52 -51.63
C ILE A 465 -70.69 37.62 -52.76
N VAL A 466 -70.38 36.98 -53.88
CA VAL A 466 -71.22 37.03 -55.06
C VAL A 466 -72.04 35.76 -55.24
N PHE A 467 -73.36 35.92 -55.34
CA PHE A 467 -74.20 34.78 -55.68
C PHE A 467 -74.55 34.81 -57.15
N THR A 468 -74.53 33.65 -57.77
CA THR A 468 -74.75 33.54 -59.21
C THR A 468 -76.09 32.84 -59.48
N SER A 469 -76.59 32.90 -60.72
CA SER A 469 -77.88 32.29 -61.03
C SER A 469 -77.88 30.79 -60.74
N SER A 470 -78.91 30.34 -60.04
CA SER A 470 -79.09 28.91 -59.74
C SER A 470 -80.56 28.57 -59.91
N ASP A 471 -80.91 27.34 -59.56
CA ASP A 471 -82.30 26.90 -59.64
C ASP A 471 -83.18 27.62 -58.61
N THR A 472 -82.57 28.17 -57.56
CA THR A 472 -83.34 28.84 -56.51
C THR A 472 -83.04 30.34 -56.41
N ILE A 473 -81.96 30.78 -57.04
CA ILE A 473 -81.55 32.19 -56.96
C ILE A 473 -81.39 32.82 -58.34
N THR A 474 -82.26 33.77 -58.69
CA THR A 474 -82.16 34.41 -59.99
C THR A 474 -82.07 35.94 -59.93
N ASP A 475 -82.05 36.50 -58.72
CA ASP A 475 -81.70 37.92 -58.54
C ASP A 475 -81.23 38.16 -57.11
N ARG A 476 -80.83 39.39 -56.80
CA ARG A 476 -80.26 39.68 -55.48
C ARG A 476 -81.27 39.50 -54.35
N GLU A 477 -82.52 39.88 -54.60
CA GLU A 477 -83.54 39.69 -53.57
C GLU A 477 -83.69 38.22 -53.20
N GLU A 478 -83.66 37.35 -54.21
CA GLU A 478 -83.75 35.93 -53.95
C GLU A 478 -82.50 35.42 -53.23
N ALA A 479 -81.35 36.00 -53.51
CA ALA A 479 -80.13 35.62 -52.78
C ALA A 479 -80.27 35.98 -51.30
N LEU A 480 -80.71 37.21 -51.03
CA LEU A 480 -80.81 37.68 -49.66
C LEU A 480 -81.74 36.81 -48.82
N LYS A 481 -82.78 36.27 -49.44
CA LYS A 481 -83.78 35.49 -48.71
C LYS A 481 -83.41 34.01 -48.61
N SER A 482 -82.35 33.60 -49.29
CA SER A 482 -81.96 32.18 -49.28
C SER A 482 -81.49 31.75 -47.89
N PRO A 483 -81.71 30.48 -47.56
CA PRO A 483 -81.23 29.89 -46.30
C PRO A 483 -79.75 30.16 -46.06
N LEU A 484 -78.92 29.96 -47.08
CA LEU A 484 -77.50 30.18 -46.93
C LEU A 484 -77.19 31.60 -46.46
N VAL A 485 -77.77 32.60 -47.11
CA VAL A 485 -77.49 33.97 -46.73
C VAL A 485 -78.07 34.28 -45.34
N GLN A 486 -79.28 33.79 -45.08
CA GLN A 486 -79.89 34.01 -43.77
C GLN A 486 -79.00 33.48 -42.64
N VAL A 487 -78.37 32.32 -42.87
CA VAL A 487 -77.45 31.78 -41.89
C VAL A 487 -76.20 32.63 -41.73
N MET A 488 -75.62 33.06 -42.85
CA MET A 488 -74.41 33.88 -42.80
C MET A 488 -74.68 35.23 -42.14
N LEU A 489 -75.86 35.80 -42.38
CA LEU A 489 -76.25 37.04 -41.70
C LEU A 489 -76.35 36.84 -40.18
N THR A 490 -77.02 35.79 -39.76
CA THR A 490 -77.18 35.46 -38.33
C THR A 490 -75.84 35.24 -37.64
N LEU A 491 -74.92 34.60 -38.37
CA LEU A 491 -73.58 34.33 -37.88
C LEU A 491 -72.63 35.54 -37.99
N GLY A 492 -73.08 36.61 -38.65
CA GLY A 492 -72.24 37.79 -38.74
C GLY A 492 -71.09 37.67 -39.74
N ILE A 493 -71.19 36.70 -40.64
CA ILE A 493 -70.15 36.50 -41.63
C ILE A 493 -70.21 37.62 -42.62
N VAL A 494 -71.43 37.96 -43.01
CA VAL A 494 -71.66 39.10 -43.88
C VAL A 494 -72.83 39.94 -43.36
N LYS A 495 -72.87 41.18 -43.82
CA LYS A 495 -74.06 42.01 -43.72
C LYS A 495 -74.71 42.07 -45.10
N GLU A 496 -75.94 42.56 -45.17
CA GLU A 496 -76.68 42.53 -46.43
C GLU A 496 -75.95 43.25 -47.54
N LYS A 497 -75.27 44.35 -47.21
CA LYS A 497 -74.51 45.12 -48.19
C LYS A 497 -73.37 44.32 -48.83
N ASP A 498 -72.96 43.22 -48.19
CA ASP A 498 -71.86 42.42 -48.68
C ASP A 498 -72.35 41.36 -49.67
N VAL A 499 -73.67 41.18 -49.75
CA VAL A 499 -74.25 40.16 -50.59
C VAL A 499 -74.58 40.70 -51.97
N LEU A 500 -73.88 40.18 -52.97
CA LEU A 500 -74.04 40.65 -54.35
C LEU A 500 -74.59 39.55 -55.25
N PHE A 501 -75.15 39.95 -56.39
CA PHE A 501 -75.65 39.00 -57.37
C PHE A 501 -75.12 39.30 -58.78
N TRP A 502 -74.69 38.25 -59.47
CA TRP A 502 -74.33 38.31 -60.89
C TRP A 502 -75.10 37.21 -61.62
N ALA A 503 -75.82 37.57 -62.68
CA ALA A 503 -76.64 36.61 -63.40
C ALA A 503 -75.80 35.55 -64.11
N LYS B 30 -43.76 11.52 -16.60
CA LYS B 30 -42.87 11.07 -15.53
C LYS B 30 -42.75 12.09 -14.41
N GLU B 31 -42.66 11.56 -13.18
CA GLU B 31 -42.49 12.40 -12.02
C GLU B 31 -41.33 11.87 -11.21
N THR B 32 -40.40 12.75 -10.83
CA THR B 32 -39.31 12.35 -9.96
C THR B 32 -39.28 13.28 -8.76
N VAL B 33 -39.27 12.70 -7.57
CA VAL B 33 -39.15 13.47 -6.34
C VAL B 33 -37.91 13.00 -5.58
N SER B 34 -36.98 13.92 -5.36
CA SER B 34 -35.77 13.61 -4.64
C SER B 34 -35.71 14.42 -3.36
N SER B 35 -35.21 13.81 -2.29
CA SER B 35 -35.10 14.51 -1.03
C SER B 35 -33.75 14.18 -0.39
N ASN B 36 -33.18 15.16 0.29
CA ASN B 36 -31.97 14.94 1.04
C ASN B 36 -31.84 15.91 2.21
N SER B 37 -30.96 15.55 3.12
CA SER B 37 -30.70 16.38 4.28
C SER B 37 -29.20 16.54 4.39
N ALA B 38 -28.79 17.67 4.93
CA ALA B 38 -27.38 17.90 5.14
C ALA B 38 -27.22 18.85 6.30
N ASP B 39 -26.15 18.65 7.07
CA ASP B 39 -25.72 19.64 8.06
C ASP B 39 -24.78 20.62 7.39
N VAL B 40 -24.99 21.91 7.63
CA VAL B 40 -24.07 22.92 7.13
C VAL B 40 -23.48 23.64 8.32
N VAL B 41 -22.15 23.64 8.43
CA VAL B 41 -21.47 24.30 9.53
C VAL B 41 -21.59 25.82 9.35
N GLU B 42 -21.86 26.54 10.44
CA GLU B 42 -21.90 28.00 10.41
C GLU B 42 -20.73 28.60 9.64
N THR B 43 -21.06 29.56 8.78
CA THR B 43 -20.14 30.30 7.87
C THR B 43 -19.68 29.51 6.63
N GLU B 44 -19.97 28.21 6.56
CA GLU B 44 -19.59 27.43 5.39
C GLU B 44 -20.69 27.47 4.31
N THR B 45 -20.32 27.09 3.10
CA THR B 45 -21.22 27.19 1.96
C THR B 45 -21.72 25.81 1.53
N TYR B 46 -23.01 25.74 1.22
CA TYR B 46 -23.62 24.56 0.64
C TYR B 46 -24.31 24.96 -0.66
N GLN B 47 -24.04 24.22 -1.73
CA GLN B 47 -24.66 24.54 -3.01
C GLN B 47 -25.97 23.80 -3.16
N LEU B 48 -27.07 24.55 -3.15
CA LEU B 48 -28.38 23.97 -3.45
C LEU B 48 -28.42 23.73 -4.96
N THR B 49 -28.88 22.54 -5.35
CA THR B 49 -28.86 22.17 -6.76
C THR B 49 -29.88 21.05 -6.94
N PRO B 50 -30.46 20.92 -8.14
CA PRO B 50 -31.36 19.79 -8.31
C PRO B 50 -30.63 18.45 -8.19
N ILE B 51 -31.29 17.47 -7.59
CA ILE B 51 -30.74 16.13 -7.45
C ILE B 51 -31.11 15.30 -8.68
N ASP B 52 -30.09 14.78 -9.37
CA ASP B 52 -30.29 13.94 -10.54
C ASP B 52 -31.24 14.52 -11.58
N ALA B 53 -31.01 15.76 -11.97
CA ALA B 53 -31.89 16.36 -12.95
C ALA B 53 -31.08 16.77 -14.17
N PRO B 54 -31.75 16.89 -15.34
CA PRO B 54 -31.06 17.36 -16.53
C PRO B 54 -30.69 18.83 -16.46
N SER B 55 -29.77 19.26 -17.31
CA SER B 55 -29.46 20.68 -17.42
C SER B 55 -30.53 21.27 -18.34
N SER B 56 -30.95 22.49 -18.02
CA SER B 56 -32.01 23.20 -18.73
C SER B 56 -33.39 22.57 -18.54
N PHE B 57 -34.41 23.41 -18.41
CA PHE B 57 -35.79 23.01 -18.23
C PHE B 57 -36.69 23.92 -19.05
N LEU B 58 -37.88 23.45 -19.42
CA LEU B 58 -38.85 24.34 -20.05
C LEU B 58 -39.24 25.42 -19.04
N SER B 59 -39.46 24.99 -17.79
CA SER B 59 -39.66 25.90 -16.68
C SER B 59 -39.06 25.33 -15.42
N HIS B 60 -38.68 26.20 -14.48
CA HIS B 60 -38.03 25.78 -13.26
C HIS B 60 -38.10 26.89 -12.24
N SER B 61 -38.00 26.52 -10.96
CA SER B 61 -37.98 27.52 -9.91
C SER B 61 -37.44 26.93 -8.60
N TRP B 62 -36.82 27.79 -7.81
CA TRP B 62 -36.52 27.46 -6.42
C TRP B 62 -37.47 28.24 -5.54
N GLU B 63 -37.90 27.61 -4.47
CA GLU B 63 -38.71 28.30 -3.48
C GLU B 63 -38.29 27.83 -2.11
N GLN B 64 -38.36 28.72 -1.13
CA GLN B 64 -38.07 28.34 0.23
C GLN B 64 -39.39 28.10 0.93
N THR B 65 -39.54 26.92 1.54
CA THR B 65 -40.83 26.55 2.13
C THR B 65 -40.81 26.57 3.64
N CYS B 66 -39.62 26.62 4.22
CA CYS B 66 -39.49 26.77 5.67
C CYS B 66 -38.14 27.37 6.02
N GLY B 67 -38.05 27.92 7.23
CA GLY B 67 -36.84 28.57 7.68
C GLY B 67 -36.86 30.07 7.44
N THR B 68 -35.98 30.78 8.14
CA THR B 68 -35.78 32.21 7.93
C THR B 68 -35.58 32.54 6.46
N PRO B 69 -36.38 33.49 5.94
CA PRO B 69 -36.25 33.85 4.53
C PRO B 69 -34.81 34.28 4.23
N ILE B 70 -34.21 33.68 3.21
CA ILE B 70 -32.80 33.89 2.95
C ILE B 70 -32.58 33.82 1.45
N LEU B 71 -33.62 33.35 0.77
CA LEU B 71 -33.60 33.16 -0.67
C LEU B 71 -33.69 34.49 -1.43
N ASN B 72 -32.70 34.73 -2.29
CA ASN B 72 -32.68 35.90 -3.16
C ASN B 72 -33.56 35.75 -4.39
N GLU B 73 -34.09 36.86 -4.88
CA GLU B 73 -34.98 36.87 -6.03
C GLU B 73 -34.28 36.20 -7.23
N SER B 74 -32.98 36.46 -7.36
CA SER B 74 -32.19 35.85 -8.42
C SER B 74 -32.07 34.35 -8.21
N ASP B 75 -32.05 33.92 -6.94
CA ASP B 75 -31.88 32.52 -6.62
C ASP B 75 -33.10 31.69 -7.00
N LYS B 76 -34.27 32.32 -7.01
CA LYS B 76 -35.51 31.64 -7.40
C LYS B 76 -35.45 31.14 -8.84
N GLN B 77 -34.72 31.85 -9.69
CA GLN B 77 -34.60 31.45 -11.10
C GLN B 77 -33.26 30.81 -11.42
N ALA B 78 -32.45 30.57 -10.41
CA ALA B 78 -31.19 29.88 -10.60
C ALA B 78 -31.42 28.38 -10.66
N ILE B 79 -30.53 27.65 -11.31
CA ILE B 79 -30.55 26.20 -11.24
C ILE B 79 -29.85 25.81 -9.95
N SER B 80 -28.63 26.32 -9.79
CA SER B 80 -27.86 26.13 -8.58
C SER B 80 -27.53 27.47 -7.93
N PHE B 81 -27.47 27.51 -6.59
CA PHE B 81 -27.04 28.73 -5.93
C PHE B 81 -26.43 28.37 -4.59
N ASP B 82 -25.70 29.32 -4.01
CA ASP B 82 -24.97 29.09 -2.76
C ASP B 82 -25.75 29.53 -1.54
N PHE B 83 -25.81 28.62 -0.57
CA PHE B 83 -26.31 28.91 0.76
C PHE B 83 -25.11 29.08 1.68
N VAL B 84 -24.97 30.27 2.27
CA VAL B 84 -23.94 30.47 3.29
C VAL B 84 -24.58 30.41 4.68
N ALA B 85 -24.19 29.42 5.48
CA ALA B 85 -24.80 29.22 6.79
C ALA B 85 -24.58 30.39 7.74
N PRO B 86 -25.67 30.95 8.28
CA PRO B 86 -25.57 32.06 9.22
C PRO B 86 -25.04 31.61 10.56
N GLU B 87 -24.65 32.57 11.39
CA GLU B 87 -24.28 32.25 12.75
C GLU B 87 -25.50 32.41 13.63
N LEU B 88 -25.90 31.31 14.27
CA LEU B 88 -27.18 31.24 14.96
C LEU B 88 -27.03 30.94 16.45
N LYS B 89 -28.15 31.02 17.17
CA LYS B 89 -28.19 30.65 18.58
C LYS B 89 -28.56 29.18 18.81
N GLN B 90 -29.05 28.52 17.77
CA GLN B 90 -29.54 27.15 17.85
C GLN B 90 -29.57 26.53 16.45
N ASP B 91 -29.70 25.21 16.36
CA ASP B 91 -29.87 24.58 15.06
C ASP B 91 -31.17 25.09 14.48
N GLU B 92 -31.18 25.35 13.18
CA GLU B 92 -32.39 25.83 12.53
C GLU B 92 -32.40 25.22 11.16
N LYS B 93 -33.60 24.92 10.67
CA LYS B 93 -33.74 24.30 9.38
C LYS B 93 -34.14 25.26 8.30
N TYR B 94 -33.58 25.03 7.12
CA TYR B 94 -33.91 25.79 5.95
C TYR B 94 -34.34 24.74 4.94
N CYS B 95 -35.54 24.89 4.40
CA CYS B 95 -36.04 23.92 3.46
C CYS B 95 -36.23 24.58 2.12
N PHE B 96 -35.70 23.94 1.08
CA PHE B 96 -35.78 24.51 -0.24
C PHE B 96 -36.33 23.47 -1.20
N THR B 97 -37.23 23.89 -2.08
CA THR B 97 -37.80 22.97 -3.05
C THR B 97 -37.56 23.48 -4.45
N PHE B 98 -36.95 22.62 -5.27
CA PHE B 98 -36.79 22.91 -6.67
C PHE B 98 -37.86 22.16 -7.46
N LYS B 99 -38.50 22.87 -8.37
CA LYS B 99 -39.45 22.27 -9.28
C LYS B 99 -39.01 22.59 -10.69
N GLY B 100 -38.84 21.56 -11.50
CA GLY B 100 -38.40 21.73 -12.87
C GLY B 100 -39.26 20.90 -13.79
N ILE B 101 -39.61 21.49 -14.94
CA ILE B 101 -40.48 20.82 -15.89
C ILE B 101 -39.81 20.68 -17.24
N THR B 102 -39.86 19.47 -17.79
CA THR B 102 -39.46 19.24 -19.17
C THR B 102 -40.70 18.84 -19.98
N GLY B 103 -40.47 18.37 -21.19
CA GLY B 103 -41.59 18.01 -22.05
C GLY B 103 -42.35 16.78 -21.58
N ASP B 104 -41.65 15.87 -20.92
CA ASP B 104 -42.25 14.59 -20.54
C ASP B 104 -42.02 14.26 -19.07
N HIS B 105 -41.36 15.17 -18.35
CA HIS B 105 -40.88 14.88 -17.01
C HIS B 105 -40.98 16.06 -16.04
N ARG B 106 -41.46 15.75 -14.84
CA ARG B 106 -41.59 16.67 -13.73
C ARG B 106 -40.55 16.34 -12.64
N TYR B 107 -39.77 17.33 -12.23
CA TYR B 107 -38.70 17.12 -11.25
C TYR B 107 -38.92 17.92 -9.98
N ILE B 108 -38.85 17.25 -8.84
CA ILE B 108 -38.87 17.93 -7.55
C ILE B 108 -37.68 17.51 -6.70
N THR B 109 -36.96 18.50 -6.17
CA THR B 109 -35.90 18.23 -5.20
C THR B 109 -36.26 18.94 -3.89
N ASN B 110 -36.31 18.18 -2.80
CA ASN B 110 -36.56 18.78 -1.50
C ASN B 110 -35.32 18.64 -0.65
N THR B 111 -34.70 19.77 -0.32
CA THR B 111 -33.47 19.75 0.45
C THR B 111 -33.64 20.44 1.77
N THR B 112 -33.32 19.72 2.83
CA THR B 112 -33.41 20.24 4.18
C THR B 112 -32.02 20.44 4.76
N LEU B 113 -31.70 21.70 5.02
CA LEU B 113 -30.41 22.06 5.58
C LEU B 113 -30.56 22.47 7.04
N THR B 114 -29.74 21.87 7.88
CA THR B 114 -29.68 22.23 9.28
C THR B 114 -28.36 22.93 9.54
N VAL B 115 -28.41 24.19 9.97
CA VAL B 115 -27.20 24.91 10.31
C VAL B 115 -26.71 24.48 11.69
N VAL B 116 -25.48 23.97 11.75
CA VAL B 116 -24.94 23.38 12.97
C VAL B 116 -23.66 24.07 13.40
N ALA B 117 -23.34 23.93 14.68
CA ALA B 117 -22.08 24.42 15.19
C ALA B 117 -20.92 23.64 14.61
N PRO B 118 -19.78 24.32 14.45
CA PRO B 118 -18.59 23.55 14.09
C PRO B 118 -18.17 22.61 15.22
N THR B 119 -17.44 21.57 14.86
CA THR B 119 -16.93 20.59 15.83
C THR B 119 -15.41 20.55 15.81
N LEU B 120 -14.84 20.66 16.99
CA LEU B 120 -13.41 20.47 17.19
C LEU B 120 -13.18 19.13 17.86
N GLU B 121 -12.36 18.27 17.25
CA GLU B 121 -12.02 16.96 17.84
C GLU B 121 -10.67 17.03 18.53
N VAL B 122 -10.61 16.63 19.80
CA VAL B 122 -9.39 16.75 20.59
C VAL B 122 -8.92 15.38 21.05
N TYR B 123 -7.68 15.02 20.69
CA TYR B 123 -7.12 13.66 20.94
C TYR B 123 -5.89 13.75 21.84
N ILE B 124 -5.91 13.00 22.95
CA ILE B 124 -4.82 13.04 23.92
C ILE B 124 -4.53 11.62 24.42
N ASP B 125 -3.30 11.15 24.25
CA ASP B 125 -2.91 9.83 24.78
C ASP B 125 -1.41 9.72 24.86
N HIS B 126 -0.94 8.99 25.87
CA HIS B 126 0.48 8.79 26.08
C HIS B 126 0.85 7.32 25.87
N ALA B 127 -0.14 6.50 25.55
CA ALA B 127 0.08 5.07 25.37
C ALA B 127 0.01 4.69 23.90
N SER B 128 -0.40 3.46 23.60
CA SER B 128 -0.47 3.01 22.20
C SER B 128 -1.89 2.76 21.73
N LEU B 129 -2.59 1.90 22.45
CA LEU B 129 -3.90 1.42 22.04
C LEU B 129 -4.95 2.53 21.85
N PRO B 130 -5.10 3.46 22.81
CA PRO B 130 -6.03 4.57 22.54
C PRO B 130 -5.68 5.35 21.29
N SER B 131 -4.39 5.65 21.09
CA SER B 131 -3.98 6.40 19.90
C SER B 131 -4.30 5.63 18.61
N LEU B 132 -4.09 4.32 18.62
CA LEU B 132 -4.34 3.52 17.43
C LEU B 132 -5.83 3.47 17.09
N GLN B 133 -6.66 3.30 18.11
CA GLN B 133 -8.11 3.30 17.91
C GLN B 133 -8.54 4.66 17.43
N GLN B 134 -7.97 5.69 18.05
CA GLN B 134 -8.30 7.06 17.68
C GLN B 134 -7.87 7.37 16.26
N LEU B 135 -6.71 6.84 15.85
CA LEU B 135 -6.24 7.11 14.49
C LEU B 135 -7.20 6.55 13.44
N ILE B 136 -7.72 5.34 13.67
CA ILE B 136 -8.69 4.77 12.75
C ILE B 136 -9.90 5.69 12.67
N HIS B 137 -10.33 6.19 13.83
CA HIS B 137 -11.49 7.05 13.85
C HIS B 137 -11.24 8.34 13.07
N ILE B 138 -10.05 8.90 13.23
CA ILE B 138 -9.67 10.14 12.51
C ILE B 138 -9.70 9.91 11.00
N ILE B 139 -9.15 8.80 10.56
CA ILE B 139 -9.13 8.52 9.13
C ILE B 139 -10.56 8.41 8.58
N GLN B 140 -11.46 7.76 9.33
CA GLN B 140 -12.87 7.72 8.95
C GLN B 140 -13.53 9.10 8.98
N ALA B 141 -13.26 9.85 10.05
CA ALA B 141 -13.91 11.15 10.26
C ALA B 141 -13.44 12.21 9.27
N LYS B 142 -12.22 12.08 8.77
CA LYS B 142 -11.72 13.02 7.77
C LYS B 142 -12.61 13.00 6.51
N ASP B 143 -13.06 11.81 6.16
CA ASP B 143 -13.95 11.64 5.02
C ASP B 143 -15.39 11.98 5.35
N GLU B 144 -15.86 11.54 6.52
CA GLU B 144 -17.25 11.75 6.88
C GLU B 144 -17.55 13.19 7.33
N TYR B 145 -16.57 13.82 7.96
CA TYR B 145 -16.72 15.17 8.50
C TYR B 145 -15.56 16.04 8.04
N PRO B 146 -15.53 16.40 6.76
CA PRO B 146 -14.36 17.08 6.23
C PRO B 146 -14.19 18.51 6.76
N SER B 147 -15.19 19.06 7.44
CA SER B 147 -15.06 20.42 7.97
C SER B 147 -14.37 20.41 9.34
N ASN B 148 -14.34 19.26 10.02
CA ASN B 148 -13.82 19.21 11.39
C ASN B 148 -12.32 19.42 11.50
N GLN B 149 -11.93 20.31 12.42
CA GLN B 149 -10.54 20.51 12.78
C GLN B 149 -10.19 19.52 13.90
N ARG B 150 -8.95 19.02 13.90
CA ARG B 150 -8.49 18.03 14.89
C ARG B 150 -7.20 18.48 15.56
N PHE B 151 -7.19 18.44 16.89
CA PHE B 151 -6.01 18.74 17.67
C PHE B 151 -5.51 17.44 18.27
N VAL B 152 -4.25 17.10 18.06
CA VAL B 152 -3.76 15.77 18.48
C VAL B 152 -2.47 15.83 19.28
N SER B 153 -2.51 15.24 20.47
CA SER B 153 -1.32 15.10 21.30
C SER B 153 -1.12 13.63 21.67
N TRP B 154 -0.26 12.95 20.92
CA TRP B 154 0.02 11.53 21.10
C TRP B 154 1.51 11.36 21.40
N LYS B 155 1.85 10.59 22.42
CA LYS B 155 3.26 10.46 22.79
C LYS B 155 3.99 9.44 21.94
N ARG B 156 3.28 8.39 21.53
CA ARG B 156 3.91 7.25 20.87
C ARG B 156 3.63 7.22 19.37
N VAL B 157 2.40 7.52 18.98
CA VAL B 157 2.08 7.54 17.56
C VAL B 157 2.42 8.90 16.99
N THR B 158 3.29 8.91 15.98
CA THR B 158 3.78 10.17 15.45
C THR B 158 3.21 10.49 14.09
N VAL B 159 2.53 11.63 13.99
CA VAL B 159 1.95 12.08 12.74
C VAL B 159 2.81 13.20 12.17
N ASP B 160 3.48 12.95 11.04
CA ASP B 160 4.33 14.00 10.49
C ASP B 160 3.49 15.07 9.80
N ALA B 161 4.13 16.14 9.36
CA ALA B 161 3.40 17.31 8.85
C ALA B 161 2.55 16.96 7.63
N ASP B 162 3.10 16.17 6.73
CA ASP B 162 2.37 15.78 5.53
C ASP B 162 1.11 14.98 5.86
N ASN B 163 1.25 13.96 6.69
CA ASN B 163 0.10 13.16 7.08
C ASN B 163 -0.90 13.96 7.92
N ALA B 164 -0.39 14.87 8.73
CA ALA B 164 -1.25 15.72 9.54
C ALA B 164 -2.17 16.54 8.64
N ASN B 165 -1.62 17.11 7.58
CA ASN B 165 -2.45 17.89 6.66
C ASN B 165 -3.48 17.04 5.93
N LYS B 166 -3.14 15.78 5.65
CA LYS B 166 -4.08 14.86 5.03
C LYS B 166 -5.31 14.61 5.90
N LEU B 167 -5.17 14.80 7.22
CA LEU B 167 -6.23 14.42 8.15
C LEU B 167 -6.81 15.62 8.94
N ASN B 168 -6.50 16.84 8.50
CA ASN B 168 -6.93 18.06 9.21
C ASN B 168 -6.50 18.05 10.68
N ILE B 169 -5.29 17.57 10.91
CA ILE B 169 -4.70 17.48 12.26
C ILE B 169 -3.69 18.60 12.52
N HIS B 170 -3.81 19.24 13.68
CA HIS B 170 -2.74 20.09 14.17
C HIS B 170 -2.21 19.38 15.42
N THR B 171 -0.91 19.09 15.45
CA THR B 171 -0.32 18.38 16.57
C THR B 171 0.19 19.35 17.62
N TYR B 172 0.04 18.94 18.86
CA TYR B 172 0.54 19.69 20.02
C TYR B 172 1.31 18.76 20.95
N PRO B 173 2.34 19.30 21.60
CA PRO B 173 3.12 18.49 22.55
C PRO B 173 2.29 18.12 23.77
N LEU B 174 2.73 17.10 24.48
CA LEU B 174 2.23 16.80 25.81
C LEU B 174 3.10 17.50 26.84
N LYS B 175 2.56 17.75 28.03
CA LYS B 175 3.40 18.10 29.17
C LYS B 175 3.60 16.82 29.96
N GLY B 176 4.75 16.17 29.75
CA GLY B 176 4.96 14.85 30.29
C GLY B 176 4.03 13.83 29.62
N ASN B 177 3.09 13.28 30.37
CA ASN B 177 2.16 12.33 29.79
C ASN B 177 0.80 12.96 29.52
N ASN B 178 0.65 14.23 29.86
CA ASN B 178 -0.69 14.79 29.89
C ASN B 178 -0.86 16.07 29.09
N THR B 179 -2.10 16.53 29.06
CA THR B 179 -2.48 17.73 28.33
C THR B 179 -1.50 18.88 28.57
N SER B 180 -1.03 19.48 27.48
CA SER B 180 -0.05 20.57 27.57
C SER B 180 -0.73 21.92 27.67
N PRO B 181 -0.03 22.91 28.24
CA PRO B 181 -0.53 24.28 28.19
C PRO B 181 -0.67 24.77 26.75
N GLU B 182 0.17 24.27 25.85
CA GLU B 182 0.07 24.63 24.44
C GLU B 182 -1.28 24.22 23.86
N MET B 183 -1.71 23.00 24.15
CA MET B 183 -3.00 22.53 23.66
C MET B 183 -4.15 23.30 24.29
N VAL B 184 -4.08 23.54 25.60
CA VAL B 184 -5.14 24.27 26.28
C VAL B 184 -5.34 25.64 25.64
N ALA B 185 -4.22 26.32 25.34
CA ALA B 185 -4.29 27.65 24.74
C ALA B 185 -4.85 27.61 23.34
N ALA B 186 -4.50 26.57 22.59
CA ALA B 186 -4.98 26.44 21.22
C ALA B 186 -6.49 26.26 21.20
N ILE B 187 -7.01 25.46 22.14
CA ILE B 187 -8.45 25.24 22.23
C ILE B 187 -9.15 26.54 22.63
N ASP B 188 -8.58 27.25 23.59
CA ASP B 188 -9.14 28.53 24.03
C ASP B 188 -9.23 29.51 22.85
N GLU B 189 -8.13 29.63 22.10
CA GLU B 189 -8.10 30.51 20.95
C GLU B 189 -9.10 30.06 19.88
N TYR B 190 -9.19 28.75 19.69
CA TYR B 190 -10.11 28.23 18.69
C TYR B 190 -11.55 28.53 19.09
N ALA B 191 -11.87 28.33 20.36
CA ALA B 191 -13.22 28.58 20.85
C ALA B 191 -13.59 30.05 20.70
N GLN B 192 -12.63 30.91 20.98
CA GLN B 192 -12.87 32.36 20.93
C GLN B 192 -13.28 32.79 19.53
N SER B 193 -12.77 32.08 18.53
CA SER B 193 -12.98 32.46 17.13
C SER B 193 -14.34 32.03 16.55
N LYS B 194 -15.11 31.25 17.29
CA LYS B 194 -16.35 30.68 16.76
C LYS B 194 -17.62 31.20 17.45
N ASN B 195 -18.70 31.32 16.69
CA ASN B 195 -20.00 31.72 17.25
C ASN B 195 -20.59 30.65 18.17
N ARG B 196 -20.46 29.39 17.76
CA ARG B 196 -20.83 28.24 18.57
C ARG B 196 -19.76 27.17 18.37
N LEU B 197 -19.54 26.30 19.36
CA LEU B 197 -18.57 25.24 19.16
C LEU B 197 -18.93 24.00 19.93
N ASN B 198 -18.90 22.85 19.23
CA ASN B 198 -18.94 21.56 19.92
C ASN B 198 -17.53 20.97 20.01
N ILE B 199 -17.18 20.44 21.17
CA ILE B 199 -15.88 19.78 21.34
C ILE B 199 -16.09 18.29 21.62
N GLU B 200 -15.41 17.44 20.86
CA GLU B 200 -15.39 16.00 21.12
C GLU B 200 -14.04 15.60 21.69
N PHE B 201 -14.04 14.87 22.80
CA PHE B 201 -12.80 14.41 23.41
C PHE B 201 -12.53 12.93 23.16
N TYR B 202 -11.27 12.60 22.93
CA TYR B 202 -10.85 11.20 22.79
C TYR B 202 -9.60 11.02 23.62
N THR B 203 -9.65 10.16 24.63
CA THR B 203 -8.46 10.00 25.45
C THR B 203 -8.44 8.64 26.14
N ASN B 204 -7.46 8.50 27.03
CA ASN B 204 -7.09 7.28 27.75
C ASN B 204 -7.94 7.13 29.00
N THR B 205 -8.60 5.98 29.19
CA THR B 205 -9.54 5.83 30.29
C THR B 205 -8.89 6.04 31.64
N ALA B 206 -7.75 5.38 31.85
CA ALA B 206 -7.08 5.43 33.15
C ALA B 206 -6.71 6.87 33.53
N HIS B 207 -6.44 7.69 32.52
CA HIS B 207 -5.92 9.02 32.78
C HIS B 207 -6.81 10.15 32.32
N VAL B 208 -8.10 9.85 32.17
CA VAL B 208 -9.06 10.86 31.75
C VAL B 208 -9.04 12.07 32.69
N PHE B 209 -8.87 11.82 34.00
CA PHE B 209 -8.92 12.94 34.93
C PHE B 209 -7.67 13.83 34.88
N ASN B 210 -6.56 13.28 34.37
CA ASN B 210 -5.38 14.11 34.20
C ASN B 210 -5.42 14.95 32.93
N ASN B 211 -6.23 14.53 31.96
CA ASN B 211 -6.23 15.13 30.63
C ASN B 211 -7.37 16.11 30.31
N LEU B 212 -8.57 15.84 30.80
CA LEU B 212 -9.71 16.66 30.37
C LEU B 212 -10.03 17.89 31.25
N PRO B 213 -9.93 17.78 32.58
CA PRO B 213 -10.22 18.99 33.37
C PRO B 213 -9.42 20.25 33.01
N PRO B 214 -8.12 20.13 32.63
CA PRO B 214 -7.42 21.38 32.25
C PRO B 214 -8.03 22.08 31.05
N ILE B 215 -8.77 21.34 30.23
CA ILE B 215 -9.44 21.93 29.09
C ILE B 215 -10.86 22.36 29.44
N ILE B 216 -11.57 21.48 30.14
CA ILE B 216 -12.96 21.72 30.50
C ILE B 216 -13.12 22.90 31.48
N GLN B 217 -12.23 22.99 32.45
CA GLN B 217 -12.35 24.00 33.50
C GLN B 217 -12.39 25.45 32.96
N PRO B 218 -11.41 25.87 32.15
CA PRO B 218 -11.48 27.27 31.72
C PRO B 218 -12.60 27.55 30.72
N LEU B 219 -13.20 26.51 30.15
CA LEU B 219 -14.28 26.67 29.18
C LEU B 219 -15.67 26.48 29.81
N TYR B 220 -15.70 26.12 31.09
CA TYR B 220 -16.94 25.64 31.70
C TYR B 220 -18.09 26.64 31.64
N ASN B 221 -17.79 27.91 31.86
CA ASN B 221 -18.83 28.94 31.90
C ASN B 221 -19.02 29.66 30.58
N ASN B 222 -18.37 29.13 29.54
CA ASN B 222 -18.54 29.64 28.19
C ASN B 222 -19.77 28.99 27.55
N GLU B 223 -20.88 29.73 27.50
CA GLU B 223 -22.14 29.17 27.04
C GLU B 223 -22.19 28.80 25.56
N LYS B 224 -21.23 29.30 24.77
CA LYS B 224 -21.24 29.00 23.35
C LYS B 224 -20.47 27.72 23.04
N VAL B 225 -19.77 27.20 24.03
CA VAL B 225 -18.94 26.00 23.87
C VAL B 225 -19.55 24.81 24.57
N LYS B 226 -19.75 23.70 23.86
CA LYS B 226 -20.31 22.54 24.52
C LYS B 226 -19.42 21.30 24.33
N ILE B 227 -19.24 20.54 25.41
CA ILE B 227 -18.60 19.24 25.28
C ILE B 227 -19.65 18.25 24.79
N SER B 228 -19.60 17.90 23.51
CA SER B 228 -20.67 17.12 22.89
C SER B 228 -20.46 15.62 23.04
N HIS B 229 -19.21 15.19 23.22
CA HIS B 229 -18.97 13.76 23.34
C HIS B 229 -17.60 13.46 23.93
N ILE B 230 -17.53 12.37 24.69
CA ILE B 230 -16.27 11.89 25.23
C ILE B 230 -16.13 10.41 24.94
N SER B 231 -14.99 10.03 24.37
CA SER B 231 -14.67 8.63 24.11
C SER B 231 -13.43 8.26 24.87
N LEU B 232 -13.55 7.26 25.74
CA LEU B 232 -12.43 6.85 26.57
C LEU B 232 -12.04 5.45 26.18
N TYR B 233 -10.73 5.24 26.03
CA TYR B 233 -10.20 3.95 25.58
C TYR B 233 -9.23 3.39 26.61
N ASP B 234 -9.40 2.10 26.92
CA ASP B 234 -8.40 1.39 27.71
C ASP B 234 -7.03 1.46 27.07
N ASP B 235 -6.02 1.55 27.94
N ASP B 235 -5.97 1.59 27.85
CA ASP B 235 -4.61 1.64 27.61
CA ASP B 235 -4.66 1.51 27.23
C ASP B 235 -3.96 0.26 27.60
C ASP B 235 -4.08 0.10 27.37
N GLY B 236 -4.54 -0.66 28.36
CA GLY B 236 -4.05 -2.02 28.46
C GLY B 236 -4.51 -2.71 29.72
N SER B 237 -3.61 -3.51 30.27
CA SER B 237 -3.92 -4.34 31.43
C SER B 237 -4.17 -3.51 32.67
N SER B 238 -3.63 -2.29 32.68
N SER B 238 -3.61 -2.30 32.70
CA SER B 238 -3.65 -1.45 33.87
CA SER B 238 -3.65 -1.50 33.93
C SER B 238 -5.05 -1.16 34.39
C SER B 238 -5.07 -1.18 34.41
N GLU B 239 -6.00 -0.93 33.49
CA GLU B 239 -7.39 -0.69 33.87
C GLU B 239 -8.02 -1.91 34.53
N TYR B 240 -7.61 -3.09 34.10
CA TYR B 240 -8.20 -4.34 34.58
C TYR B 240 -7.60 -4.73 35.92
N VAL B 241 -6.29 -4.50 36.09
CA VAL B 241 -5.67 -4.66 37.39
C VAL B 241 -6.33 -3.72 38.41
N SER B 242 -6.62 -2.49 37.99
CA SER B 242 -7.23 -1.53 38.92
C SER B 242 -8.66 -1.96 39.29
N LEU B 243 -9.41 -2.43 38.30
CA LEU B 243 -10.74 -2.93 38.57
C LEU B 243 -10.69 -4.13 39.51
N TYR B 244 -9.75 -5.03 39.25
CA TYR B 244 -9.56 -6.19 40.11
C TYR B 244 -9.32 -5.79 41.57
N GLN B 245 -8.46 -4.81 41.78
CA GLN B 245 -8.12 -4.38 43.13
C GLN B 245 -9.27 -3.62 43.80
N TRP B 246 -10.24 -3.19 43.00
CA TRP B 246 -11.32 -2.36 43.50
C TRP B 246 -12.61 -3.14 43.71
N LYS B 247 -12.70 -4.32 43.11
CA LYS B 247 -13.97 -5.01 42.94
C LYS B 247 -14.64 -5.47 44.25
N ASP B 248 -13.86 -5.68 45.30
CA ASP B 248 -14.41 -6.17 46.56
C ASP B 248 -14.64 -5.05 47.57
N THR B 249 -14.43 -3.81 47.13
CA THR B 249 -14.67 -2.64 47.98
C THR B 249 -16.14 -2.53 48.40
N PRO B 250 -16.38 -2.38 49.71
CA PRO B 250 -17.75 -2.27 50.23
C PRO B 250 -18.45 -0.98 49.77
N ASN B 251 -19.72 -1.10 49.38
CA ASN B 251 -20.53 0.05 48.97
C ASN B 251 -19.93 0.83 47.79
N LYS B 252 -19.24 0.14 46.89
CA LYS B 252 -18.41 0.85 45.92
C LYS B 252 -19.20 1.69 44.92
N ILE B 253 -20.36 1.20 44.50
CA ILE B 253 -21.19 1.97 43.57
C ILE B 253 -21.81 3.17 44.28
N GLU B 254 -22.26 2.95 45.52
CA GLU B 254 -22.79 4.04 46.32
C GLU B 254 -21.76 5.15 46.49
N THR B 255 -20.51 4.78 46.74
CA THR B 255 -19.44 5.76 46.83
C THR B 255 -19.22 6.43 45.49
N LEU B 256 -19.26 5.63 44.44
CA LEU B 256 -19.11 6.09 43.07
C LEU B 256 -20.14 7.18 42.72
N GLU B 257 -21.42 6.88 42.98
CA GLU B 257 -22.48 7.87 42.77
C GLU B 257 -22.26 9.13 43.59
N GLY B 258 -21.75 8.99 44.80
CA GLY B 258 -21.56 10.13 45.67
C GLY B 258 -20.49 11.10 45.18
N GLU B 259 -19.59 10.61 44.33
CA GLU B 259 -18.48 11.44 43.87
C GLU B 259 -18.79 12.13 42.55
N VAL B 260 -19.99 11.89 42.01
CA VAL B 260 -20.40 12.61 40.81
C VAL B 260 -20.37 14.11 41.06
N SER B 261 -20.90 14.55 42.20
CA SER B 261 -20.92 15.99 42.53
C SER B 261 -19.51 16.53 42.74
N LEU B 262 -18.61 15.68 43.26
CA LEU B 262 -17.21 16.07 43.42
C LEU B 262 -16.58 16.39 42.07
N LEU B 263 -16.75 15.48 41.11
CA LEU B 263 -16.25 15.70 39.75
C LEU B 263 -16.87 16.94 39.15
N ALA B 264 -18.19 17.05 39.23
CA ALA B 264 -18.92 18.18 38.65
C ALA B 264 -18.47 19.52 39.22
N ASN B 265 -18.34 19.60 40.54
CA ASN B 265 -17.97 20.87 41.16
C ASN B 265 -16.52 21.23 40.85
N TYR B 266 -15.68 20.21 40.72
CA TYR B 266 -14.29 20.40 40.37
C TYR B 266 -14.20 20.99 38.95
N LEU B 267 -14.97 20.41 38.04
CA LEU B 267 -14.98 20.88 36.65
C LEU B 267 -15.53 22.30 36.56
N ALA B 268 -16.53 22.59 37.38
CA ALA B 268 -17.15 23.92 37.37
C ALA B 268 -16.26 24.98 38.03
N GLY B 269 -15.19 24.54 38.69
CA GLY B 269 -14.25 25.44 39.34
C GLY B 269 -14.82 26.14 40.57
N THR B 270 -15.71 25.45 41.27
CA THR B 270 -16.32 25.98 42.48
C THR B 270 -15.85 25.21 43.71
N SER B 271 -15.00 24.22 43.48
CA SER B 271 -14.40 23.46 44.55
C SER B 271 -13.03 22.93 44.13
N PRO B 272 -12.09 22.91 45.07
CA PRO B 272 -10.76 22.36 44.78
C PRO B 272 -10.72 20.86 45.04
N ASP B 273 -11.79 20.32 45.58
CA ASP B 273 -11.83 18.91 45.97
C ASP B 273 -12.15 18.02 44.76
N ALA B 274 -11.26 17.07 44.50
CA ALA B 274 -11.42 16.19 43.35
C ALA B 274 -11.77 14.79 43.81
N PRO B 275 -12.55 14.06 43.00
CA PRO B 275 -12.86 12.67 43.33
C PRO B 275 -11.60 11.82 43.29
N LYS B 276 -11.48 10.86 44.20
CA LYS B 276 -10.33 9.99 44.19
C LYS B 276 -10.70 8.63 43.61
N GLY B 277 -9.72 7.97 43.01
CA GLY B 277 -9.92 6.62 42.51
C GLY B 277 -10.95 6.54 41.39
N MET B 278 -11.76 5.48 41.43
CA MET B 278 -12.68 5.17 40.35
C MET B 278 -13.66 6.31 40.10
N GLY B 279 -13.89 7.13 41.10
CA GLY B 279 -14.81 8.25 40.96
C GLY B 279 -14.39 9.30 39.95
N ASN B 280 -13.10 9.35 39.59
CA ASN B 280 -12.69 10.31 38.59
C ASN B 280 -12.54 9.67 37.21
N ARG B 281 -12.90 8.39 37.13
CA ARG B 281 -12.71 7.58 35.93
C ARG B 281 -14.04 7.14 35.32
N TYR B 282 -14.95 6.62 36.14
CA TYR B 282 -16.14 5.99 35.60
C TYR B 282 -17.41 6.76 35.91
N ASN B 283 -17.26 8.06 36.14
CA ASN B 283 -18.42 8.92 36.34
C ASN B 283 -18.63 9.92 35.20
N TRP B 284 -17.79 9.85 34.16
CA TRP B 284 -17.88 10.84 33.10
C TRP B 284 -19.20 10.73 32.35
N HIS B 285 -19.73 9.52 32.25
CA HIS B 285 -20.99 9.31 31.54
C HIS B 285 -22.18 9.92 32.31
N LYS B 286 -21.98 10.30 33.56
CA LYS B 286 -23.02 10.95 34.33
C LYS B 286 -23.09 12.45 34.04
N LEU B 287 -22.03 12.99 33.44
CA LEU B 287 -21.95 14.43 33.23
C LEU B 287 -21.90 14.81 31.75
N TYR B 288 -21.44 13.87 30.93
CA TYR B 288 -21.33 14.10 29.49
C TYR B 288 -21.73 12.86 28.71
N ASP B 289 -22.04 13.04 27.43
CA ASP B 289 -22.25 11.91 26.55
C ASP B 289 -20.93 11.17 26.38
N THR B 290 -20.82 9.98 26.98
CA THR B 290 -19.54 9.29 27.10
C THR B 290 -19.60 7.83 26.68
N ASP B 291 -18.62 7.39 25.89
CA ASP B 291 -18.42 5.97 25.62
C ASP B 291 -17.15 5.50 26.32
N TYR B 292 -17.24 4.38 27.02
CA TYR B 292 -16.06 3.74 27.58
C TYR B 292 -15.72 2.52 26.74
N TYR B 293 -14.65 2.60 25.98
CA TYR B 293 -14.27 1.46 25.17
C TYR B 293 -13.37 0.56 25.97
N PHE B 294 -13.88 -0.63 26.27
CA PHE B 294 -13.17 -1.69 27.00
C PHE B 294 -12.46 -2.62 26.04
N LEU B 295 -11.20 -2.92 26.34
CA LEU B 295 -10.45 -3.98 25.69
C LEU B 295 -11.14 -5.33 25.80
N ARG B 296 -11.64 -5.59 27.00
CA ARG B 296 -12.44 -6.76 27.28
C ARG B 296 -13.66 -6.36 28.07
N GLU B 297 -14.71 -5.92 27.36
CA GLU B 297 -15.94 -5.50 28.02
C GLU B 297 -16.52 -6.64 28.83
N ASP B 298 -16.30 -7.86 28.38
CA ASP B 298 -16.88 -9.01 29.06
C ASP B 298 -16.28 -9.25 30.44
N TYR B 299 -15.21 -8.54 30.79
CA TYR B 299 -14.69 -8.64 32.16
C TYR B 299 -15.76 -8.21 33.17
N LEU B 300 -16.60 -7.26 32.76
CA LEU B 300 -17.69 -6.79 33.62
C LEU B 300 -18.77 -7.86 33.78
N ASP B 301 -18.77 -8.84 32.87
CA ASP B 301 -19.72 -9.97 32.92
C ASP B 301 -19.17 -11.13 33.75
N VAL B 302 -17.96 -11.57 33.41
CA VAL B 302 -17.40 -12.78 34.01
C VAL B 302 -16.92 -12.57 35.45
N GLU B 303 -16.62 -11.33 35.81
CA GLU B 303 -16.18 -11.04 37.17
C GLU B 303 -17.45 -10.66 37.92
N ALA B 304 -17.95 -11.58 38.75
CA ALA B 304 -19.28 -11.41 39.34
C ALA B 304 -19.37 -10.17 40.21
N ASN B 305 -18.26 -9.78 40.83
CA ASN B 305 -18.27 -8.61 41.69
C ASN B 305 -18.19 -7.29 40.93
N LEU B 306 -18.25 -7.35 39.61
CA LEU B 306 -18.26 -6.13 38.81
C LEU B 306 -19.60 -5.94 38.09
N HIS B 307 -20.56 -6.82 38.36
CA HIS B 307 -21.89 -6.71 37.77
C HIS B 307 -22.56 -5.40 38.12
N ASP B 308 -22.31 -4.90 39.32
CA ASP B 308 -22.87 -3.63 39.76
C ASP B 308 -22.26 -2.47 38.97
N LEU B 309 -20.99 -2.57 38.62
CA LEU B 309 -20.39 -1.54 37.76
C LEU B 309 -20.96 -1.66 36.35
N ARG B 310 -21.14 -2.89 35.87
CA ARG B 310 -21.76 -3.12 34.56
C ARG B 310 -23.12 -2.43 34.48
N ASP B 311 -23.91 -2.57 35.53
CA ASP B 311 -25.22 -1.91 35.57
C ASP B 311 -25.07 -0.39 35.65
N TYR B 312 -24.06 0.07 36.37
CA TYR B 312 -23.86 1.50 36.56
C TYR B 312 -23.46 2.23 35.27
N LEU B 313 -22.61 1.60 34.47
CA LEU B 313 -22.17 2.18 33.21
C LEU B 313 -23.21 2.00 32.13
N GLY B 314 -23.94 0.89 32.20
CA GLY B 314 -24.99 0.60 31.23
C GLY B 314 -24.49 0.60 29.80
N SER B 315 -25.21 1.30 28.92
CA SER B 315 -24.89 1.30 27.49
C SER B 315 -23.64 2.14 27.19
N SER B 316 -23.13 2.87 28.17
CA SER B 316 -21.90 3.64 27.96
C SER B 316 -20.70 2.72 27.86
N ALA B 317 -20.82 1.52 28.41
CA ALA B 317 -19.77 0.51 28.28
C ALA B 317 -19.81 -0.12 26.89
N LYS B 318 -18.71 -0.06 26.16
CA LYS B 318 -18.67 -0.61 24.81
C LYS B 318 -17.44 -1.50 24.66
N GLN B 319 -17.51 -2.40 23.67
CA GLN B 319 -16.39 -3.27 23.36
C GLN B 319 -15.57 -2.65 22.24
N MET B 320 -14.27 -2.51 22.49
CA MET B 320 -13.34 -2.01 21.51
C MET B 320 -13.29 -2.97 20.29
N PRO B 321 -13.48 -2.42 19.08
CA PRO B 321 -13.49 -3.21 17.85
C PRO B 321 -12.10 -3.52 17.34
N TRP B 322 -11.89 -4.69 16.75
CA TRP B 322 -10.57 -5.05 16.24
C TRP B 322 -10.51 -5.09 14.72
N ASP B 323 -11.64 -4.89 14.07
CA ASP B 323 -11.72 -5.14 12.63
C ASP B 323 -11.97 -3.90 11.78
N GLU B 324 -11.77 -2.71 12.34
CA GLU B 324 -12.09 -1.50 11.58
C GLU B 324 -11.07 -1.19 10.50
N PHE B 325 -9.81 -1.54 10.74
CA PHE B 325 -8.75 -1.34 9.76
C PHE B 325 -9.10 -2.00 8.42
N ALA B 326 -9.58 -3.24 8.48
CA ALA B 326 -9.85 -3.99 7.25
C ALA B 326 -10.99 -3.39 6.42
N LYS B 327 -11.86 -2.62 7.09
CA LYS B 327 -12.99 -1.99 6.40
C LYS B 327 -12.61 -0.63 5.81
N LEU B 328 -11.41 -0.15 6.12
CA LEU B 328 -10.90 1.05 5.50
C LEU B 328 -10.62 0.79 4.02
N SER B 329 -10.62 1.84 3.20
CA SER B 329 -10.19 1.72 1.82
C SER B 329 -8.70 1.43 1.75
N ASP B 330 -8.22 1.02 0.58
CA ASP B 330 -6.79 0.75 0.40
C ASP B 330 -5.90 1.96 0.71
N SER B 331 -6.31 3.14 0.25
CA SER B 331 -5.51 4.33 0.50
C SER B 331 -5.51 4.66 1.99
N GLN B 332 -6.66 4.49 2.62
CA GLN B 332 -6.79 4.73 4.05
C GLN B 332 -5.94 3.76 4.85
N GLN B 333 -5.91 2.51 4.41
CA GLN B 333 -5.08 1.51 5.08
C GLN B 333 -3.62 1.90 4.95
N THR B 334 -3.22 2.31 3.73
CA THR B 334 -1.85 2.70 3.48
C THR B 334 -1.45 3.89 4.35
N LEU B 335 -2.37 4.83 4.54
CA LEU B 335 -2.10 6.00 5.40
C LEU B 335 -1.88 5.58 6.86
N PHE B 336 -2.77 4.72 7.37
CA PHE B 336 -2.63 4.19 8.73
C PHE B 336 -1.27 3.51 8.93
N LEU B 337 -0.92 2.65 8.00
CA LEU B 337 0.33 1.91 8.08
C LEU B 337 1.53 2.85 8.05
N ASP B 338 1.45 3.89 7.22
CA ASP B 338 2.54 4.85 7.11
C ASP B 338 2.77 5.57 8.45
N ILE B 339 1.68 6.01 9.06
CA ILE B 339 1.76 6.73 10.32
C ILE B 339 2.34 5.87 11.45
N VAL B 340 1.86 4.63 11.57
CA VAL B 340 2.31 3.79 12.68
C VAL B 340 3.65 3.10 12.39
N GLY B 341 4.14 3.25 11.17
CA GLY B 341 5.47 2.78 10.79
C GLY B 341 5.57 1.29 10.55
N PHE B 342 4.50 0.69 10.05
CA PHE B 342 4.43 -0.76 9.88
C PHE B 342 4.33 -1.15 8.41
N ASP B 343 5.32 -1.89 7.95
CA ASP B 343 5.35 -2.44 6.60
C ASP B 343 4.65 -3.78 6.61
N LYS B 344 3.32 -3.75 6.48
CA LYS B 344 2.50 -4.95 6.57
C LYS B 344 2.82 -5.93 5.44
N GLU B 345 2.99 -5.41 4.24
CA GLU B 345 3.30 -6.25 3.07
C GLU B 345 4.59 -7.02 3.29
N GLN B 346 5.59 -6.37 3.89
CA GLN B 346 6.87 -7.03 4.17
C GLN B 346 6.70 -8.17 5.17
N LEU B 347 5.96 -7.93 6.24
CA LEU B 347 5.76 -8.99 7.23
C LEU B 347 4.96 -10.15 6.61
N GLN B 348 3.97 -9.82 5.78
CA GLN B 348 3.21 -10.86 5.07
C GLN B 348 4.15 -11.73 4.25
N GLN B 349 5.09 -11.09 3.56
CA GLN B 349 6.04 -11.80 2.72
C GLN B 349 6.94 -12.68 3.60
N GLN B 350 7.35 -12.15 4.74
CA GLN B 350 8.21 -12.91 5.65
C GLN B 350 7.48 -14.08 6.28
N TYR B 351 6.20 -13.89 6.59
CA TYR B 351 5.38 -14.98 7.12
C TYR B 351 5.34 -16.15 6.14
N SER B 352 5.33 -15.83 4.85
CA SER B 352 5.21 -16.84 3.81
C SER B 352 6.53 -17.36 3.26
N GLN B 353 7.66 -16.82 3.73
CA GLN B 353 8.99 -17.27 3.30
C GLN B 353 9.22 -18.77 3.50
N SER B 354 8.78 -19.26 4.66
CA SER B 354 8.81 -20.68 4.99
C SER B 354 7.36 -21.09 5.25
N PRO B 355 6.97 -22.30 4.85
CA PRO B 355 5.57 -22.73 5.02
C PRO B 355 5.21 -23.13 6.46
N LEU B 356 6.18 -23.14 7.35
CA LEU B 356 5.92 -23.43 8.77
C LEU B 356 5.05 -22.35 9.39
N PRO B 357 4.25 -22.72 10.39
CA PRO B 357 3.48 -21.70 11.11
C PRO B 357 4.43 -20.73 11.79
N ASN B 358 3.92 -19.55 12.13
CA ASN B 358 4.78 -18.46 12.56
C ASN B 358 4.65 -18.16 14.04
N PHE B 359 5.78 -18.01 14.70
CA PHE B 359 5.85 -17.76 16.14
C PHE B 359 6.54 -16.42 16.39
N ILE B 360 5.89 -15.53 17.14
CA ILE B 360 6.54 -14.30 17.58
C ILE B 360 6.89 -14.39 19.05
N PHE B 361 8.16 -14.21 19.36
CA PHE B 361 8.61 -14.03 20.73
C PHE B 361 8.60 -12.56 21.08
N THR B 362 7.94 -12.22 22.19
CA THR B 362 7.86 -10.83 22.63
C THR B 362 8.92 -10.56 23.68
N GLY B 363 9.90 -9.73 23.34
CA GLY B 363 10.98 -9.44 24.27
C GLY B 363 10.66 -8.39 25.32
N THR B 364 11.54 -8.24 26.29
CA THR B 364 11.39 -7.16 27.26
C THR B 364 12.73 -6.47 27.43
N THR B 365 12.80 -5.54 28.36
CA THR B 365 14.03 -4.82 28.64
C THR B 365 14.80 -5.52 29.75
N THR B 366 15.13 -4.78 30.80
CA THR B 366 15.75 -5.36 31.98
C THR B 366 14.71 -5.43 33.08
N TRP B 367 14.96 -6.22 34.11
CA TRP B 367 14.07 -6.24 35.26
C TRP B 367 14.89 -6.25 36.56
N ALA B 368 14.26 -6.60 37.67
CA ALA B 368 14.93 -6.51 38.96
C ALA B 368 16.12 -7.45 39.06
N GLY B 369 17.01 -7.19 40.02
CA GLY B 369 18.08 -8.13 40.34
C GLY B 369 19.47 -7.54 40.26
N GLY B 370 19.60 -6.41 39.58
CA GLY B 370 20.88 -5.74 39.50
C GLY B 370 21.92 -6.48 38.67
N GLU B 371 21.47 -7.27 37.70
CA GLU B 371 22.42 -7.97 36.84
C GLU B 371 22.79 -7.09 35.67
N THR B 372 23.72 -7.57 34.85
CA THR B 372 24.15 -6.80 33.69
C THR B 372 23.09 -6.87 32.62
N LYS B 373 23.14 -5.92 31.70
CA LYS B 373 22.20 -5.95 30.59
C LYS B 373 22.29 -7.27 29.81
N GLU B 374 23.49 -7.82 29.70
CA GLU B 374 23.72 -9.08 29.00
C GLU B 374 23.00 -10.25 29.68
N TYR B 375 22.93 -10.21 31.01
CA TYR B 375 22.18 -11.22 31.75
C TYR B 375 20.70 -11.22 31.33
N TYR B 376 20.11 -10.05 31.16
CA TYR B 376 18.69 -9.98 30.84
C TYR B 376 18.44 -10.47 29.41
N ALA B 377 19.39 -10.20 28.52
CA ALA B 377 19.30 -10.72 27.15
C ALA B 377 19.42 -12.22 27.17
N GLN B 378 20.35 -12.72 27.98
CA GLN B 378 20.63 -14.14 28.04
C GLN B 378 19.45 -14.91 28.61
N GLN B 379 18.75 -14.33 29.59
CA GLN B 379 17.61 -15.03 30.16
C GLN B 379 16.49 -15.20 29.12
N GLN B 380 16.30 -14.20 28.26
CA GLN B 380 15.26 -14.30 27.22
C GLN B 380 15.67 -15.29 26.13
N VAL B 381 16.96 -15.32 25.79
CA VAL B 381 17.49 -16.33 24.88
C VAL B 381 17.21 -17.73 25.47
N ASN B 382 17.43 -17.89 26.77
CA ASN B 382 17.14 -19.16 27.43
C ASN B 382 15.67 -19.55 27.31
N VAL B 383 14.78 -18.56 27.47
CA VAL B 383 13.35 -18.83 27.28
C VAL B 383 13.06 -19.37 25.87
N ILE B 384 13.63 -18.73 24.85
CA ILE B 384 13.40 -19.16 23.47
C ILE B 384 13.98 -20.55 23.21
N ASN B 385 15.17 -20.79 23.75
CA ASN B 385 15.78 -22.12 23.61
C ASN B 385 14.88 -23.22 24.16
N ASN B 386 14.28 -22.99 25.32
CA ASN B 386 13.35 -23.95 25.89
C ASN B 386 12.09 -24.14 25.04
N ALA B 387 11.59 -23.04 24.47
CA ALA B 387 10.36 -23.09 23.70
C ALA B 387 10.51 -23.92 22.43
N ILE B 388 11.70 -23.93 21.85
CA ILE B 388 11.91 -24.63 20.59
C ILE B 388 12.58 -25.99 20.79
N ASN B 389 12.80 -26.36 22.04
CA ASN B 389 13.40 -27.64 22.38
C ASN B 389 12.30 -28.69 22.54
N GLU B 390 12.25 -29.63 21.61
CA GLU B 390 11.16 -30.60 21.54
C GLU B 390 11.03 -31.48 22.78
N THR B 391 12.10 -31.60 23.56
CA THR B 391 12.06 -32.45 24.74
C THR B 391 11.61 -31.68 25.98
N SER B 392 11.59 -30.36 25.88
CA SER B 392 11.15 -29.54 27.01
C SER B 392 9.65 -29.65 27.19
N PRO B 393 9.18 -29.60 28.44
CA PRO B 393 7.73 -29.60 28.70
C PRO B 393 7.07 -28.32 28.19
N TYR B 394 7.87 -27.28 27.98
CA TYR B 394 7.35 -25.97 27.60
C TYR B 394 7.59 -25.72 26.10
N TYR B 395 7.83 -26.81 25.39
CA TYR B 395 7.91 -26.84 23.94
C TYR B 395 6.67 -26.22 23.33
N LEU B 396 6.85 -25.40 22.29
CA LEU B 396 5.71 -24.74 21.65
C LEU B 396 4.72 -25.76 21.09
N GLY B 397 5.21 -26.98 20.84
CA GLY B 397 4.36 -28.08 20.42
C GLY B 397 4.60 -28.61 19.02
N LYS B 398 5.19 -27.78 18.15
CA LYS B 398 5.52 -28.19 16.79
C LYS B 398 6.58 -27.26 16.22
N ASP B 399 7.00 -27.50 14.97
CA ASP B 399 8.01 -26.65 14.34
C ASP B 399 7.38 -25.32 13.92
N TYR B 400 8.00 -24.21 14.31
CA TYR B 400 7.55 -22.89 13.87
C TYR B 400 8.67 -22.10 13.21
N ASP B 401 8.34 -21.17 12.32
CA ASP B 401 9.29 -20.13 11.93
C ASP B 401 9.41 -19.11 13.05
N LEU B 402 10.64 -18.70 13.35
CA LEU B 402 10.88 -17.79 14.48
C LEU B 402 10.83 -16.31 14.06
N PHE B 403 10.06 -15.52 14.81
CA PHE B 403 10.02 -14.06 14.64
C PHE B 403 10.26 -13.40 16.01
N PHE B 404 10.87 -12.22 15.99
CA PHE B 404 11.20 -11.49 17.22
C PHE B 404 10.58 -10.12 17.20
N LYS B 405 9.77 -9.82 18.21
CA LYS B 405 9.30 -8.45 18.40
C LYS B 405 9.88 -7.96 19.70
N GLY B 406 10.99 -7.23 19.59
CA GLY B 406 11.67 -6.70 20.76
C GLY B 406 10.92 -5.54 21.37
N HIS B 407 11.24 -5.28 22.64
CA HIS B 407 10.75 -4.12 23.34
C HIS B 407 11.34 -2.87 22.69
N PRO B 408 10.53 -1.81 22.53
CA PRO B 408 11.04 -0.60 21.89
C PRO B 408 12.24 0.02 22.60
N ALA B 409 12.33 -0.20 23.90
CA ALA B 409 13.43 0.35 24.70
C ALA B 409 14.52 -0.69 24.92
N GLY B 410 14.48 -1.77 24.16
CA GLY B 410 15.37 -2.90 24.39
C GLY B 410 16.84 -2.67 24.07
N GLY B 411 17.12 -1.80 23.10
CA GLY B 411 18.48 -1.51 22.72
C GLY B 411 19.30 -2.72 22.35
N VAL B 412 20.48 -2.84 22.96
CA VAL B 412 21.42 -3.91 22.63
C VAL B 412 20.86 -5.29 23.01
N ILE B 413 19.95 -5.33 23.98
CA ILE B 413 19.27 -6.58 24.33
C ILE B 413 18.62 -7.19 23.10
N ASN B 414 17.96 -6.35 22.29
CA ASN B 414 17.32 -6.83 21.07
C ASN B 414 18.33 -7.42 20.07
N ASP B 415 19.47 -6.74 19.91
CA ASP B 415 20.51 -7.22 19.00
C ASP B 415 21.04 -8.59 19.42
N ILE B 416 21.26 -8.77 20.73
CA ILE B 416 21.77 -10.02 21.27
C ILE B 416 20.79 -11.18 21.08
N ILE B 417 19.52 -10.96 21.42
CA ILE B 417 18.52 -12.01 21.25
C ILE B 417 18.38 -12.35 19.76
N LEU B 418 18.27 -11.32 18.92
CA LEU B 418 18.11 -11.55 17.47
C LEU B 418 19.28 -12.33 16.90
N GLY B 419 20.49 -11.95 17.33
CA GLY B 419 21.70 -12.56 16.84
C GLY B 419 21.89 -13.99 17.31
N SER B 420 21.13 -14.40 18.32
CA SER B 420 21.30 -15.73 18.90
C SER B 420 20.49 -16.76 18.13
N PHE B 421 19.65 -16.26 17.22
CA PHE B 421 18.82 -17.11 16.36
C PHE B 421 18.86 -16.51 14.96
N PRO B 422 19.86 -16.92 14.16
CA PRO B 422 20.24 -16.42 12.83
C PRO B 422 19.08 -16.39 11.83
N ASP B 423 18.16 -17.33 12.03
CA ASP B 423 17.02 -17.52 11.14
C ASP B 423 15.80 -16.74 11.60
N MET B 424 15.93 -16.07 12.74
CA MET B 424 14.82 -15.35 13.32
C MET B 424 14.64 -14.02 12.61
N ILE B 425 13.40 -13.74 12.22
CA ILE B 425 13.10 -12.52 11.49
C ILE B 425 12.63 -11.42 12.45
N ASN B 426 13.21 -10.23 12.29
CA ASN B 426 12.91 -9.10 13.17
C ASN B 426 11.68 -8.33 12.73
N ILE B 427 10.84 -7.98 13.69
CA ILE B 427 9.75 -7.02 13.51
C ILE B 427 10.15 -5.74 14.24
N PRO B 428 10.29 -4.63 13.51
CA PRO B 428 10.88 -3.41 14.08
C PRO B 428 10.34 -3.07 15.48
N ALA B 429 11.24 -2.97 16.45
CA ALA B 429 10.86 -2.78 17.86
C ALA B 429 10.05 -1.51 18.09
N LYS B 430 10.26 -0.50 17.26
CA LYS B 430 9.54 0.77 17.43
C LYS B 430 8.02 0.62 17.23
N ILE B 431 7.60 -0.38 16.45
CA ILE B 431 6.18 -0.59 16.21
C ILE B 431 5.49 -1.07 17.48
N SER B 432 4.37 -0.47 17.84
CA SER B 432 3.60 -1.01 18.96
C SER B 432 3.04 -2.38 18.57
N PHE B 433 3.21 -3.37 19.44
CA PHE B 433 2.73 -4.71 19.11
C PHE B 433 1.25 -4.71 18.77
N GLU B 434 0.49 -3.83 19.45
CA GLU B 434 -0.95 -3.73 19.26
C GLU B 434 -1.35 -3.44 17.81
N VAL B 435 -0.44 -2.89 17.03
CA VAL B 435 -0.64 -2.67 15.59
C VAL B 435 -0.95 -4.01 14.85
N LEU B 436 -0.29 -5.09 15.26
CA LEU B 436 -0.52 -6.40 14.63
C LEU B 436 -1.95 -6.89 14.76
N MET B 437 -2.53 -6.81 15.96
CA MET B 437 -3.91 -7.25 16.15
CA MET B 437 -3.91 -7.25 16.14
C MET B 437 -4.86 -6.38 15.34
N MET B 438 -4.59 -5.08 15.30
CA MET B 438 -5.44 -4.10 14.60
CA MET B 438 -5.53 -4.19 14.61
C MET B 438 -5.50 -4.34 13.09
N THR B 439 -4.41 -4.83 12.55
CA THR B 439 -4.25 -4.96 11.10
C THR B 439 -4.33 -6.45 10.66
N ASP B 440 -4.83 -7.29 11.56
CA ASP B 440 -5.01 -8.72 11.28
C ASP B 440 -3.70 -9.40 10.91
N MET B 441 -2.63 -9.02 11.61
CA MET B 441 -1.32 -9.54 11.28
C MET B 441 -0.68 -10.31 12.41
N LEU B 442 -1.50 -10.81 13.33
CA LEU B 442 -1.00 -11.72 14.34
C LEU B 442 -0.53 -13.03 13.70
N PRO B 443 0.49 -13.65 14.31
CA PRO B 443 1.02 -14.92 13.80
C PRO B 443 0.20 -16.10 14.31
N ASP B 444 0.70 -17.31 14.12
CA ASP B 444 0.01 -18.49 14.61
C ASP B 444 0.10 -18.64 16.13
N THR B 445 1.22 -18.22 16.70
CA THR B 445 1.35 -18.26 18.16
C THR B 445 2.29 -17.16 18.65
N VAL B 446 2.02 -16.69 19.87
CA VAL B 446 2.79 -15.62 20.46
C VAL B 446 3.20 -16.05 21.86
N ALA B 447 4.46 -15.85 22.22
CA ALA B 447 4.88 -16.15 23.59
C ALA B 447 6.04 -15.25 23.95
N GLY B 448 6.33 -15.14 25.23
CA GLY B 448 7.45 -14.34 25.66
C GLY B 448 7.19 -13.68 26.99
N ILE B 449 7.82 -12.52 27.21
CA ILE B 449 7.74 -11.87 28.50
C ILE B 449 6.43 -11.12 28.64
N ALA B 450 5.82 -11.23 29.82
CA ALA B 450 4.55 -10.58 30.12
C ALA B 450 4.55 -9.11 29.72
N SER B 451 3.40 -8.66 29.20
CA SER B 451 3.23 -7.28 28.77
C SER B 451 1.74 -7.05 28.56
N SER B 452 1.34 -5.78 28.60
N SER B 452 1.33 -5.77 28.56
CA SER B 452 -0.03 -5.40 28.32
CA SER B 452 -0.05 -5.41 28.28
C SER B 452 -0.49 -5.90 26.92
C SER B 452 -0.50 -5.92 26.92
N LEU B 453 0.45 -6.07 26.01
CA LEU B 453 0.13 -6.50 24.65
C LEU B 453 -0.63 -7.84 24.63
N TYR B 454 -0.47 -8.66 25.66
CA TYR B 454 -1.15 -9.95 25.71
C TYR B 454 -2.65 -9.81 25.98
N PHE B 455 -3.11 -8.61 26.34
CA PHE B 455 -4.53 -8.43 26.59
C PHE B 455 -5.36 -8.29 25.33
N THR B 456 -4.70 -8.15 24.18
CA THR B 456 -5.47 -8.10 22.93
C THR B 456 -5.04 -9.15 21.92
N ILE B 457 -4.62 -10.31 22.42
CA ILE B 457 -4.34 -11.47 21.57
C ILE B 457 -5.35 -12.57 21.87
N PRO B 458 -6.02 -13.12 20.84
CA PRO B 458 -6.92 -14.25 21.09
C PRO B 458 -6.25 -15.37 21.88
N ALA B 459 -6.98 -15.95 22.82
CA ALA B 459 -6.41 -16.97 23.71
C ALA B 459 -5.73 -18.09 22.94
N ASP B 460 -6.30 -18.50 21.82
CA ASP B 460 -5.74 -19.65 21.10
C ASP B 460 -4.39 -19.33 20.47
N LYS B 461 -4.03 -18.05 20.42
CA LYS B 461 -2.75 -17.65 19.86
C LYS B 461 -1.70 -17.35 20.94
N VAL B 462 -2.09 -17.45 22.21
CA VAL B 462 -1.15 -17.24 23.32
C VAL B 462 -0.58 -18.57 23.78
N ASN B 463 0.73 -18.73 23.64
CA ASN B 463 1.35 -20.01 23.98
C ASN B 463 1.75 -20.10 25.45
N PHE B 464 2.62 -19.20 25.89
CA PHE B 464 2.97 -19.08 27.31
C PHE B 464 3.36 -17.64 27.57
N ILE B 465 3.33 -17.25 28.84
CA ILE B 465 3.71 -15.91 29.24
C ILE B 465 4.69 -16.02 30.42
N VAL B 466 5.77 -15.28 30.33
CA VAL B 466 6.82 -15.32 31.34
C VAL B 466 6.81 -14.09 32.24
N PHE B 467 6.70 -14.31 33.54
CA PHE B 467 6.84 -13.23 34.50
C PHE B 467 8.26 -13.23 35.09
N THR B 468 8.83 -12.04 35.22
CA THR B 468 10.21 -11.86 35.68
C THR B 468 10.20 -11.23 37.06
N SER B 469 11.34 -11.28 37.75
CA SER B 469 11.42 -10.70 39.10
C SER B 469 11.03 -9.24 39.09
N SER B 470 10.16 -8.87 40.03
CA SER B 470 9.78 -7.47 40.18
C SER B 470 9.72 -7.19 41.67
N ASP B 471 9.28 -5.98 42.03
CA ASP B 471 9.15 -5.64 43.44
C ASP B 471 8.07 -6.46 44.14
N THR B 472 7.13 -7.03 43.37
CA THR B 472 6.02 -7.78 43.95
C THR B 472 6.01 -9.28 43.58
N ILE B 473 6.80 -9.66 42.58
CA ILE B 473 6.85 -11.04 42.11
C ILE B 473 8.26 -11.57 42.15
N THR B 474 8.52 -12.54 43.01
CA THR B 474 9.88 -13.06 43.12
C THR B 474 9.95 -14.58 42.96
N ASP B 475 8.81 -15.21 42.70
CA ASP B 475 8.80 -16.61 42.28
C ASP B 475 7.47 -16.94 41.59
N ARG B 476 7.34 -18.18 41.12
CA ARG B 476 6.16 -18.53 40.34
C ARG B 476 4.86 -18.46 41.16
N GLU B 477 4.89 -18.92 42.40
CA GLU B 477 3.68 -18.85 43.23
C GLU B 477 3.21 -17.41 43.38
N GLU B 478 4.15 -16.50 43.57
CA GLU B 478 3.81 -15.08 43.66
C GLU B 478 3.29 -14.54 42.33
N ALA B 479 3.80 -15.06 41.21
CA ALA B 479 3.26 -14.61 39.93
C ALA B 479 1.80 -15.04 39.80
N LEU B 480 1.52 -16.31 40.09
CA LEU B 480 0.18 -16.86 39.92
C LEU B 480 -0.85 -16.11 40.77
N LYS B 481 -0.42 -15.62 41.93
CA LYS B 481 -1.34 -14.96 42.86
C LYS B 481 -1.47 -13.46 42.58
N SER B 482 -0.63 -12.95 41.68
CA SER B 482 -0.62 -11.52 41.36
C SER B 482 -1.94 -11.10 40.71
N PRO B 483 -2.38 -9.84 40.95
CA PRO B 483 -3.59 -9.32 40.31
C PRO B 483 -3.59 -9.53 38.80
N LEU B 484 -2.46 -9.25 38.16
CA LEU B 484 -2.37 -9.37 36.71
C LEU B 484 -2.73 -10.76 36.24
N VAL B 485 -2.12 -11.78 36.85
CA VAL B 485 -2.40 -13.14 36.43
C VAL B 485 -3.83 -13.55 36.77
N GLN B 486 -4.31 -13.15 37.95
CA GLN B 486 -5.67 -13.47 38.36
C GLN B 486 -6.69 -12.92 37.35
N VAL B 487 -6.45 -11.72 36.82
CA VAL B 487 -7.32 -11.16 35.78
C VAL B 487 -7.22 -11.96 34.47
N MET B 488 -6.01 -12.30 34.09
CA MET B 488 -5.81 -13.06 32.86
C MET B 488 -6.45 -14.44 32.96
N LEU B 489 -6.40 -15.06 34.14
CA LEU B 489 -7.06 -16.35 34.34
C LEU B 489 -8.58 -16.22 34.19
N THR B 490 -9.13 -15.20 34.84
CA THR B 490 -10.55 -14.91 34.76
C THR B 490 -11.02 -14.64 33.33
N LEU B 491 -10.19 -13.92 32.57
CA LEU B 491 -10.53 -13.59 31.19
C LEU B 491 -10.26 -14.73 30.22
N GLY B 492 -9.60 -15.78 30.69
CA GLY B 492 -9.33 -16.92 29.85
C GLY B 492 -8.19 -16.72 28.87
N ILE B 493 -7.33 -15.74 29.16
CA ILE B 493 -6.22 -15.47 28.26
C ILE B 493 -5.15 -16.55 28.37
N VAL B 494 -4.89 -16.94 29.61
CA VAL B 494 -4.01 -18.07 29.92
C VAL B 494 -4.65 -18.97 30.96
N LYS B 495 -4.16 -20.20 31.05
CA LYS B 495 -4.41 -21.07 32.19
C LYS B 495 -3.12 -21.13 33.01
N GLU B 496 -3.20 -21.67 34.21
CA GLU B 496 -2.04 -21.61 35.10
C GLU B 496 -0.79 -22.25 34.49
N LYS B 497 -0.94 -23.34 33.74
CA LYS B 497 0.24 -24.00 33.17
C LYS B 497 0.95 -23.10 32.15
N ASP B 498 0.27 -22.05 31.69
CA ASP B 498 0.82 -21.14 30.69
C ASP B 498 1.67 -20.06 31.33
N VAL B 499 1.60 -19.96 32.66
CA VAL B 499 2.32 -18.93 33.41
C VAL B 499 3.68 -19.46 33.88
N LEU B 500 4.75 -18.83 33.40
CA LEU B 500 6.11 -19.22 33.78
C LEU B 500 6.79 -18.09 34.55
N PHE B 501 7.84 -18.45 35.30
CA PHE B 501 8.61 -17.45 36.02
C PHE B 501 10.10 -17.59 35.72
N TRP B 502 10.77 -16.47 35.47
CA TRP B 502 12.23 -16.45 35.30
C TRP B 502 12.80 -15.36 36.21
N ALA B 503 13.77 -15.71 37.04
CA ALA B 503 14.30 -14.76 38.01
C ALA B 503 15.06 -13.61 37.35
N LYS C 30 25.26 -10.51 3.14
CA LYS C 30 25.99 -11.11 4.26
C LYS C 30 26.19 -10.07 5.36
N GLU C 31 26.13 -10.49 6.61
CA GLU C 31 26.31 -9.55 7.71
C GLU C 31 27.38 -10.10 8.67
N THR C 32 28.38 -9.28 8.96
CA THR C 32 29.48 -9.66 9.86
C THR C 32 29.65 -8.64 10.98
N VAL C 33 29.73 -9.14 12.21
CA VAL C 33 30.03 -8.31 13.37
C VAL C 33 31.28 -8.85 14.07
N SER C 34 32.32 -8.02 14.16
CA SER C 34 33.59 -8.38 14.81
C SER C 34 33.86 -7.47 16.00
N SER C 35 34.45 -8.03 17.04
CA SER C 35 34.78 -7.25 18.23
C SER C 35 36.15 -7.62 18.77
N ASN C 36 36.85 -6.63 19.32
CA ASN C 36 38.12 -6.90 19.98
C ASN C 36 38.41 -5.86 21.05
N SER C 37 39.35 -6.18 21.92
CA SER C 37 39.71 -5.25 22.98
CA SER C 37 39.72 -5.30 23.03
C SER C 37 41.23 -5.18 23.12
N ALA C 38 41.71 -4.03 23.56
CA ALA C 38 43.14 -3.87 23.75
C ALA C 38 43.40 -2.82 24.82
N ASP C 39 44.51 -3.00 25.54
CA ASP C 39 45.03 -1.97 26.44
C ASP C 39 45.94 -1.07 25.64
N VAL C 40 45.82 0.23 25.84
CA VAL C 40 46.71 1.20 25.22
C VAL C 40 47.39 2.00 26.33
N VAL C 41 48.71 1.98 26.35
CA VAL C 41 49.49 2.72 27.35
C VAL C 41 49.40 4.21 27.07
N GLU C 42 49.23 5.00 28.12
CA GLU C 42 49.20 6.46 27.99
C GLU C 42 50.30 7.00 27.08
N THR C 43 49.90 7.92 26.19
CA THR C 43 50.72 8.55 25.16
C THR C 43 51.05 7.69 23.95
N GLU C 44 50.75 6.40 24.01
CA GLU C 44 51.04 5.54 22.86
C GLU C 44 49.87 5.52 21.87
N THR C 45 50.16 5.03 20.67
CA THR C 45 49.20 5.09 19.58
C THR C 45 48.65 3.70 19.28
N TYR C 46 47.35 3.64 19.06
CA TYR C 46 46.67 2.44 18.57
C TYR C 46 45.93 2.77 17.27
N GLN C 47 46.12 1.95 16.24
CA GLN C 47 45.43 2.23 14.99
C GLN C 47 44.08 1.51 14.93
N LEU C 48 43.02 2.30 14.95
CA LEU C 48 41.68 1.76 14.73
C LEU C 48 41.53 1.38 13.27
N THR C 49 40.99 0.20 13.03
CA THR C 49 40.85 -0.29 11.68
C THR C 49 39.76 -1.35 11.70
N PRO C 50 39.05 -1.52 10.58
CA PRO C 50 38.06 -2.60 10.56
C PRO C 50 38.74 -3.95 10.72
N ILE C 51 38.06 -4.89 11.36
CA ILE C 51 38.63 -6.22 11.54
C ILE C 51 38.30 -7.11 10.34
N ASP C 52 39.36 -7.58 9.67
CA ASP C 52 39.23 -8.52 8.54
C ASP C 52 38.19 -8.07 7.52
N ALA C 53 38.32 -6.85 7.04
CA ALA C 53 37.35 -6.26 6.13
C ALA C 53 37.99 -5.84 4.81
N PRO C 54 37.17 -5.56 3.77
CA PRO C 54 37.69 -5.10 2.49
C PRO C 54 38.44 -3.77 2.60
N SER C 55 39.15 -3.40 1.54
CA SER C 55 39.92 -2.16 1.52
C SER C 55 39.07 -0.92 1.36
N SER C 56 37.96 -1.04 0.64
CA SER C 56 37.07 0.07 0.36
C SER C 56 35.62 -0.37 0.49
N PHE C 57 34.76 0.59 0.80
CA PHE C 57 33.35 0.31 1.04
C PHE C 57 32.51 1.30 0.25
N LEU C 58 31.29 0.92 -0.09
CA LEU C 58 30.36 1.84 -0.74
C LEU C 58 30.03 2.99 0.20
N SER C 59 29.80 2.65 1.46
CA SER C 59 29.63 3.66 2.51
C SER C 59 30.23 3.11 3.79
N HIS C 60 30.62 4.02 4.68
CA HIS C 60 31.30 3.63 5.91
C HIS C 60 31.30 4.75 6.94
N SER C 61 31.45 4.39 8.21
CA SER C 61 31.54 5.39 9.25
C SER C 61 32.19 4.82 10.50
N TRP C 62 32.90 5.68 11.22
CA TRP C 62 33.34 5.39 12.58
C TRP C 62 32.53 6.24 13.53
N GLU C 63 32.20 5.68 14.70
CA GLU C 63 31.55 6.44 15.73
C GLU C 63 32.10 6.02 17.08
N GLN C 64 32.16 6.95 18.03
CA GLN C 64 32.58 6.64 19.39
C GLN C 64 31.37 6.41 20.28
N THR C 65 31.31 5.26 20.96
CA THR C 65 30.15 4.87 21.75
C THR C 65 30.41 4.90 23.25
N CYS C 66 31.66 5.06 23.65
CA CYS C 66 31.97 5.22 25.06
C CYS C 66 33.30 5.94 25.29
N GLY C 67 33.47 6.51 26.48
CA GLY C 67 34.66 7.27 26.79
C GLY C 67 34.49 8.76 26.55
N THR C 68 35.38 9.54 27.15
CA THR C 68 35.43 10.97 26.88
C THR C 68 35.49 11.18 25.37
N PRO C 69 34.59 12.01 24.82
CA PRO C 69 34.57 12.24 23.37
C PRO C 69 35.94 12.72 22.89
N ILE C 70 36.47 12.04 21.87
CA ILE C 70 37.86 12.25 21.46
C ILE C 70 38.01 12.10 19.94
N LEU C 71 36.96 11.60 19.31
CA LEU C 71 36.95 11.34 17.88
C LEU C 71 36.87 12.62 17.04
N ASN C 72 37.81 12.79 16.11
CA ASN C 72 37.79 13.93 15.20
C ASN C 72 36.77 13.73 14.08
N GLU C 73 36.16 14.82 13.64
CA GLU C 73 35.17 14.77 12.56
C GLU C 73 35.72 14.07 11.31
N SER C 74 36.98 14.32 11.00
CA SER C 74 37.63 13.77 9.83
C SER C 74 37.84 12.24 9.96
N ASP C 75 38.08 11.79 11.19
CA ASP C 75 38.32 10.38 11.43
C ASP C 75 37.05 9.56 11.25
N LYS C 76 35.89 10.19 11.39
CA LYS C 76 34.62 9.50 11.19
C LYS C 76 34.50 8.92 9.79
N GLN C 77 35.15 9.55 8.81
CA GLN C 77 35.07 9.05 7.44
C GLN C 77 36.37 8.35 7.03
N ALA C 78 37.27 8.13 7.99
CA ALA C 78 38.49 7.39 7.71
C ALA C 78 38.21 5.89 7.76
N ILE C 79 39.02 5.09 7.08
CA ILE C 79 38.94 3.65 7.24
C ILE C 79 39.75 3.28 8.48
N SER C 80 41.00 3.75 8.49
CA SER C 80 41.86 3.61 9.65
C SER C 80 42.29 4.96 10.17
N PHE C 81 42.45 5.09 11.49
CA PHE C 81 42.98 6.33 12.06
C PHE C 81 43.68 6.01 13.36
N ASP C 82 44.45 6.97 13.87
CA ASP C 82 45.24 6.76 15.07
C ASP C 82 44.53 7.28 16.32
N PHE C 83 44.47 6.42 17.34
CA PHE C 83 44.07 6.81 18.68
C PHE C 83 45.33 7.00 19.50
N VAL C 84 45.56 8.21 19.98
CA VAL C 84 46.68 8.47 20.87
C VAL C 84 46.11 8.52 22.27
N ALA C 85 46.50 7.55 23.11
CA ALA C 85 45.93 7.46 24.45
C ALA C 85 46.29 8.68 25.28
N PRO C 86 45.28 9.33 25.88
CA PRO C 86 45.53 10.48 26.75
C PRO C 86 46.18 10.10 28.08
N GLU C 87 46.69 11.10 28.78
CA GLU C 87 47.19 10.88 30.13
C GLU C 87 46.07 11.16 31.13
N LEU C 88 45.71 10.15 31.91
CA LEU C 88 44.51 10.18 32.74
C LEU C 88 44.84 10.02 34.22
N LYS C 89 43.85 10.26 35.08
CA LYS C 89 44.05 10.02 36.51
C LYS C 89 43.64 8.59 36.91
N GLN C 90 42.99 7.89 35.99
CA GLN C 90 42.58 6.50 36.22
C GLN C 90 42.33 5.85 34.87
N ASP C 91 42.30 4.51 34.85
CA ASP C 91 41.99 3.80 33.61
C ASP C 91 40.63 4.20 33.12
N GLU C 92 40.49 4.27 31.80
CA GLU C 92 39.23 4.63 31.17
C GLU C 92 39.05 3.86 29.88
N LYS C 93 37.81 3.47 29.58
CA LYS C 93 37.55 2.76 28.34
C LYS C 93 37.04 3.68 27.26
N TYR C 94 37.52 3.44 26.05
CA TYR C 94 37.09 4.16 24.87
C TYR C 94 36.63 3.12 23.90
N CYS C 95 35.40 3.26 23.43
CA CYS C 95 34.84 2.28 22.49
C CYS C 95 34.53 2.93 21.15
N PHE C 96 34.93 2.25 20.07
CA PHE C 96 34.72 2.77 18.73
C PHE C 96 34.03 1.72 17.88
N THR C 97 33.07 2.17 17.07
CA THR C 97 32.33 1.26 16.19
C THR C 97 32.43 1.71 14.75
N PHE C 98 32.90 0.78 13.91
CA PHE C 98 32.96 0.98 12.47
C PHE C 98 31.82 0.23 11.80
N LYS C 99 31.14 0.89 10.87
CA LYS C 99 30.12 0.26 10.04
C LYS C 99 30.51 0.51 8.59
N GLY C 100 30.57 -0.56 7.80
CA GLY C 100 30.91 -0.45 6.39
C GLY C 100 30.00 -1.31 5.55
N ILE C 101 29.58 -0.80 4.39
CA ILE C 101 28.71 -1.55 3.49
C ILE C 101 29.34 -1.69 2.11
N THR C 102 29.34 -2.90 1.57
CA THR C 102 29.71 -3.10 0.18
C THR C 102 28.51 -3.57 -0.61
N GLY C 103 28.74 -4.03 -1.83
CA GLY C 103 27.68 -4.49 -2.71
C GLY C 103 27.04 -5.77 -2.19
N ASP C 104 27.82 -6.54 -1.43
CA ASP C 104 27.37 -7.85 -0.96
C ASP C 104 27.46 -8.07 0.53
N HIS C 105 27.99 -7.09 1.26
CA HIS C 105 28.35 -7.41 2.63
C HIS C 105 28.24 -6.22 3.58
N ARG C 106 27.72 -6.45 4.78
CA ARG C 106 27.68 -5.38 5.78
C ARG C 106 28.66 -5.72 6.89
N TYR C 107 29.50 -4.75 7.25
CA TYR C 107 30.55 -4.98 8.24
C TYR C 107 30.40 -4.10 9.47
N ILE C 108 30.46 -4.70 10.65
CA ILE C 108 30.53 -3.93 11.87
C ILE C 108 31.75 -4.38 12.67
N THR C 109 32.60 -3.42 13.07
CA THR C 109 33.72 -3.70 13.97
C THR C 109 33.54 -2.87 15.23
N ASN C 110 33.59 -3.54 16.39
CA ASN C 110 33.53 -2.85 17.68
C ASN C 110 34.84 -3.05 18.41
N THR C 111 35.58 -1.98 18.66
CA THR C 111 36.87 -2.07 19.32
C THR C 111 36.81 -1.32 20.65
N THR C 112 37.17 -1.99 21.73
CA THR C 112 37.20 -1.40 23.06
C THR C 112 38.63 -1.23 23.54
N LEU C 113 39.03 0.02 23.73
CA LEU C 113 40.37 0.34 24.17
C LEU C 113 40.34 0.79 25.62
N THR C 114 41.20 0.20 26.44
CA THR C 114 41.37 0.67 27.81
C THR C 114 42.70 1.39 27.90
N VAL C 115 42.68 2.65 28.29
CA VAL C 115 43.91 3.42 28.49
C VAL C 115 44.49 3.07 29.86
N VAL C 116 45.73 2.60 29.86
CA VAL C 116 46.36 2.12 31.10
C VAL C 116 47.68 2.84 31.35
N ALA C 117 48.13 2.80 32.60
CA ALA C 117 49.42 3.34 32.93
C ALA C 117 50.54 2.50 32.32
N PRO C 118 51.69 3.13 32.04
CA PRO C 118 52.84 2.33 31.65
C PRO C 118 53.28 1.42 32.79
N THR C 119 54.00 0.37 32.44
CA THR C 119 54.52 -0.57 33.43
C THR C 119 56.04 -0.59 33.44
N LEU C 120 56.61 -0.50 34.64
CA LEU C 120 58.04 -0.68 34.89
C LEU C 120 58.22 -2.03 35.58
N GLU C 121 59.03 -2.91 35.00
CA GLU C 121 59.32 -4.22 35.61
C GLU C 121 60.65 -4.12 36.35
N VAL C 122 60.64 -4.52 37.62
CA VAL C 122 61.82 -4.39 38.47
C VAL C 122 62.24 -5.79 38.91
N TYR C 123 63.48 -6.12 38.64
CA TYR C 123 64.04 -7.46 38.89
C TYR C 123 65.21 -7.38 39.85
N ILE C 124 65.14 -8.13 40.96
CA ILE C 124 66.21 -8.08 41.97
C ILE C 124 66.49 -9.48 42.48
N ASP C 125 67.75 -9.93 42.37
CA ASP C 125 68.12 -11.25 42.89
C ASP C 125 69.61 -11.39 43.07
N HIS C 126 70.00 -12.14 44.10
CA HIS C 126 71.40 -12.34 44.39
C HIS C 126 71.79 -13.81 44.19
N ALA C 127 70.81 -14.62 43.81
CA ALA C 127 71.07 -16.05 43.64
C ALA C 127 71.10 -16.42 42.15
N SER C 128 70.74 -17.67 41.81
CA SER C 128 70.79 -18.10 40.41
C SER C 128 69.40 -18.36 39.85
N LEU C 129 68.69 -19.25 40.51
CA LEU C 129 67.41 -19.73 39.99
C LEU C 129 66.37 -18.64 39.75
N PRO C 130 66.16 -17.71 40.72
CA PRO C 130 65.24 -16.60 40.45
C PRO C 130 65.66 -15.77 39.23
N SER C 131 66.96 -15.49 39.10
CA SER C 131 67.43 -14.71 37.94
C SER C 131 67.17 -15.45 36.63
N LEU C 132 67.38 -16.76 36.62
CA LEU C 132 67.19 -17.54 35.41
C LEU C 132 65.73 -17.59 34.99
N GLN C 133 64.82 -17.77 35.95
CA GLN C 133 63.39 -17.77 35.68
C GLN C 133 62.95 -16.40 35.19
N GLN C 134 63.49 -15.37 35.83
CA GLN C 134 63.15 -14.00 35.46
C GLN C 134 63.65 -13.69 34.06
N LEU C 135 64.82 -14.21 33.69
CA LEU C 135 65.38 -13.94 32.37
C LEU C 135 64.49 -14.51 31.29
N ILE C 136 63.99 -15.73 31.49
CA ILE C 136 63.04 -16.30 30.53
C ILE C 136 61.77 -15.44 30.45
N HIS C 137 61.30 -14.96 31.58
CA HIS C 137 60.11 -14.13 31.58
C HIS C 137 60.35 -12.83 30.80
N ILE C 138 61.52 -12.23 31.01
CA ILE C 138 61.92 -11.00 30.32
C ILE C 138 61.96 -11.18 28.81
N ILE C 139 62.53 -12.29 28.36
CA ILE C 139 62.63 -12.56 26.93
C ILE C 139 61.23 -12.66 26.31
N GLN C 140 60.32 -13.32 27.00
CA GLN C 140 58.92 -13.39 26.56
C GLN C 140 58.25 -12.03 26.59
N ALA C 141 58.49 -11.29 27.66
CA ALA C 141 57.81 -10.02 27.90
C ALA C 141 58.27 -8.95 26.93
N LYS C 142 59.51 -9.03 26.45
CA LYS C 142 60.01 -8.06 25.47
C LYS C 142 59.16 -8.11 24.21
N ASP C 143 58.74 -9.31 23.85
CA ASP C 143 57.91 -9.48 22.67
C ASP C 143 56.44 -9.14 22.96
N GLU C 144 55.94 -9.55 24.11
CA GLU C 144 54.54 -9.37 24.42
C GLU C 144 54.23 -7.92 24.84
N TYR C 145 55.18 -7.27 25.51
CA TYR C 145 55.01 -5.91 26.01
C TYR C 145 56.21 -5.04 25.64
N PRO C 146 56.33 -4.70 24.36
CA PRO C 146 57.52 -4.03 23.86
C PRO C 146 57.64 -2.61 24.41
N SER C 147 56.59 -2.13 25.06
CA SER C 147 56.57 -0.80 25.65
C SER C 147 57.19 -0.75 27.04
N ASN C 148 57.27 -1.89 27.71
CA ASN C 148 57.74 -1.91 29.10
C ASN C 148 59.25 -1.68 29.27
N GLN C 149 59.62 -0.83 30.22
CA GLN C 149 61.02 -0.70 30.63
C GLN C 149 61.29 -1.66 31.77
N ARG C 150 62.54 -2.15 31.85
CA ARG C 150 62.95 -3.11 32.87
C ARG C 150 64.21 -2.64 33.58
N PHE C 151 64.17 -2.67 34.91
CA PHE C 151 65.35 -2.38 35.73
C PHE C 151 65.79 -3.69 36.33
N VAL C 152 67.07 -4.01 36.18
CA VAL C 152 67.53 -5.32 36.61
C VAL C 152 68.78 -5.25 37.50
N SER C 153 68.68 -5.86 38.68
CA SER C 153 69.82 -5.99 39.59
C SER C 153 70.03 -7.46 39.94
N TRP C 154 70.93 -8.11 39.22
CA TRP C 154 71.24 -9.53 39.44
C TRP C 154 72.70 -9.67 39.80
N LYS C 155 73.01 -10.47 40.83
CA LYS C 155 74.38 -10.62 41.29
C LYS C 155 75.16 -11.64 40.47
N ARG C 156 74.46 -12.68 39.99
CA ARG C 156 75.13 -13.81 39.33
C ARG C 156 74.94 -13.83 37.82
N VAL C 157 73.74 -13.48 37.35
CA VAL C 157 73.49 -13.39 35.92
C VAL C 157 73.82 -12.00 35.41
N THR C 158 74.72 -11.93 34.42
CA THR C 158 75.23 -10.67 33.96
C THR C 158 74.73 -10.32 32.57
N VAL C 159 74.03 -9.19 32.46
CA VAL C 159 73.52 -8.73 31.16
C VAL C 159 74.36 -7.58 30.64
N ASP C 160 75.10 -7.81 29.55
CA ASP C 160 75.94 -6.75 29.01
C ASP C 160 75.08 -5.73 28.27
N ALA C 161 75.70 -4.65 27.83
CA ALA C 161 74.98 -3.51 27.28
C ALA C 161 74.18 -3.85 26.02
N ASP C 162 74.77 -4.62 25.13
CA ASP C 162 74.14 -5.04 23.89
C ASP C 162 72.90 -5.91 24.14
N ASN C 163 73.04 -6.91 24.99
CA ASN C 163 71.91 -7.75 25.33
C ASN C 163 70.86 -6.98 26.12
N ALA C 164 71.31 -6.05 26.96
CA ALA C 164 70.38 -5.21 27.72
C ALA C 164 69.50 -4.39 26.78
N ASN C 165 70.10 -3.86 25.71
CA ASN C 165 69.34 -3.08 24.75
C ASN C 165 68.29 -3.93 24.03
N LYS C 166 68.62 -5.18 23.75
CA LYS C 166 67.66 -6.10 23.13
C LYS C 166 66.42 -6.37 23.98
N LEU C 167 66.55 -6.18 25.29
CA LEU C 167 65.49 -6.58 26.20
C LEU C 167 64.88 -5.40 26.97
N ASN C 168 65.24 -4.17 26.56
CA ASN C 168 64.79 -2.93 27.22
C ASN C 168 65.14 -2.97 28.71
N ILE C 169 66.35 -3.44 29.00
CA ILE C 169 66.87 -3.53 30.37
C ILE C 169 67.84 -2.40 30.66
N HIS C 170 67.70 -1.78 31.83
CA HIS C 170 68.75 -0.95 32.39
C HIS C 170 69.23 -1.66 33.65
N THR C 171 70.53 -1.96 33.73
CA THR C 171 71.06 -2.67 34.92
C THR C 171 71.54 -1.72 36.01
N TYR C 172 71.30 -2.13 37.25
CA TYR C 172 71.74 -1.40 38.44
C TYR C 172 72.46 -2.32 39.40
N PRO C 173 73.44 -1.77 40.14
CA PRO C 173 74.16 -2.60 41.12
C PRO C 173 73.28 -3.01 42.29
N LEU C 174 73.70 -4.05 43.01
CA LEU C 174 73.14 -4.35 44.30
C LEU C 174 73.96 -3.67 45.38
N LYS C 175 73.36 -3.42 46.54
CA LYS C 175 74.13 -3.08 47.73
C LYS C 175 74.32 -4.37 48.50
N GLY C 176 75.47 -5.00 48.34
CA GLY C 176 75.68 -6.33 48.88
C GLY C 176 74.79 -7.33 48.16
N ASN C 177 73.82 -7.91 48.86
CA ASN C 177 72.88 -8.84 48.23
C ASN C 177 71.53 -8.21 47.90
N ASN C 178 71.37 -6.94 48.26
CA ASN C 178 70.06 -6.34 48.21
C ASN C 178 69.94 -5.08 47.42
N THR C 179 68.70 -4.62 47.33
CA THR C 179 68.34 -3.43 46.58
C THR C 179 69.27 -2.28 46.87
N SER C 180 69.80 -1.64 45.82
CA SER C 180 70.74 -0.54 45.98
C SER C 180 70.05 0.81 46.05
N PRO C 181 70.71 1.80 46.66
CA PRO C 181 70.16 3.15 46.56
C PRO C 181 70.12 3.62 45.11
N GLU C 182 71.03 3.13 44.27
CA GLU C 182 71.02 3.49 42.86
C GLU C 182 69.72 3.06 42.21
N MET C 183 69.29 1.83 42.48
CA MET C 183 68.03 1.36 41.92
C MET C 183 66.85 2.14 42.48
N VAL C 184 66.86 2.41 43.78
CA VAL C 184 65.78 3.17 44.41
C VAL C 184 65.65 4.53 43.76
N ALA C 185 66.79 5.18 43.54
CA ALA C 185 66.81 6.53 42.93
C ALA C 185 66.31 6.48 41.49
N ALA C 186 66.70 5.42 40.77
CA ALA C 186 66.26 5.28 39.38
C ALA C 186 64.75 5.07 39.31
N ILE C 187 64.19 4.29 40.22
CA ILE C 187 62.74 4.05 40.20
C ILE C 187 62.01 5.34 40.56
N ASP C 188 62.52 6.07 41.55
CA ASP C 188 61.91 7.34 41.92
C ASP C 188 61.86 8.31 40.75
N GLU C 189 62.96 8.40 40.01
CA GLU C 189 63.05 9.29 38.86
C GLU C 189 62.10 8.84 37.74
N TYR C 190 62.03 7.53 37.53
CA TYR C 190 61.19 7.00 36.48
C TYR C 190 59.74 7.31 36.79
N ALA C 191 59.36 7.09 38.04
CA ALA C 191 57.99 7.36 38.47
C ALA C 191 57.66 8.84 38.31
N GLN C 192 58.61 9.71 38.68
CA GLN C 192 58.33 11.14 38.56
C GLN C 192 58.05 11.53 37.12
N SER C 193 58.69 10.84 36.19
CA SER C 193 58.61 11.21 34.78
C SER C 193 57.31 10.78 34.09
N LYS C 194 56.53 9.95 34.76
CA LYS C 194 55.32 9.40 34.16
C LYS C 194 54.07 9.96 34.83
N ASN C 195 53.01 10.08 34.05
CA ASN C 195 51.74 10.57 34.57
C ASN C 195 51.14 9.58 35.56
N ARG C 196 51.24 8.30 35.23
CA ARG C 196 50.86 7.20 36.12
C ARG C 196 51.87 6.09 35.92
N LEU C 197 52.03 5.21 36.91
CA LEU C 197 52.96 4.11 36.74
C LEU C 197 52.51 2.85 37.48
N ASN C 198 52.57 1.71 36.80
CA ASN C 198 52.47 0.41 37.45
C ASN C 198 53.86 -0.18 37.63
N ILE C 199 54.13 -0.74 38.81
CA ILE C 199 55.40 -1.44 39.01
C ILE C 199 55.13 -2.90 39.25
N GLU C 200 55.80 -3.75 38.48
CA GLU C 200 55.80 -5.20 38.72
C GLU C 200 57.14 -5.58 39.33
N PHE C 201 57.11 -6.32 40.44
CA PHE C 201 58.32 -6.75 41.11
C PHE C 201 58.59 -8.22 40.86
N TYR C 202 59.85 -8.57 40.67
CA TYR C 202 60.29 -9.96 40.53
C TYR C 202 61.51 -10.15 41.41
N THR C 203 61.43 -11.03 42.39
CA THR C 203 62.57 -11.19 43.25
C THR C 203 62.58 -12.56 43.93
N ASN C 204 63.51 -12.71 44.85
CA ASN C 204 63.83 -13.93 45.59
C ASN C 204 62.91 -14.05 46.80
N THR C 205 62.24 -15.19 46.95
CA THR C 205 61.24 -15.36 48.01
C THR C 205 61.84 -15.18 49.40
N ALA C 206 62.96 -15.85 49.67
CA ALA C 206 63.58 -15.79 50.99
C ALA C 206 64.03 -14.35 51.32
N HIS C 207 64.28 -13.56 50.29
CA HIS C 207 64.84 -12.24 50.55
CA HIS C 207 64.91 -12.24 50.32
C HIS C 207 63.94 -11.08 50.15
N VAL C 208 62.65 -11.38 49.98
CA VAL C 208 61.69 -10.36 49.54
C VAL C 208 61.63 -9.17 50.50
N PHE C 209 61.72 -9.42 51.80
CA PHE C 209 61.63 -8.32 52.76
C PHE C 209 62.88 -7.44 52.76
N ASN C 210 63.99 -7.98 52.32
CA ASN C 210 65.18 -7.17 52.20
C ASN C 210 65.17 -6.33 50.93
N ASN C 211 64.41 -6.78 49.93
CA ASN C 211 64.48 -6.11 48.62
C ASN C 211 63.36 -5.15 48.29
N LEU C 212 62.13 -5.42 48.71
CA LEU C 212 61.01 -4.58 48.25
C LEU C 212 60.68 -3.37 49.13
N PRO C 213 60.72 -3.50 50.47
CA PRO C 213 60.41 -2.29 51.25
C PRO C 213 61.23 -1.02 50.91
N PRO C 214 62.54 -1.15 50.55
CA PRO C 214 63.24 0.11 50.20
C PRO C 214 62.67 0.85 48.99
N ILE C 215 61.93 0.15 48.13
CA ILE C 215 61.31 0.78 46.99
C ILE C 215 59.87 1.17 47.30
N ILE C 216 59.14 0.26 47.95
CA ILE C 216 57.74 0.48 48.24
C ILE C 216 57.53 1.64 49.22
N GLN C 217 58.35 1.70 50.26
CA GLN C 217 58.17 2.71 51.30
C GLN C 217 58.20 4.16 50.78
N PRO C 218 59.26 4.56 50.06
CA PRO C 218 59.24 5.98 49.67
C PRO C 218 58.18 6.29 48.61
N LEU C 219 57.62 5.29 47.97
CA LEU C 219 56.58 5.52 46.96
C LEU C 219 55.18 5.35 47.52
N TYR C 220 55.07 4.96 48.79
CA TYR C 220 53.81 4.48 49.35
C TYR C 220 52.66 5.49 49.24
N ASN C 221 52.94 6.76 49.47
CA ASN C 221 51.90 7.78 49.43
C ASN C 221 51.82 8.50 48.09
N ASN C 222 52.54 7.99 47.10
CA ASN C 222 52.44 8.54 45.75
C ASN C 222 51.28 7.89 45.04
N GLU C 223 50.17 8.62 44.94
CA GLU C 223 48.91 8.09 44.41
C GLU C 223 48.93 7.72 42.92
N LYS C 224 49.94 8.16 42.18
CA LYS C 224 49.98 7.83 40.75
C LYS C 224 50.74 6.52 40.51
N VAL C 225 51.36 6.00 41.56
CA VAL C 225 52.16 4.76 41.46
C VAL C 225 51.46 3.57 42.08
N LYS C 226 51.30 2.49 41.33
CA LYS C 226 50.67 1.30 41.87
C LYS C 226 51.60 0.09 41.73
N ILE C 227 51.72 -0.68 42.79
CA ILE C 227 52.39 -1.97 42.71
C ILE C 227 51.36 -2.97 42.17
N SER C 228 51.47 -3.30 40.89
CA SER C 228 50.43 -4.06 40.22
C SER C 228 50.64 -5.57 40.36
N HIS C 229 51.87 -5.99 40.62
CA HIS C 229 52.16 -7.43 40.75
C HIS C 229 53.49 -7.72 41.41
N ILE C 230 53.52 -8.83 42.16
CA ILE C 230 54.76 -9.30 42.76
C ILE C 230 54.91 -10.77 42.42
N SER C 231 56.07 -11.13 41.89
CA SER C 231 56.42 -12.52 41.59
C SER C 231 57.63 -12.91 42.41
N LEU C 232 57.47 -13.93 43.24
CA LEU C 232 58.53 -14.39 44.14
C LEU C 232 58.97 -15.78 43.74
N TYR C 233 60.28 -15.98 43.68
CA TYR C 233 60.86 -17.25 43.24
C TYR C 233 61.75 -17.81 44.31
N ASP C 234 61.57 -19.10 44.61
CA ASP C 234 62.53 -19.81 45.46
C ASP C 234 63.93 -19.75 44.87
N ASP C 235 64.96 -19.64 45.71
CA ASP C 235 66.32 -19.72 45.16
C ASP C 235 66.92 -21.11 45.30
N GLY C 236 66.33 -21.94 46.14
CA GLY C 236 66.82 -23.30 46.27
C GLY C 236 66.35 -23.99 47.53
N SER C 237 67.22 -24.80 48.11
CA SER C 237 66.83 -25.61 49.26
C SER C 237 66.55 -24.77 50.50
N SER C 238 67.10 -23.57 50.56
CA SER C 238 67.00 -22.78 51.78
C SER C 238 65.55 -22.50 52.17
N GLU C 239 64.67 -22.24 51.21
CA GLU C 239 63.26 -22.01 51.52
C GLU C 239 62.62 -23.25 52.15
N TYR C 240 63.06 -24.44 51.73
CA TYR C 240 62.46 -25.68 52.19
C TYR C 240 62.95 -26.08 53.56
N VAL C 241 64.23 -25.83 53.83
CA VAL C 241 64.77 -26.02 55.17
C VAL C 241 64.09 -25.09 56.16
N SER C 242 63.84 -23.85 55.75
CA SER C 242 63.20 -22.89 56.63
C SER C 242 61.78 -23.32 56.95
N LEU C 243 61.06 -23.81 55.96
CA LEU C 243 59.71 -24.30 56.18
C LEU C 243 59.69 -25.50 57.13
N TYR C 244 60.64 -26.41 56.92
CA TYR C 244 60.79 -27.59 57.77
C TYR C 244 60.99 -27.17 59.23
N GLN C 245 61.85 -26.18 59.46
CA GLN C 245 62.16 -25.74 60.81
C GLN C 245 60.99 -24.99 61.45
N TRP C 246 60.06 -24.55 60.62
CA TRP C 246 58.95 -23.73 61.09
C TRP C 246 57.65 -24.52 61.23
N LYS C 247 57.57 -25.67 60.58
CA LYS C 247 56.29 -26.34 60.36
C LYS C 247 55.59 -26.81 61.64
N ASP C 248 56.36 -27.00 62.71
CA ASP C 248 55.78 -27.49 63.96
C ASP C 248 55.49 -26.38 64.96
N THR C 249 55.70 -25.13 64.55
CA THR C 249 55.41 -23.99 65.41
C THR C 249 53.93 -23.94 65.79
N PRO C 250 53.63 -23.83 67.10
CA PRO C 250 52.23 -23.77 67.54
C PRO C 250 51.51 -22.51 67.06
N ASN C 251 50.28 -22.66 66.57
CA ASN C 251 49.47 -21.53 66.14
C ASN C 251 50.14 -20.70 65.05
N LYS C 252 50.91 -21.33 64.17
CA LYS C 252 51.78 -20.60 63.26
C LYS C 252 51.01 -19.77 62.22
N ILE C 253 49.89 -20.29 61.72
CA ILE C 253 49.09 -19.52 60.74
C ILE C 253 48.41 -18.34 61.42
N GLU C 254 47.89 -18.56 62.63
CA GLU C 254 47.32 -17.48 63.41
C GLU C 254 48.35 -16.37 63.63
N THR C 255 49.60 -16.75 63.94
CA THR C 255 50.67 -15.77 64.08
C THR C 255 50.98 -15.09 62.75
N LEU C 256 51.03 -15.90 61.69
CA LEU C 256 51.25 -15.39 60.33
C LEU C 256 50.20 -14.34 59.98
N GLU C 257 48.94 -14.71 60.19
CA GLU C 257 47.82 -13.80 60.00
C GLU C 257 47.96 -12.54 60.85
N GLY C 258 48.48 -12.71 62.05
CA GLY C 258 48.63 -11.59 62.96
C GLY C 258 49.70 -10.62 62.50
N GLU C 259 50.61 -11.09 61.66
CA GLU C 259 51.70 -10.23 61.23
C GLU C 259 51.40 -9.49 59.93
N VAL C 260 50.23 -9.72 59.35
CA VAL C 260 49.86 -8.96 58.15
C VAL C 260 49.87 -7.46 58.43
N SER C 261 49.27 -7.04 59.55
CA SER C 261 49.24 -5.61 59.88
C SER C 261 50.63 -5.05 60.14
N LEU C 262 51.52 -5.90 60.66
CA LEU C 262 52.91 -5.53 60.91
C LEU C 262 53.59 -5.18 59.60
N LEU C 263 53.46 -6.06 58.61
CA LEU C 263 54.00 -5.79 57.28
C LEU C 263 53.37 -4.55 56.68
N ALA C 264 52.04 -4.47 56.74
CA ALA C 264 51.29 -3.36 56.15
C ALA C 264 51.73 -2.01 56.70
N ASN C 265 51.83 -1.92 58.03
CA ASN C 265 52.19 -0.65 58.68
C ASN C 265 53.67 -0.30 58.47
N TYR C 266 54.50 -1.32 58.35
CA TYR C 266 55.92 -1.10 58.09
C TYR C 266 56.10 -0.47 56.71
N LEU C 267 55.38 -1.02 55.74
CA LEU C 267 55.44 -0.50 54.37
C LEU C 267 54.86 0.91 54.27
N ALA C 268 53.79 1.15 55.03
CA ALA C 268 53.09 2.43 55.01
C ALA C 268 53.87 3.51 55.74
N GLY C 269 54.90 3.10 56.47
CA GLY C 269 55.70 4.05 57.23
C GLY C 269 54.91 4.60 58.42
N THR C 270 54.06 3.77 59.01
CA THR C 270 53.30 4.22 60.18
C THR C 270 53.74 3.44 61.42
N SER C 271 54.69 2.54 61.22
CA SER C 271 55.32 1.81 62.30
C SER C 271 56.70 1.36 61.88
N PRO C 272 57.66 1.39 62.81
CA PRO C 272 59.02 0.92 62.55
C PRO C 272 59.17 -0.57 62.82
N ASP C 273 58.12 -1.17 63.38
CA ASP C 273 58.15 -2.57 63.76
C ASP C 273 57.91 -3.44 62.53
N ALA C 274 58.80 -4.37 62.29
CA ALA C 274 58.72 -5.21 61.10
C ALA C 274 58.31 -6.63 61.46
N PRO C 275 57.61 -7.31 60.54
CA PRO C 275 57.30 -8.71 60.81
C PRO C 275 58.58 -9.50 60.82
N LYS C 276 58.70 -10.46 61.72
CA LYS C 276 59.88 -11.31 61.79
C LYS C 276 59.54 -12.68 61.23
N GLY C 277 60.54 -13.35 60.66
CA GLY C 277 60.36 -14.70 60.18
C GLY C 277 59.40 -14.80 59.02
N MET C 278 58.61 -15.87 59.03
CA MET C 278 57.75 -16.19 57.88
C MET C 278 56.77 -15.08 57.56
N GLY C 279 56.45 -14.26 58.56
CA GLY C 279 55.51 -13.17 58.40
C GLY C 279 55.96 -12.07 57.47
N ASN C 280 57.26 -11.99 57.18
CA ASN C 280 57.74 -11.01 56.22
C ASN C 280 57.98 -11.66 54.84
N ARG C 281 57.61 -12.93 54.72
CA ARG C 281 57.86 -13.72 53.52
C ARG C 281 56.55 -14.16 52.83
N TYR C 282 55.60 -14.69 53.61
CA TYR C 282 54.42 -15.32 53.04
C TYR C 282 53.13 -14.55 53.31
N ASN C 283 53.24 -13.24 53.53
CA ASN C 283 52.09 -12.36 53.69
C ASN C 283 51.91 -11.36 52.55
N TRP C 284 52.77 -11.43 51.55
CA TRP C 284 52.72 -10.42 50.49
C TRP C 284 51.43 -10.54 49.69
N HIS C 285 50.91 -11.76 49.56
CA HIS C 285 49.70 -11.97 48.79
C HIS C 285 48.47 -11.40 49.51
N LYS C 286 48.64 -11.06 50.78
CA LYS C 286 47.55 -10.44 51.52
C LYS C 286 47.49 -8.94 51.21
N LEU C 287 48.55 -8.39 50.66
CA LEU C 287 48.63 -6.95 50.44
C LEU C 287 48.73 -6.54 48.96
N TYR C 288 49.25 -7.44 48.13
CA TYR C 288 49.43 -7.18 46.71
C TYR C 288 49.11 -8.43 45.91
N ASP C 289 48.84 -8.26 44.62
N ASP C 289 48.85 -8.25 44.62
CA ASP C 289 48.69 -9.40 43.73
CA ASP C 289 48.72 -9.39 43.71
C ASP C 289 50.04 -10.10 43.61
C ASP C 289 50.05 -10.10 43.60
N THR C 290 50.17 -11.26 44.24
CA THR C 290 51.44 -11.95 44.40
C THR C 290 51.37 -13.40 43.97
N ASP C 291 52.37 -13.84 43.22
CA ASP C 291 52.57 -15.26 42.94
C ASP C 291 53.81 -15.72 43.68
N TYR C 292 53.70 -16.84 44.38
CA TYR C 292 54.83 -17.49 44.98
C TYR C 292 55.21 -18.69 44.13
N TYR C 293 56.33 -18.62 43.43
CA TYR C 293 56.76 -19.74 42.61
C TYR C 293 57.64 -20.65 43.44
N PHE C 294 57.11 -21.85 43.70
CA PHE C 294 57.78 -22.89 44.46
C PHE C 294 58.54 -23.84 43.53
N LEU C 295 59.79 -24.13 43.88
CA LEU C 295 60.57 -25.17 43.25
C LEU C 295 59.89 -26.53 43.30
N ARG C 296 59.33 -26.79 44.47
CA ARG C 296 58.53 -27.97 44.69
C ARG C 296 57.26 -27.61 45.45
N GLU C 297 56.24 -27.15 44.71
CA GLU C 297 54.99 -26.75 45.35
C GLU C 297 54.35 -27.92 46.11
N ASP C 298 54.61 -29.14 45.65
CA ASP C 298 54.02 -30.30 46.27
C ASP C 298 54.56 -30.55 47.68
N TYR C 299 55.60 -29.83 48.09
CA TYR C 299 56.04 -29.92 49.48
C TYR C 299 54.90 -29.51 50.41
N LEU C 300 54.09 -28.55 49.97
CA LEU C 300 52.98 -28.07 50.80
C LEU C 300 51.89 -29.12 50.94
N ASP C 301 51.94 -30.12 50.06
CA ASP C 301 51.02 -31.27 50.08
C ASP C 301 51.57 -32.41 50.92
N VAL C 302 52.80 -32.80 50.64
CA VAL C 302 53.36 -34.00 51.27
C VAL C 302 53.66 -33.81 52.75
N GLU C 303 53.94 -32.58 53.16
CA GLU C 303 54.13 -32.31 54.58
C GLU C 303 52.85 -31.82 55.22
N ALA C 304 52.23 -32.70 56.00
CA ALA C 304 50.89 -32.45 56.51
C ALA C 304 50.86 -31.23 57.42
N ASN C 305 51.98 -30.94 58.07
CA ASN C 305 52.04 -29.79 58.96
C ASN C 305 52.20 -28.51 58.19
N LEU C 306 52.14 -28.58 56.87
CA LEU C 306 52.18 -27.39 56.04
C LEU C 306 50.89 -27.21 55.25
N HIS C 307 49.91 -28.09 55.47
CA HIS C 307 48.61 -27.97 54.83
C HIS C 307 47.93 -26.67 55.19
N ASP C 308 48.16 -26.19 56.41
CA ASP C 308 47.57 -24.94 56.85
C ASP C 308 48.22 -23.75 56.10
N LEU C 309 49.51 -23.84 55.80
CA LEU C 309 50.15 -22.80 54.97
C LEU C 309 49.63 -22.91 53.53
N ARG C 310 49.48 -24.14 53.05
CA ARG C 310 48.93 -24.36 51.71
C ARG C 310 47.59 -23.67 51.52
N ASP C 311 46.70 -23.82 52.50
CA ASP C 311 45.39 -23.17 52.44
C ASP C 311 45.52 -21.66 52.55
N TYR C 312 46.46 -21.21 53.37
CA TYR C 312 46.65 -19.80 53.62
C TYR C 312 47.11 -19.06 52.35
N LEU C 313 47.96 -19.72 51.57
CA LEU C 313 48.46 -19.12 50.33
C LEU C 313 47.43 -19.23 49.22
N GLY C 314 46.65 -20.32 49.24
CA GLY C 314 45.59 -20.52 48.27
C GLY C 314 46.13 -20.44 46.85
N SER C 315 45.44 -19.71 45.98
CA SER C 315 45.82 -19.67 44.56
C SER C 315 47.13 -18.93 44.30
N SER C 316 47.67 -18.23 45.29
CA SER C 316 48.94 -17.53 45.09
C SER C 316 50.16 -18.46 45.04
N ALA C 317 50.02 -19.68 45.57
CA ALA C 317 51.10 -20.68 45.45
C ALA C 317 51.12 -21.29 44.05
N LYS C 318 52.28 -21.23 43.40
CA LYS C 318 52.41 -21.74 42.05
C LYS C 318 53.58 -22.69 41.94
N GLN C 319 53.55 -23.55 40.93
CA GLN C 319 54.69 -24.41 40.66
C GLN C 319 55.57 -23.73 39.62
N MET C 320 56.84 -23.57 39.96
CA MET C 320 57.84 -23.05 39.04
C MET C 320 57.97 -23.95 37.81
N PRO C 321 57.87 -23.38 36.60
CA PRO C 321 57.97 -24.24 35.41
C PRO C 321 59.42 -24.55 35.03
N TRP C 322 59.64 -25.75 34.48
CA TRP C 322 60.96 -26.18 34.07
C TRP C 322 61.10 -26.23 32.55
N ASP C 323 60.02 -25.97 31.84
CA ASP C 323 59.98 -26.23 30.41
C ASP C 323 59.77 -25.01 29.51
N GLU C 324 59.95 -23.80 30.04
CA GLU C 324 59.69 -22.60 29.25
C GLU C 324 60.79 -22.29 28.24
N PHE C 325 62.03 -22.64 28.56
CA PHE C 325 63.13 -22.44 27.62
C PHE C 325 62.82 -23.16 26.30
N ALA C 326 62.32 -24.38 26.38
CA ALA C 326 62.06 -25.17 25.17
C ALA C 326 60.95 -24.55 24.33
N LYS C 327 60.10 -23.73 24.96
CA LYS C 327 59.01 -23.08 24.22
C LYS C 327 59.44 -21.75 23.60
N LEU C 328 60.63 -21.27 23.95
CA LEU C 328 61.19 -20.08 23.31
C LEU C 328 61.56 -20.41 21.87
N SER C 329 61.60 -19.38 21.02
CA SER C 329 62.10 -19.54 19.66
C SER C 329 63.59 -19.83 19.72
N ASP C 330 64.15 -20.32 18.61
CA ASP C 330 65.57 -20.63 18.60
CA ASP C 330 65.58 -20.59 18.54
C ASP C 330 66.40 -19.36 18.83
N SER C 331 65.94 -18.23 18.30
CA SER C 331 66.64 -16.96 18.47
C SER C 331 66.60 -16.50 19.93
N GLN C 332 65.45 -16.67 20.58
CA GLN C 332 65.29 -16.36 21.98
C GLN C 332 66.14 -17.25 22.85
N GLN C 333 66.24 -18.51 22.46
CA GLN C 333 67.09 -19.47 23.17
C GLN C 333 68.55 -19.04 23.12
N THR C 334 69.01 -18.65 21.93
CA THR C 334 70.38 -18.22 21.72
C THR C 334 70.72 -17.00 22.58
N LEU C 335 69.76 -16.09 22.72
CA LEU C 335 69.94 -14.91 23.56
C LEU C 335 70.10 -15.29 25.03
N PHE C 336 69.21 -16.16 25.51
CA PHE C 336 69.28 -16.68 26.88
C PHE C 336 70.65 -17.32 27.15
N LEU C 337 71.10 -18.19 26.24
CA LEU C 337 72.36 -18.91 26.41
C LEU C 337 73.54 -17.94 26.45
N ASP C 338 73.48 -16.92 25.61
CA ASP C 338 74.56 -15.95 25.54
C ASP C 338 74.70 -15.20 26.88
N ILE C 339 73.56 -14.76 27.42
CA ILE C 339 73.54 -14.05 28.69
C ILE C 339 74.07 -14.90 29.85
N VAL C 340 73.64 -16.16 29.93
CA VAL C 340 74.05 -16.99 31.07
C VAL C 340 75.41 -17.63 30.84
N GLY C 341 75.98 -17.46 29.64
CA GLY C 341 77.34 -17.89 29.37
C GLY C 341 77.48 -19.39 29.16
N PHE C 342 76.45 -20.01 28.60
CA PHE C 342 76.43 -21.47 28.46
C PHE C 342 76.47 -21.85 27.00
N ASP C 343 77.54 -22.54 26.59
CA ASP C 343 77.64 -23.07 25.23
C ASP C 343 76.99 -24.44 25.20
N LYS C 344 75.68 -24.44 25.01
CA LYS C 344 74.88 -25.66 25.03
C LYS C 344 75.27 -26.61 23.88
N GLU C 345 75.48 -26.06 22.69
CA GLU C 345 75.86 -26.90 21.55
C GLU C 345 77.15 -27.65 21.83
N GLN C 346 78.11 -26.99 22.48
CA GLN C 346 79.35 -27.65 22.81
C GLN C 346 79.13 -28.81 23.79
N LEU C 347 78.32 -28.58 24.82
CA LEU C 347 78.06 -29.66 25.78
C LEU C 347 77.29 -30.79 25.10
N GLN C 348 76.35 -30.44 24.22
CA GLN C 348 75.65 -31.47 23.46
C GLN C 348 76.63 -32.33 22.68
N GLN C 349 77.59 -31.69 22.04
CA GLN C 349 78.59 -32.42 21.28
C GLN C 349 79.44 -33.30 22.18
N GLN C 350 79.79 -32.79 23.36
CA GLN C 350 80.61 -33.57 24.29
C GLN C 350 79.83 -34.76 24.83
N TYR C 351 78.55 -34.56 25.12
CA TYR C 351 77.68 -35.65 25.56
C TYR C 351 77.65 -36.79 24.55
N SER C 352 77.68 -36.46 23.26
CA SER C 352 77.52 -37.45 22.19
CA SER C 352 77.52 -37.50 22.24
C SER C 352 78.84 -38.02 21.64
N GLN C 353 79.95 -37.43 22.06
CA GLN C 353 81.31 -37.82 21.63
C GLN C 353 81.53 -39.31 21.83
N SER C 354 81.08 -39.79 22.98
CA SER C 354 81.13 -41.21 23.32
C SER C 354 79.68 -41.64 23.55
N PRO C 355 79.30 -42.85 23.11
CA PRO C 355 77.90 -43.26 23.28
C PRO C 355 77.55 -43.72 24.68
N LEU C 356 78.53 -43.77 25.58
CA LEU C 356 78.26 -44.11 26.96
C LEU C 356 77.35 -43.09 27.62
N PRO C 357 76.52 -43.52 28.58
CA PRO C 357 75.73 -42.50 29.28
C PRO C 357 76.65 -41.54 30.05
N ASN C 358 76.10 -40.36 30.37
CA ASN C 358 76.93 -39.28 30.87
C ASN C 358 76.74 -39.00 32.36
N PHE C 359 77.84 -38.86 33.08
CA PHE C 359 77.80 -38.62 34.52
C PHE C 359 78.48 -37.30 34.84
N ILE C 360 77.77 -36.42 35.54
CA ILE C 360 78.37 -35.19 36.05
C ILE C 360 78.58 -35.31 37.54
N PHE C 361 79.83 -35.13 37.95
CA PHE C 361 80.19 -34.99 39.36
C PHE C 361 80.14 -33.52 39.73
N THR C 362 79.41 -33.20 40.80
CA THR C 362 79.33 -31.80 41.22
C THR C 362 80.29 -31.56 42.37
N GLY C 363 81.28 -30.71 42.12
CA GLY C 363 82.29 -30.43 43.14
C GLY C 363 81.86 -29.41 44.17
N THR C 364 82.66 -29.29 45.22
CA THR C 364 82.46 -28.21 46.19
C THR C 364 83.79 -27.53 46.51
N THR C 365 83.76 -26.61 47.46
CA THR C 365 84.95 -25.89 47.88
C THR C 365 85.60 -26.60 49.05
N THR C 366 85.87 -25.89 50.13
CA THR C 366 86.40 -26.50 51.34
C THR C 366 85.27 -26.60 52.34
N TRP C 367 85.42 -27.42 53.37
CA TRP C 367 84.41 -27.46 54.42
C TRP C 367 85.11 -27.50 55.77
N ALA C 368 84.38 -27.90 56.81
CA ALA C 368 84.92 -27.81 58.16
C ALA C 368 86.12 -28.74 58.34
N GLY C 369 86.90 -28.49 59.36
CA GLY C 369 87.96 -29.41 59.74
C GLY C 369 89.35 -28.82 59.80
N GLY C 370 89.54 -27.67 59.16
CA GLY C 370 90.84 -27.00 59.20
C GLY C 370 91.95 -27.72 58.45
N GLU C 371 91.61 -28.51 57.44
CA GLU C 371 92.63 -29.21 56.67
C GLU C 371 93.11 -28.29 55.54
N THR C 372 94.10 -28.75 54.79
CA THR C 372 94.62 -27.97 53.66
C THR C 372 93.67 -28.02 52.46
N LYS C 373 93.83 -27.05 51.55
CA LYS C 373 93.07 -26.98 50.31
C LYS C 373 93.14 -28.33 49.57
N GLU C 374 94.34 -28.91 49.58
CA GLU C 374 94.61 -30.17 48.89
C GLU C 374 93.84 -31.35 49.47
N TYR C 375 93.67 -31.36 50.79
CA TYR C 375 92.87 -32.38 51.46
C TYR C 375 91.45 -32.39 50.92
N TYR C 376 90.86 -31.21 50.75
CA TYR C 376 89.47 -31.12 50.31
C TYR C 376 89.34 -31.56 48.87
N ALA C 377 90.33 -31.25 48.05
CA ALA C 377 90.32 -31.74 46.67
C ALA C 377 90.49 -33.25 46.69
N GLN C 378 91.37 -33.75 47.55
CA GLN C 378 91.64 -35.19 47.59
C GLN C 378 90.42 -35.98 48.03
N GLN C 379 89.66 -35.46 49.00
CA GLN C 379 88.47 -36.18 49.44
C GLN C 379 87.46 -36.32 48.29
N GLN C 380 87.36 -35.28 47.46
CA GLN C 380 86.41 -35.34 46.35
C GLN C 380 86.89 -36.31 45.28
N VAL C 381 88.21 -36.36 45.04
CA VAL C 381 88.78 -37.36 44.13
C VAL C 381 88.46 -38.78 44.63
N ASN C 382 88.53 -38.98 45.94
CA ASN C 382 88.20 -40.27 46.56
C ASN C 382 86.74 -40.65 46.32
N VAL C 383 85.84 -39.67 46.43
CA VAL C 383 84.42 -39.91 46.14
C VAL C 383 84.24 -40.44 44.72
N ILE C 384 84.87 -39.80 43.75
CA ILE C 384 84.75 -40.20 42.35
C ILE C 384 85.35 -41.58 42.14
N ASN C 385 86.52 -41.82 42.74
CA ASN C 385 87.16 -43.13 42.62
C ASN C 385 86.24 -44.27 43.06
N ASN C 386 85.54 -44.07 44.17
CA ASN C 386 84.57 -45.07 44.64
C ASN C 386 83.42 -45.29 43.67
N ALA C 387 82.92 -44.21 43.09
CA ALA C 387 81.76 -44.28 42.20
C ALA C 387 82.08 -45.05 40.90
N ILE C 388 83.33 -44.95 40.44
CA ILE C 388 83.72 -45.59 39.18
C ILE C 388 84.46 -46.91 39.40
N ASN C 389 84.62 -47.32 40.65
CA ASN C 389 85.28 -48.58 40.94
C ASN C 389 84.28 -49.74 40.94
N GLU C 390 84.44 -50.66 39.99
CA GLU C 390 83.49 -51.75 39.81
C GLU C 390 83.37 -52.63 41.04
N THR C 391 84.39 -52.63 41.89
CA THR C 391 84.39 -53.50 43.06
C THR C 391 83.76 -52.84 44.28
N SER C 392 83.56 -51.52 44.21
CA SER C 392 82.94 -50.79 45.30
C SER C 392 81.45 -51.04 45.37
N PRO C 393 80.90 -51.07 46.60
CA PRO C 393 79.45 -51.20 46.78
C PRO C 393 78.73 -49.97 46.24
N TYR C 394 79.46 -48.86 46.11
CA TYR C 394 78.86 -47.59 45.68
C TYR C 394 79.18 -47.32 44.20
N TYR C 395 79.61 -48.36 43.51
CA TYR C 395 79.79 -48.34 42.06
C TYR C 395 78.51 -47.89 41.36
N LEU C 396 78.64 -46.99 40.38
CA LEU C 396 77.47 -46.47 39.68
C LEU C 396 76.68 -47.57 38.97
N GLY C 397 77.34 -48.68 38.65
CA GLY C 397 76.63 -49.82 38.08
C GLY C 397 77.00 -50.14 36.64
N LYS C 398 77.54 -49.15 35.94
CA LYS C 398 77.95 -49.34 34.56
C LYS C 398 78.96 -48.27 34.17
N ASP C 399 79.46 -48.36 32.95
CA ASP C 399 80.41 -47.40 32.42
C ASP C 399 79.71 -46.11 32.06
N TYR C 400 80.24 -44.99 32.55
CA TYR C 400 79.76 -43.66 32.16
C TYR C 400 80.89 -42.84 31.56
N ASP C 401 80.55 -41.92 30.68
CA ASP C 401 81.51 -40.83 30.36
C ASP C 401 81.51 -39.85 31.52
N LEU C 402 82.71 -39.43 31.95
CA LEU C 402 82.86 -38.58 33.13
C LEU C 402 82.87 -37.10 32.80
N PHE C 403 82.06 -36.35 33.53
CA PHE C 403 81.99 -34.90 33.40
C PHE C 403 82.14 -34.27 34.77
N PHE C 404 82.73 -33.08 34.82
CA PHE C 404 82.99 -32.40 36.09
C PHE C 404 82.36 -31.03 36.05
N LYS C 405 81.50 -30.75 37.02
CA LYS C 405 81.00 -29.38 37.19
C LYS C 405 81.51 -28.88 38.54
N GLY C 406 82.62 -28.15 38.51
CA GLY C 406 83.19 -27.63 39.73
C GLY C 406 82.40 -26.48 40.31
N HIS C 407 82.59 -26.28 41.61
CA HIS C 407 82.03 -25.12 42.28
C HIS C 407 82.69 -23.86 41.72
N PRO C 408 81.90 -22.79 41.52
CA PRO C 408 82.46 -21.56 40.94
C PRO C 408 83.60 -20.96 41.76
N ALA C 409 83.61 -21.21 43.06
CA ALA C 409 84.64 -20.67 43.95
C ALA C 409 85.72 -21.71 44.26
N GLY C 410 85.75 -22.79 43.48
CA GLY C 410 86.62 -23.92 43.78
C GLY C 410 88.10 -23.67 43.63
N GLY C 411 88.49 -22.74 42.75
CA GLY C 411 89.89 -22.44 42.53
C GLY C 411 90.72 -23.63 42.14
N VAL C 412 91.85 -23.81 42.84
CA VAL C 412 92.79 -24.87 42.55
C VAL C 412 92.17 -26.26 42.78
N ILE C 413 91.16 -26.32 43.64
CA ILE C 413 90.45 -27.57 43.87
C ILE C 413 89.92 -28.16 42.56
N ASN C 414 89.33 -27.29 41.75
CA ASN C 414 88.80 -27.74 40.48
C ASN C 414 89.89 -28.29 39.56
N ASP C 415 91.04 -27.60 39.51
CA ASP C 415 92.15 -28.04 38.68
C ASP C 415 92.63 -29.44 39.08
N ILE C 416 92.76 -29.64 40.38
CA ILE C 416 93.23 -30.92 40.91
C ILE C 416 92.27 -32.06 40.60
N ILE C 417 90.98 -31.84 40.84
CA ILE C 417 89.98 -32.88 40.57
C ILE C 417 89.96 -33.22 39.09
N LEU C 418 89.91 -32.20 38.25
CA LEU C 418 89.86 -32.43 36.80
C LEU C 418 91.08 -33.21 36.33
N GLY C 419 92.25 -32.83 36.84
CA GLY C 419 93.51 -33.44 36.47
C GLY C 419 93.68 -34.88 36.95
N SER C 420 92.83 -35.30 37.89
CA SER C 420 92.93 -36.63 38.48
C SER C 420 92.20 -37.68 37.66
N PHE C 421 91.49 -37.23 36.65
CA PHE C 421 90.74 -38.10 35.76
C PHE C 421 90.90 -37.61 34.33
N PRO C 422 91.89 -38.17 33.60
CA PRO C 422 92.31 -37.67 32.29
C PRO C 422 91.21 -37.41 31.25
N ASP C 423 90.17 -38.24 31.26
CA ASP C 423 89.10 -38.13 30.28
C ASP C 423 87.84 -37.47 30.78
N MET C 424 87.98 -36.76 31.88
CA MET C 424 86.86 -36.06 32.44
C MET C 424 86.75 -34.75 31.70
N ILE C 425 85.53 -34.48 31.26
CA ILE C 425 85.27 -33.26 30.53
C ILE C 425 84.77 -32.19 31.48
N ASN C 426 85.37 -31.01 31.39
CA ASN C 426 85.01 -29.90 32.26
C ASN C 426 83.81 -29.13 31.72
N ILE C 427 82.87 -28.85 32.61
CA ILE C 427 81.80 -27.89 32.35
C ILE C 427 82.13 -26.63 33.15
N PRO C 428 82.33 -25.49 32.47
CA PRO C 428 82.86 -24.28 33.12
C PRO C 428 82.22 -23.98 34.48
N ALA C 429 83.05 -23.90 35.50
CA ALA C 429 82.59 -23.75 36.89
C ALA C 429 81.75 -22.49 37.09
N LYS C 430 82.00 -21.46 36.28
CA LYS C 430 81.28 -20.20 36.39
C LYS C 430 79.78 -20.32 36.10
N ILE C 431 79.39 -21.29 35.29
CA ILE C 431 77.99 -21.49 34.95
C ILE C 431 77.20 -22.00 36.16
N SER C 432 76.05 -21.41 36.45
CA SER C 432 75.20 -21.97 37.50
C SER C 432 74.70 -23.32 37.06
N PHE C 433 74.83 -24.32 37.92
CA PHE C 433 74.38 -25.66 37.57
C PHE C 433 72.91 -25.67 37.12
N GLU C 434 72.10 -24.82 37.75
CA GLU C 434 70.67 -24.71 37.46
C GLU C 434 70.36 -24.38 36.00
N VAL C 435 71.33 -23.79 35.30
CA VAL C 435 71.20 -23.55 33.87
C VAL C 435 70.98 -24.86 33.09
N LEU C 436 71.64 -25.94 33.52
CA LEU C 436 71.47 -27.22 32.82
C LEU C 436 70.02 -27.71 32.86
N MET C 437 69.40 -27.65 34.04
CA MET C 437 68.01 -28.10 34.18
C MET C 437 67.06 -27.21 33.37
N MET C 438 67.33 -25.92 33.37
CA MET C 438 66.48 -24.95 32.67
C MET C 438 66.50 -25.16 31.15
N THR C 439 67.63 -25.63 30.64
CA THR C 439 67.82 -25.75 29.21
C THR C 439 67.75 -27.20 28.74
N ASP C 440 67.25 -28.09 29.60
CA ASP C 440 67.08 -29.51 29.29
C ASP C 440 68.38 -30.20 28.93
N MET C 441 69.43 -29.86 29.66
CA MET C 441 70.76 -30.38 29.40
C MET C 441 71.32 -31.17 30.59
N LEU C 442 70.42 -31.70 31.42
CA LEU C 442 70.87 -32.64 32.46
C LEU C 442 71.42 -33.89 31.79
N PRO C 443 72.44 -34.51 32.42
CA PRO C 443 73.02 -35.74 31.89
C PRO C 443 72.19 -36.95 32.30
N ASP C 444 72.73 -38.15 32.11
CA ASP C 444 71.99 -39.32 32.55
C ASP C 444 72.00 -39.47 34.07
N THR C 445 73.08 -39.06 34.71
CA THR C 445 73.15 -39.16 36.17
C THR C 445 74.04 -38.08 36.76
N VAL C 446 73.66 -37.63 37.94
CA VAL C 446 74.37 -36.58 38.65
C VAL C 446 74.64 -37.03 40.08
N ALA C 447 75.87 -36.81 40.53
CA ALA C 447 76.21 -37.12 41.91
C ALA C 447 77.35 -36.24 42.37
N GLY C 448 77.54 -36.20 43.68
CA GLY C 448 78.62 -35.41 44.22
C GLY C 448 78.24 -34.78 45.54
N ILE C 449 78.85 -33.65 45.83
CA ILE C 449 78.71 -33.00 47.12
C ILE C 449 77.39 -32.25 47.18
N ALA C 450 76.70 -32.36 48.31
CA ALA C 450 75.42 -31.71 48.53
C ALA C 450 75.44 -30.23 48.15
N SER C 451 74.35 -29.79 47.55
CA SER C 451 74.19 -28.41 47.12
C SER C 451 72.73 -28.18 46.82
N SER C 452 72.32 -26.94 46.89
N SER C 452 72.30 -26.93 46.87
CA SER C 452 70.97 -26.55 46.51
CA SER C 452 70.94 -26.57 46.49
C SER C 452 70.62 -27.01 45.10
C SER C 452 70.61 -27.01 45.07
N LEU C 453 71.62 -27.19 44.25
CA LEU C 453 71.39 -27.58 42.87
C LEU C 453 70.63 -28.92 42.78
N TYR C 454 70.73 -29.77 43.81
CA TYR C 454 70.05 -31.06 43.77
C TYR C 454 68.53 -30.94 43.92
N PHE C 455 68.03 -29.75 44.26
CA PHE C 455 66.57 -29.60 44.38
C PHE C 455 65.80 -29.43 43.09
N THR C 456 66.51 -29.27 41.98
CA THR C 456 65.83 -29.18 40.70
C THR C 456 66.33 -30.21 39.70
N ILE C 457 66.75 -31.36 40.22
CA ILE C 457 67.09 -32.50 39.37
C ILE C 457 66.08 -33.62 39.63
N PRO C 458 65.47 -34.16 38.55
CA PRO C 458 64.56 -35.30 38.69
C PRO C 458 65.22 -36.42 39.48
N ALA C 459 64.46 -37.07 40.36
CA ALA C 459 64.99 -38.10 41.25
C ALA C 459 65.75 -39.20 40.52
N ASP C 460 65.26 -39.62 39.36
CA ASP C 460 65.89 -40.72 38.66
C ASP C 460 67.26 -40.32 38.07
N LYS C 461 67.57 -39.03 38.09
CA LYS C 461 68.86 -38.56 37.61
C LYS C 461 69.83 -38.25 38.76
N VAL C 462 69.36 -38.35 39.99
CA VAL C 462 70.23 -38.15 41.15
C VAL C 462 70.75 -39.49 41.64
N ASN C 463 72.06 -39.69 41.59
CA ASN C 463 72.62 -40.99 41.96
C ASN C 463 72.95 -41.11 43.45
N PHE C 464 73.82 -40.23 43.95
CA PHE C 464 74.09 -40.14 45.39
C PHE C 464 74.49 -38.71 45.70
N ILE C 465 74.35 -38.33 46.96
CA ILE C 465 74.71 -37.00 47.42
C ILE C 465 75.59 -37.14 48.65
N VAL C 466 76.71 -36.42 48.66
CA VAL C 466 77.68 -36.51 49.73
C VAL C 466 77.58 -35.33 50.65
N PHE C 467 77.39 -35.60 51.93
CA PHE C 467 77.40 -34.55 52.94
C PHE C 467 78.74 -34.53 53.62
N THR C 468 79.27 -33.32 53.83
CA THR C 468 80.59 -33.15 54.41
C THR C 468 80.46 -32.55 55.79
N SER C 469 81.54 -32.60 56.57
CA SER C 469 81.54 -32.06 57.93
C SER C 469 81.15 -30.60 57.93
N SER C 470 80.22 -30.26 58.82
CA SER C 470 79.79 -28.87 59.01
C SER C 470 79.62 -28.62 60.49
N ASP C 471 79.11 -27.44 60.85
CA ASP C 471 78.87 -27.17 62.26
C ASP C 471 77.75 -28.04 62.84
N THR C 472 76.88 -28.57 61.98
CA THR C 472 75.76 -29.37 62.47
C THR C 472 75.79 -30.85 62.03
N ILE C 473 76.65 -31.18 61.08
CA ILE C 473 76.74 -32.55 60.56
C ILE C 473 78.16 -33.06 60.70
N THR C 474 78.35 -34.07 61.53
CA THR C 474 79.71 -34.60 61.73
C THR C 474 79.82 -36.12 61.54
N ASP C 475 78.72 -36.76 61.17
CA ASP C 475 78.75 -38.15 60.71
C ASP C 475 77.48 -38.46 59.92
N ARG C 476 77.38 -39.68 59.40
CA ARG C 476 76.27 -40.00 58.51
C ARG C 476 74.91 -39.98 59.20
N GLU C 477 74.84 -40.46 60.45
CA GLU C 477 73.58 -40.43 61.19
C GLU C 477 73.07 -39.01 61.33
N GLU C 478 73.99 -38.09 61.61
CA GLU C 478 73.63 -36.68 61.72
C GLU C 478 73.21 -36.11 60.36
N ALA C 479 73.84 -36.58 59.28
CA ALA C 479 73.41 -36.12 57.96
C ALA C 479 71.97 -36.56 57.70
N LEU C 480 71.68 -37.83 57.97
CA LEU C 480 70.36 -38.38 57.70
C LEU C 480 69.24 -37.67 58.46
N LYS C 481 69.55 -37.21 59.66
CA LYS C 481 68.56 -36.56 60.52
C LYS C 481 68.48 -35.05 60.26
N SER C 482 69.37 -34.53 59.42
CA SER C 482 69.39 -33.08 59.16
C SER C 482 68.11 -32.62 58.47
N PRO C 483 67.71 -31.37 58.72
CA PRO C 483 66.55 -30.80 58.05
C PRO C 483 66.59 -30.99 56.54
N LEU C 484 67.75 -30.70 55.94
CA LEU C 484 67.90 -30.83 54.49
C LEU C 484 67.63 -32.23 53.97
N VAL C 485 68.21 -33.23 54.60
CA VAL C 485 67.98 -34.59 54.14
C VAL C 485 66.54 -35.02 54.41
N GLN C 486 66.00 -34.64 55.57
CA GLN C 486 64.61 -34.99 55.89
C GLN C 486 63.69 -34.43 54.82
N VAL C 487 63.99 -33.21 54.36
CA VAL C 487 63.21 -32.62 53.28
C VAL C 487 63.39 -33.38 51.97
N MET C 488 64.62 -33.74 51.62
CA MET C 488 64.86 -34.46 50.37
C MET C 488 64.25 -35.85 50.36
N LEU C 489 64.27 -36.51 51.52
CA LEU C 489 63.62 -37.80 51.66
C LEU C 489 62.12 -37.68 51.45
N THR C 490 61.51 -36.70 52.11
CA THR C 490 60.07 -36.46 51.99
C THR C 490 59.67 -36.14 50.55
N LEU C 491 60.50 -35.37 49.85
CA LEU C 491 60.24 -35.00 48.47
C LEU C 491 60.59 -36.12 47.47
N GLY C 492 61.23 -37.18 47.93
CA GLY C 492 61.55 -38.29 47.04
C GLY C 492 62.74 -38.02 46.15
N ILE C 493 63.56 -37.04 46.52
CA ILE C 493 64.73 -36.68 45.73
C ILE C 493 65.82 -37.75 45.90
N VAL C 494 65.97 -38.19 47.14
CA VAL C 494 66.89 -39.28 47.46
C VAL C 494 66.21 -40.31 48.35
N LYS C 495 66.79 -41.51 48.39
CA LYS C 495 66.49 -42.48 49.41
C LYS C 495 67.67 -42.53 50.37
N GLU C 496 67.49 -43.17 51.52
CA GLU C 496 68.56 -43.13 52.52
C GLU C 496 69.89 -43.66 52.00
N LYS C 497 69.87 -44.72 51.19
CA LYS C 497 71.13 -45.28 50.70
C LYS C 497 71.91 -44.31 49.81
N ASP C 498 71.23 -43.27 49.33
CA ASP C 498 71.85 -42.28 48.44
C ASP C 498 72.58 -41.21 49.21
N VAL C 499 72.36 -41.20 50.53
CA VAL C 499 72.96 -40.20 51.40
C VAL C 499 74.28 -40.69 52.00
N LEU C 500 75.38 -40.04 51.61
CA LEU C 500 76.71 -40.44 52.06
C LEU C 500 77.34 -39.35 52.90
N PHE C 501 78.33 -39.73 53.69
CA PHE C 501 79.06 -38.76 54.51
C PHE C 501 80.55 -38.91 54.33
N TRP C 502 81.22 -37.76 54.16
CA TRP C 502 82.67 -37.70 54.11
C TRP C 502 83.17 -36.63 55.09
N ALA C 503 84.08 -37.01 55.99
CA ALA C 503 84.56 -36.05 56.97
C ALA C 503 85.35 -34.92 56.33
N LYS D 30 39.97 -11.84 19.61
CA LYS D 30 39.03 -11.35 18.62
C LYS D 30 37.82 -12.28 18.47
N GLU D 31 36.65 -11.69 18.23
CA GLU D 31 35.47 -12.52 17.99
C GLU D 31 34.78 -12.02 16.74
N THR D 32 34.42 -12.96 15.86
CA THR D 32 33.67 -12.64 14.64
C THR D 32 32.42 -13.50 14.52
N VAL D 33 31.27 -12.89 14.22
CA VAL D 33 30.05 -13.61 13.93
C VAL D 33 29.54 -13.17 12.56
N SER D 34 29.41 -14.10 11.62
CA SER D 34 28.90 -13.77 10.30
C SER D 34 27.62 -14.55 10.00
N SER D 35 26.67 -13.94 9.31
CA SER D 35 25.43 -14.62 9.01
C SER D 35 25.02 -14.36 7.57
N ASN D 36 24.44 -15.36 6.93
CA ASN D 36 23.91 -15.15 5.59
C ASN D 36 22.76 -16.12 5.32
N SER D 37 21.98 -15.85 4.29
CA SER D 37 20.91 -16.74 3.90
C SER D 37 20.89 -16.86 2.38
N ALA D 38 20.37 -17.98 1.89
CA ALA D 38 20.27 -18.16 0.45
C ALA D 38 19.17 -19.14 0.11
N ASP D 39 18.58 -18.94 -1.07
CA ASP D 39 17.69 -19.94 -1.64
C ASP D 39 18.51 -20.92 -2.44
N VAL D 40 18.19 -22.21 -2.30
CA VAL D 40 18.81 -23.26 -3.09
C VAL D 40 17.71 -23.98 -3.87
N VAL D 41 17.80 -23.97 -5.19
CA VAL D 41 16.81 -24.64 -6.03
C VAL D 41 17.01 -26.15 -5.87
N GLU D 42 15.90 -26.88 -5.78
CA GLU D 42 15.96 -28.35 -5.69
C GLU D 42 16.94 -28.95 -6.71
N THR D 43 17.74 -29.90 -6.23
CA THR D 43 18.80 -30.62 -6.96
C THR D 43 20.07 -29.79 -7.19
N GLU D 44 20.05 -28.49 -6.89
CA GLU D 44 21.26 -27.68 -7.07
C GLU D 44 22.11 -27.72 -5.80
N THR D 45 23.37 -27.31 -5.92
CA THR D 45 24.32 -27.41 -4.82
C THR D 45 24.70 -26.05 -4.24
N TYR D 46 24.79 -25.99 -2.91
CA TYR D 46 25.31 -24.82 -2.23
C TYR D 46 26.47 -25.27 -1.36
N GLN D 47 27.60 -24.59 -1.44
CA GLN D 47 28.74 -24.98 -0.62
C GLN D 47 28.69 -24.27 0.71
N LEU D 48 28.43 -25.03 1.77
CA LEU D 48 28.50 -24.49 3.12
C LEU D 48 29.95 -24.27 3.48
N THR D 49 30.24 -23.09 4.00
CA THR D 49 31.61 -22.71 4.27
C THR D 49 31.64 -21.59 5.30
N PRO D 50 32.72 -21.53 6.10
CA PRO D 50 32.79 -20.36 6.99
C PRO D 50 32.83 -19.10 6.12
N ILE D 51 32.24 -18.01 6.58
CA ILE D 51 32.22 -16.80 5.76
C ILE D 51 33.47 -15.95 5.95
N ASP D 52 34.25 -15.84 4.87
CA ASP D 52 35.46 -15.00 4.86
C ASP D 52 36.30 -15.24 6.12
N ALA D 53 36.56 -16.52 6.40
CA ALA D 53 37.24 -16.97 7.60
C ALA D 53 38.47 -17.82 7.24
N PRO D 54 39.33 -18.14 8.22
CA PRO D 54 40.45 -19.02 7.88
C PRO D 54 40.00 -20.41 7.42
N SER D 55 40.88 -21.12 6.72
CA SER D 55 40.63 -22.50 6.31
C SER D 55 41.12 -23.56 7.33
N SER D 56 41.71 -23.11 8.43
CA SER D 56 42.20 -24.05 9.44
C SER D 56 41.95 -23.51 10.85
N PHE D 57 41.61 -24.41 11.77
CA PHE D 57 41.28 -24.00 13.14
C PHE D 57 41.85 -24.98 14.17
N LEU D 58 42.09 -24.49 15.39
CA LEU D 58 42.49 -25.35 16.49
C LEU D 58 41.38 -26.35 16.79
N SER D 59 40.14 -25.86 16.82
CA SER D 59 38.98 -26.72 16.93
C SER D 59 37.85 -26.11 16.12
N HIS D 60 36.93 -26.93 15.65
CA HIS D 60 35.87 -26.44 14.79
C HIS D 60 34.74 -27.46 14.71
N SER D 61 33.54 -27.01 14.35
CA SER D 61 32.42 -27.92 14.17
C SER D 61 31.31 -27.29 13.35
N TRP D 62 30.57 -28.12 12.61
CA TRP D 62 29.30 -27.70 12.01
C TRP D 62 28.16 -28.37 12.76
N GLU D 63 27.04 -27.67 12.88
CA GLU D 63 25.84 -28.23 13.50
C GLU D 63 24.65 -27.77 12.69
N GLN D 64 23.62 -28.62 12.62
CA GLN D 64 22.35 -28.23 11.98
C GLN D 64 21.38 -27.82 13.06
N THR D 65 20.81 -26.62 12.96
CA THR D 65 19.98 -26.12 14.04
C THR D 65 18.49 -26.02 13.69
N CYS D 66 18.13 -26.21 12.43
CA CYS D 66 16.71 -26.32 12.07
C CYS D 66 16.58 -27.05 10.75
N GLY D 67 15.37 -27.55 10.49
CA GLY D 67 15.09 -28.30 9.28
C GLY D 67 15.21 -29.79 9.53
N THR D 68 14.64 -30.58 8.62
CA THR D 68 14.83 -32.04 8.63
C THR D 68 16.32 -32.40 8.66
N PRO D 69 16.72 -33.31 9.57
CA PRO D 69 18.14 -33.65 9.65
C PRO D 69 18.69 -34.08 8.30
N ILE D 70 19.80 -33.47 7.90
CA ILE D 70 20.33 -33.69 6.56
C ILE D 70 21.85 -33.64 6.57
N LEU D 71 22.40 -33.16 7.69
CA LEU D 71 23.84 -33.05 7.88
C LEU D 71 24.44 -34.44 8.03
N ASN D 72 25.43 -34.75 7.20
CA ASN D 72 26.12 -36.02 7.35
C ASN D 72 27.10 -35.95 8.52
N GLU D 73 27.25 -37.08 9.23
CA GLU D 73 28.17 -37.12 10.37
C GLU D 73 29.57 -36.64 10.05
N SER D 74 30.09 -37.04 8.89
CA SER D 74 31.44 -36.69 8.52
C SER D 74 31.63 -35.20 8.32
N ASP D 75 30.58 -34.52 7.85
CA ASP D 75 30.66 -33.10 7.55
C ASP D 75 30.75 -32.23 8.79
N LYS D 76 30.37 -32.75 9.95
CA LYS D 76 30.49 -31.99 11.19
C LYS D 76 31.92 -31.51 11.40
N GLN D 77 32.90 -32.27 10.92
CA GLN D 77 34.29 -31.89 11.09
C GLN D 77 34.92 -31.35 9.80
N ALA D 78 34.11 -31.13 8.78
CA ALA D 78 34.60 -30.51 7.56
C ALA D 78 34.67 -29.00 7.72
N ILE D 79 35.54 -28.34 6.96
CA ILE D 79 35.50 -26.88 6.91
C ILE D 79 34.46 -26.41 5.89
N SER D 80 34.59 -26.90 4.66
CA SER D 80 33.59 -26.65 3.62
C SER D 80 33.02 -27.97 3.14
N PHE D 81 31.73 -28.00 2.85
CA PHE D 81 31.09 -29.18 2.28
C PHE D 81 29.87 -28.79 1.47
N ASP D 82 29.38 -29.73 0.68
CA ASP D 82 28.25 -29.47 -0.22
C ASP D 82 26.89 -29.81 0.37
N PHE D 83 25.98 -28.85 0.27
CA PHE D 83 24.58 -29.06 0.55
C PHE D 83 23.89 -29.28 -0.79
N VAL D 84 23.35 -30.47 -1.01
CA VAL D 84 22.56 -30.72 -2.21
C VAL D 84 21.08 -30.67 -1.87
N ALA D 85 20.37 -29.71 -2.45
CA ALA D 85 18.97 -29.51 -2.12
C ALA D 85 18.15 -30.72 -2.54
N PRO D 86 17.43 -31.31 -1.58
CA PRO D 86 16.56 -32.45 -1.89
C PRO D 86 15.34 -32.04 -2.70
N GLU D 87 14.66 -33.02 -3.27
CA GLU D 87 13.38 -32.78 -3.92
C GLU D 87 12.28 -33.00 -2.91
N LEU D 88 11.52 -31.93 -2.64
CA LEU D 88 10.60 -31.91 -1.51
C LEU D 88 9.17 -31.75 -1.97
N LYS D 89 8.22 -31.91 -1.05
CA LYS D 89 6.83 -31.65 -1.40
C LYS D 89 6.47 -30.20 -1.19
N GLN D 90 7.32 -29.48 -0.46
CA GLN D 90 7.15 -28.05 -0.22
C GLN D 90 8.49 -27.47 0.18
N ASP D 91 8.61 -26.15 0.09
CA ASP D 91 9.85 -25.48 0.48
C ASP D 91 10.18 -25.76 1.93
N GLU D 92 11.46 -25.84 2.24
CA GLU D 92 11.87 -26.07 3.63
C GLU D 92 13.16 -25.35 3.92
N LYS D 93 13.29 -24.76 5.10
CA LYS D 93 14.53 -24.08 5.42
C LYS D 93 15.38 -24.94 6.34
N TYR D 94 16.69 -24.86 6.11
CA TYR D 94 17.67 -25.61 6.86
C TYR D 94 18.69 -24.63 7.40
N CYS D 95 18.97 -24.69 8.70
CA CYS D 95 19.87 -23.73 9.32
C CYS D 95 21.13 -24.44 9.78
N PHE D 96 22.29 -23.88 9.46
CA PHE D 96 23.58 -24.46 9.84
C PHE D 96 24.49 -23.46 10.56
N THR D 97 25.18 -23.92 11.60
CA THR D 97 26.11 -23.04 12.30
C THR D 97 27.51 -23.66 12.39
N PHE D 98 28.50 -22.89 11.95
CA PHE D 98 29.91 -23.27 12.09
C PHE D 98 30.53 -22.49 13.24
N LYS D 99 31.30 -23.19 14.07
CA LYS D 99 32.08 -22.55 15.12
C LYS D 99 33.54 -22.95 14.95
N GLY D 100 34.44 -21.97 14.91
CA GLY D 100 35.85 -22.25 14.78
C GLY D 100 36.70 -21.41 15.71
N ILE D 101 37.72 -21.99 16.31
CA ILE D 101 38.60 -21.24 17.21
C ILE D 101 40.04 -21.31 16.74
N THR D 102 40.70 -20.17 16.66
CA THR D 102 42.14 -20.13 16.41
C THR D 102 42.83 -19.64 17.66
N GLY D 103 44.11 -19.32 17.55
CA GLY D 103 44.89 -18.91 18.70
C GLY D 103 44.45 -17.58 19.29
N ASP D 104 43.93 -16.70 18.44
CA ASP D 104 43.59 -15.35 18.88
C ASP D 104 42.18 -14.89 18.47
N HIS D 105 41.42 -15.77 17.82
CA HIS D 105 40.18 -15.37 17.19
C HIS D 105 39.12 -16.48 17.26
N ARG D 106 37.89 -16.11 17.62
CA ARG D 106 36.81 -17.08 17.63
C ARG D 106 35.81 -16.72 16.54
N TYR D 107 35.43 -17.71 15.73
CA TYR D 107 34.58 -17.49 14.57
C TYR D 107 33.26 -18.24 14.66
N ILE D 108 32.16 -17.54 14.36
CA ILE D 108 30.88 -18.20 14.17
C ILE D 108 30.32 -17.81 12.80
N THR D 109 29.91 -18.80 12.01
CA THR D 109 29.21 -18.57 10.75
C THR D 109 27.83 -19.22 10.80
N ASN D 110 26.80 -18.41 10.54
CA ASN D 110 25.43 -18.91 10.50
C ASN D 110 24.85 -18.81 9.09
N THR D 111 24.49 -19.94 8.50
CA THR D 111 23.90 -19.91 7.18
C THR D 111 22.51 -20.55 7.14
N THR D 112 21.52 -19.82 6.61
CA THR D 112 20.17 -20.39 6.49
C THR D 112 19.86 -20.64 5.03
N LEU D 113 19.63 -21.90 4.68
CA LEU D 113 19.31 -22.25 3.29
C LEU D 113 17.85 -22.63 3.14
N THR D 114 17.15 -21.98 2.21
CA THR D 114 15.78 -22.37 1.95
C THR D 114 15.74 -23.11 0.62
N VAL D 115 15.33 -24.37 0.66
CA VAL D 115 15.17 -25.16 -0.57
C VAL D 115 13.86 -24.80 -1.23
N VAL D 116 13.96 -24.36 -2.49
CA VAL D 116 12.80 -23.85 -3.21
C VAL D 116 12.60 -24.61 -4.50
N ALA D 117 11.36 -24.57 -4.99
CA ALA D 117 11.04 -25.12 -6.30
C ALA D 117 11.72 -24.25 -7.35
N PRO D 118 12.08 -24.85 -8.49
CA PRO D 118 12.56 -24.02 -9.60
C PRO D 118 11.45 -23.11 -10.09
N THR D 119 11.85 -22.01 -10.71
CA THR D 119 10.90 -21.05 -11.30
C THR D 119 11.18 -20.91 -12.78
N LEU D 120 10.13 -21.03 -13.58
CA LEU D 120 10.23 -20.75 -15.01
C LEU D 120 9.51 -19.43 -15.29
N GLU D 121 10.22 -18.47 -15.88
CA GLU D 121 9.61 -17.19 -16.26
C GLU D 121 9.24 -17.19 -17.73
N VAL D 122 7.99 -16.83 -18.03
CA VAL D 122 7.48 -16.91 -19.41
C VAL D 122 7.03 -15.53 -19.85
N TYR D 123 7.57 -15.06 -20.97
CA TYR D 123 7.37 -13.70 -21.47
C TYR D 123 6.78 -13.76 -22.84
N ILE D 124 5.63 -13.09 -23.05
CA ILE D 124 4.95 -13.11 -24.34
C ILE D 124 4.41 -11.71 -24.67
N ASP D 125 4.83 -11.14 -25.79
CA ASP D 125 4.34 -9.82 -26.20
C ASP D 125 4.57 -9.57 -27.68
N HIS D 126 3.66 -8.86 -28.32
CA HIS D 126 3.77 -8.54 -29.72
C HIS D 126 3.94 -7.05 -29.93
N ALA D 127 3.96 -6.30 -28.82
CA ALA D 127 4.04 -4.83 -28.89
C ALA D 127 5.43 -4.36 -28.48
N SER D 128 5.54 -3.16 -27.92
CA SER D 128 6.85 -2.66 -27.51
C SER D 128 6.95 -2.46 -26.01
N LEU D 129 6.02 -1.68 -25.48
CA LEU D 129 6.08 -1.27 -24.09
C LEU D 129 6.10 -2.46 -23.11
N PRO D 130 5.20 -3.46 -23.29
CA PRO D 130 5.31 -4.61 -22.37
C PRO D 130 6.65 -5.31 -22.46
N SER D 131 7.18 -5.49 -23.67
CA SER D 131 8.49 -6.15 -23.82
C SER D 131 9.61 -5.35 -23.19
N LEU D 132 9.57 -4.03 -23.31
CA LEU D 132 10.62 -3.19 -22.74
C LEU D 132 10.62 -3.24 -21.22
N GLN D 133 9.43 -3.20 -20.64
CA GLN D 133 9.28 -3.32 -19.19
C GLN D 133 9.77 -4.68 -18.72
N GLN D 134 9.41 -5.71 -19.47
CA GLN D 134 9.78 -7.07 -19.13
C GLN D 134 11.29 -7.27 -19.21
N LEU D 135 11.90 -6.64 -20.21
CA LEU D 135 13.34 -6.76 -20.40
C LEU D 135 14.09 -6.19 -19.20
N ILE D 136 13.65 -5.05 -18.69
CA ILE D 136 14.28 -4.53 -17.48
C ILE D 136 14.14 -5.50 -16.32
N HIS D 137 12.95 -6.10 -16.18
CA HIS D 137 12.75 -7.06 -15.12
C HIS D 137 13.68 -8.25 -15.28
N ILE D 138 13.84 -8.72 -16.51
CA ILE D 138 14.70 -9.87 -16.79
C ILE D 138 16.14 -9.56 -16.41
N ILE D 139 16.60 -8.37 -16.76
CA ILE D 139 17.98 -8.01 -16.46
C ILE D 139 18.22 -7.96 -14.95
N GLN D 140 17.25 -7.44 -14.20
CA GLN D 140 17.30 -7.47 -12.73
C GLN D 140 17.25 -8.91 -12.21
N ALA D 141 16.36 -9.70 -12.79
CA ALA D 141 16.08 -11.06 -12.30
C ALA D 141 17.22 -12.04 -12.54
N LYS D 142 18.00 -11.79 -13.61
CA LYS D 142 19.16 -12.64 -13.90
C LYS D 142 20.15 -12.56 -12.76
N ASP D 143 20.30 -11.37 -12.18
CA ASP D 143 21.23 -11.20 -11.09
C ASP D 143 20.68 -11.73 -9.78
N GLU D 144 19.41 -11.46 -9.54
CA GLU D 144 18.78 -11.86 -8.29
C GLU D 144 18.41 -13.33 -8.28
N TYR D 145 18.06 -13.88 -9.45
CA TYR D 145 17.66 -15.29 -9.55
C TYR D 145 18.41 -16.00 -10.70
N PRO D 146 19.70 -16.23 -10.51
CA PRO D 146 20.55 -16.70 -11.61
C PRO D 146 20.25 -18.13 -12.09
N SER D 147 19.46 -18.88 -11.34
CA SER D 147 19.09 -20.24 -11.74
C SER D 147 17.84 -20.29 -12.60
N ASN D 148 17.04 -19.22 -12.59
CA ASN D 148 15.77 -19.23 -13.29
C ASN D 148 15.94 -19.32 -14.80
N GLN D 149 15.17 -20.20 -15.43
CA GLN D 149 15.11 -20.29 -16.87
C GLN D 149 14.04 -19.33 -17.36
N ARG D 150 14.24 -18.75 -18.54
CA ARG D 150 13.28 -17.80 -19.12
C ARG D 150 12.92 -18.23 -20.52
N PHE D 151 11.61 -18.26 -20.83
CA PHE D 151 11.14 -18.50 -22.20
C PHE D 151 10.57 -17.18 -22.71
N VAL D 152 11.01 -16.72 -23.88
CA VAL D 152 10.63 -15.39 -24.36
C VAL D 152 10.11 -15.42 -25.80
N SER D 153 8.92 -14.86 -26.02
CA SER D 153 8.37 -14.72 -27.35
C SER D 153 7.95 -13.28 -27.52
N TRP D 154 8.84 -12.49 -28.13
CA TRP D 154 8.62 -11.05 -28.36
C TRP D 154 8.67 -10.79 -29.85
N LYS D 155 7.71 -10.04 -30.36
CA LYS D 155 7.70 -9.78 -31.81
C LYS D 155 8.63 -8.63 -32.19
N ARG D 156 8.78 -7.63 -31.31
CA ARG D 156 9.50 -6.42 -31.67
C ARG D 156 10.90 -6.31 -31.06
N VAL D 157 11.03 -6.70 -29.81
CA VAL D 157 12.35 -6.68 -29.17
C VAL D 157 13.08 -7.98 -29.48
N THR D 158 14.27 -7.84 -30.05
N THR D 158 14.25 -7.87 -30.10
CA THR D 158 15.03 -8.99 -30.51
CA THR D 158 14.97 -9.07 -30.51
C THR D 158 16.24 -9.26 -29.63
C THR D 158 16.24 -9.30 -29.69
N VAL D 159 16.28 -10.46 -29.04
CA VAL D 159 17.39 -10.86 -28.21
C VAL D 159 18.26 -11.85 -28.99
N ASP D 160 19.48 -11.46 -29.33
CA ASP D 160 20.35 -12.37 -30.10
C ASP D 160 20.92 -13.47 -29.20
N ALA D 161 21.66 -14.40 -29.79
CA ALA D 161 22.12 -15.58 -29.07
C ALA D 161 23.00 -15.27 -27.86
N ASP D 162 23.93 -14.33 -28.02
CA ASP D 162 24.80 -13.96 -26.91
C ASP D 162 24.03 -13.37 -25.74
N ASN D 163 23.18 -12.39 -26.05
CA ASN D 163 22.41 -11.75 -25.00
C ASN D 163 21.40 -12.68 -24.36
N ALA D 164 20.82 -13.57 -25.17
CA ALA D 164 19.91 -14.59 -24.62
C ALA D 164 20.66 -15.47 -23.62
N ASN D 165 21.90 -15.83 -23.96
CA ASN D 165 22.71 -16.66 -23.06
C ASN D 165 23.02 -15.95 -21.75
N LYS D 166 23.29 -14.65 -21.83
CA LYS D 166 23.57 -13.84 -20.66
C LYS D 166 22.40 -13.78 -19.70
N LEU D 167 21.20 -13.96 -20.23
CA LEU D 167 19.99 -13.73 -19.45
C LEU D 167 19.19 -14.99 -19.20
N ASN D 168 19.80 -16.14 -19.51
CA ASN D 168 19.14 -17.43 -19.39
C ASN D 168 17.81 -17.47 -20.16
N ILE D 169 17.83 -16.90 -21.36
CA ILE D 169 16.65 -16.84 -22.22
C ILE D 169 16.69 -17.89 -23.32
N HIS D 170 15.58 -18.61 -23.48
CA HIS D 170 15.33 -19.41 -24.67
C HIS D 170 14.20 -18.74 -25.41
N THR D 171 14.44 -18.38 -26.67
CA THR D 171 13.42 -17.72 -27.46
C THR D 171 12.53 -18.72 -28.19
N TYR D 172 11.26 -18.38 -28.32
CA TYR D 172 10.29 -19.16 -29.08
C TYR D 172 9.52 -18.23 -29.98
N PRO D 173 9.14 -18.72 -31.17
CA PRO D 173 8.36 -17.86 -32.05
C PRO D 173 6.96 -17.62 -31.52
N LEU D 174 6.34 -16.56 -31.99
CA LEU D 174 4.91 -16.37 -31.78
C LEU D 174 4.17 -17.05 -32.90
N LYS D 175 2.92 -17.41 -32.65
CA LYS D 175 2.01 -17.75 -33.73
C LYS D 175 1.26 -16.49 -34.09
N GLY D 176 1.73 -15.80 -35.12
CA GLY D 176 1.21 -14.48 -35.43
C GLY D 176 1.63 -13.51 -34.33
N ASN D 177 0.65 -13.09 -33.55
CA ASN D 177 0.87 -12.20 -32.40
C ASN D 177 0.82 -12.90 -31.05
N ASN D 178 0.53 -14.19 -31.05
CA ASN D 178 0.24 -14.84 -29.79
C ASN D 178 1.02 -16.11 -29.52
N THR D 179 0.81 -16.64 -28.33
CA THR D 179 1.52 -17.84 -27.87
C THR D 179 1.49 -18.94 -28.93
N SER D 180 2.66 -19.52 -29.23
CA SER D 180 2.75 -20.58 -30.24
C SER D 180 2.58 -21.96 -29.60
N PRO D 181 2.14 -22.94 -30.38
CA PRO D 181 2.13 -24.33 -29.88
C PRO D 181 3.52 -24.77 -29.50
N GLU D 182 4.53 -24.23 -30.16
CA GLU D 182 5.90 -24.57 -29.82
C GLU D 182 6.24 -24.19 -28.37
N MET D 183 5.85 -22.98 -27.97
CA MET D 183 6.11 -22.55 -26.60
C MET D 183 5.31 -23.39 -25.62
N VAL D 184 4.06 -23.68 -25.94
CA VAL D 184 3.23 -24.49 -25.06
C VAL D 184 3.89 -25.85 -24.80
N ALA D 185 4.37 -26.47 -25.88
CA ALA D 185 4.99 -27.79 -25.74
C ALA D 185 6.29 -27.71 -24.95
N ALA D 186 7.06 -26.65 -25.17
CA ALA D 186 8.30 -26.49 -24.42
C ALA D 186 8.04 -26.29 -22.92
N ILE D 187 6.99 -25.54 -22.58
CA ILE D 187 6.67 -25.36 -21.16
C ILE D 187 6.23 -26.72 -20.59
N ASP D 188 5.43 -27.45 -21.36
CA ASP D 188 4.97 -28.78 -20.95
C ASP D 188 6.16 -29.72 -20.71
N GLU D 189 7.14 -29.71 -21.60
CA GLU D 189 8.33 -30.54 -21.46
C GLU D 189 9.15 -30.11 -20.24
N TYR D 190 9.26 -28.81 -20.03
CA TYR D 190 10.03 -28.29 -18.91
C TYR D 190 9.41 -28.71 -17.59
N ALA D 191 8.09 -28.57 -17.49
CA ALA D 191 7.37 -28.94 -16.27
C ALA D 191 7.56 -30.43 -15.99
N GLN D 192 7.53 -31.22 -17.05
CA GLN D 192 7.69 -32.67 -16.92
C GLN D 192 9.06 -33.05 -16.33
N SER D 193 10.07 -32.23 -16.56
CA SER D 193 11.43 -32.53 -16.12
C SER D 193 11.69 -32.18 -14.65
N LYS D 194 10.75 -31.51 -14.01
CA LYS D 194 10.94 -31.03 -12.64
C LYS D 194 10.04 -31.72 -11.62
N ASN D 195 10.55 -31.86 -10.39
CA ASN D 195 9.78 -32.39 -9.29
C ASN D 195 8.61 -31.48 -8.91
N ARG D 196 8.90 -30.19 -8.85
CA ARG D 196 7.92 -29.13 -8.57
C ARG D 196 8.28 -27.96 -9.45
N LEU D 197 7.31 -27.13 -9.81
CA LEU D 197 7.63 -25.97 -10.63
C LEU D 197 6.72 -24.79 -10.34
N ASN D 198 7.30 -23.61 -10.17
CA ASN D 198 6.54 -22.37 -10.18
C ASN D 198 6.70 -21.68 -11.53
N ILE D 199 5.59 -21.22 -12.10
CA ILE D 199 5.65 -20.47 -13.35
C ILE D 199 5.21 -19.02 -13.15
N GLU D 200 6.03 -18.09 -13.59
CA GLU D 200 5.65 -16.68 -13.60
C GLU D 200 5.36 -16.23 -15.03
N PHE D 201 4.21 -15.59 -15.24
CA PHE D 201 3.83 -15.07 -16.55
C PHE D 201 4.01 -13.57 -16.62
N TYR D 202 4.47 -13.11 -17.78
CA TYR D 202 4.58 -11.68 -18.07
C TYR D 202 4.03 -11.45 -19.46
N THR D 203 2.96 -10.66 -19.59
CA THR D 203 2.44 -10.48 -20.94
C THR D 203 1.66 -9.18 -21.04
N ASN D 204 1.05 -9.01 -22.21
CA ASN D 204 0.32 -7.81 -22.62
C ASN D 204 -1.11 -7.85 -22.07
N THR D 205 -1.55 -6.78 -21.41
CA THR D 205 -2.86 -6.79 -20.75
C THR D 205 -4.01 -7.04 -21.73
N ALA D 206 -4.04 -6.33 -22.84
CA ALA D 206 -5.14 -6.44 -23.77
C ALA D 206 -5.25 -7.86 -24.33
N HIS D 207 -4.14 -8.57 -24.41
CA HIS D 207 -4.17 -9.85 -25.09
C HIS D 207 -3.86 -11.02 -24.18
N VAL D 208 -4.04 -10.82 -22.88
CA VAL D 208 -3.77 -11.87 -21.91
C VAL D 208 -4.59 -13.14 -22.19
N PHE D 209 -5.84 -12.99 -22.62
CA PHE D 209 -6.68 -14.15 -22.84
C PHE D 209 -6.25 -14.94 -24.09
N ASN D 210 -5.56 -14.27 -25.01
CA ASN D 210 -5.05 -14.99 -26.17
C ASN D 210 -3.74 -15.72 -25.87
N ASN D 211 -3.03 -15.27 -24.84
CA ASN D 211 -1.68 -15.76 -24.58
C ASN D 211 -1.53 -16.77 -23.43
N LEU D 212 -2.30 -16.59 -22.36
CA LEU D 212 -2.08 -17.47 -21.18
C LEU D 212 -2.91 -18.75 -21.11
N PRO D 213 -4.21 -18.71 -21.50
CA PRO D 213 -4.95 -19.99 -21.41
C PRO D 213 -4.35 -21.20 -22.17
N PRO D 214 -3.73 -21.00 -23.35
CA PRO D 214 -3.16 -22.18 -24.01
C PRO D 214 -2.05 -22.85 -23.21
N ILE D 215 -1.44 -22.12 -22.28
CA ILE D 215 -0.39 -22.69 -21.43
C ILE D 215 -0.98 -23.23 -20.13
N ILE D 216 -1.86 -22.45 -19.53
CA ILE D 216 -2.46 -22.83 -18.25
C ILE D 216 -3.31 -24.10 -18.36
N GLN D 217 -4.12 -24.20 -19.42
CA GLN D 217 -5.05 -25.32 -19.55
C GLN D 217 -4.40 -26.72 -19.50
N PRO D 218 -3.36 -26.96 -20.32
CA PRO D 218 -2.79 -28.31 -20.21
C PRO D 218 -2.03 -28.60 -18.93
N LEU D 219 -1.67 -27.57 -18.17
CA LEU D 219 -0.91 -27.77 -16.93
C LEU D 219 -1.82 -27.75 -15.72
N TYR D 220 -3.09 -27.45 -15.95
CA TYR D 220 -4.00 -27.11 -14.85
C TYR D 220 -4.15 -28.21 -13.81
N ASN D 221 -4.19 -29.45 -14.27
CA ASN D 221 -4.44 -30.55 -13.35
C ASN D 221 -3.15 -31.19 -12.87
N ASN D 222 -2.04 -30.56 -13.21
CA ASN D 222 -0.73 -30.97 -12.72
C ASN D 222 -0.44 -30.30 -11.37
N GLU D 223 -0.60 -31.07 -10.30
CA GLU D 223 -0.50 -30.54 -8.93
C GLU D 223 0.91 -30.07 -8.57
N LYS D 224 1.92 -30.46 -9.34
CA LYS D 224 3.28 -30.08 -9.00
C LYS D 224 3.64 -28.74 -9.63
N VAL D 225 2.76 -28.25 -10.50
CA VAL D 225 3.00 -26.99 -11.21
C VAL D 225 2.07 -25.91 -10.68
N LYS D 226 2.66 -24.78 -10.28
CA LYS D 226 1.90 -23.66 -9.75
C LYS D 226 2.14 -22.39 -10.57
N ILE D 227 1.06 -21.70 -10.94
CA ILE D 227 1.18 -20.38 -11.53
C ILE D 227 1.34 -19.42 -10.36
N SER D 228 2.58 -19.00 -10.13
CA SER D 228 2.89 -18.27 -8.91
C SER D 228 2.66 -16.78 -9.04
N HIS D 229 2.72 -16.26 -10.27
CA HIS D 229 2.52 -14.82 -10.46
C HIS D 229 2.22 -14.49 -11.91
N ILE D 230 1.39 -13.47 -12.11
CA ILE D 230 1.08 -12.95 -13.44
C ILE D 230 1.29 -11.44 -13.41
N SER D 231 2.06 -10.94 -14.37
CA SER D 231 2.29 -9.50 -14.52
C SER D 231 1.75 -9.10 -15.89
N LEU D 232 0.80 -8.17 -15.92
CA LEU D 232 0.17 -7.73 -17.16
C LEU D 232 0.54 -6.26 -17.38
N TYR D 233 0.94 -5.94 -18.61
CA TYR D 233 1.38 -4.59 -18.96
C TYR D 233 0.57 -4.01 -20.08
N ASP D 234 0.12 -2.77 -19.92
CA ASP D 234 -0.46 -2.02 -21.03
C ASP D 234 0.52 -1.91 -22.19
N ASP D 235 0.03 -1.97 -23.42
CA ASP D 235 0.93 -1.71 -24.55
C ASP D 235 0.84 -0.27 -25.07
N GLY D 236 -0.24 0.42 -24.72
CA GLY D 236 -0.36 1.79 -25.14
C GLY D 236 -1.75 2.32 -25.02
N SER D 237 -2.15 3.13 -25.98
CA SER D 237 -3.43 3.81 -25.91
C SER D 237 -4.61 2.85 -26.04
N SER D 238 -4.41 1.69 -26.66
CA SER D 238 -5.55 0.82 -26.97
C SER D 238 -6.31 0.36 -25.71
N GLU D 239 -5.60 0.10 -24.61
CA GLU D 239 -6.28 -0.31 -23.37
C GLU D 239 -7.19 0.81 -22.83
N TYR D 240 -6.79 2.05 -23.05
CA TYR D 240 -7.52 3.19 -22.50
C TYR D 240 -8.74 3.49 -23.37
N VAL D 241 -8.57 3.34 -24.68
CA VAL D 241 -9.69 3.48 -25.59
C VAL D 241 -10.75 2.43 -25.26
N SER D 242 -10.32 1.20 -24.96
CA SER D 242 -11.27 0.13 -24.63
C SER D 242 -12.00 0.39 -23.33
N LEU D 243 -11.27 0.90 -22.35
CA LEU D 243 -11.87 1.25 -21.08
C LEU D 243 -12.90 2.37 -21.27
N TYR D 244 -12.53 3.36 -22.07
CA TYR D 244 -13.41 4.48 -22.40
C TYR D 244 -14.72 3.98 -23.01
N GLN D 245 -14.61 3.04 -23.94
CA GLN D 245 -15.78 2.54 -24.64
C GLN D 245 -16.65 1.67 -23.73
N TRP D 246 -16.07 1.20 -22.63
CA TRP D 246 -16.74 0.25 -21.76
C TRP D 246 -17.32 0.89 -20.48
N LYS D 247 -16.89 2.11 -20.19
CA LYS D 247 -17.11 2.71 -18.87
C LYS D 247 -18.58 2.93 -18.52
N ASP D 248 -19.42 3.05 -19.55
CA ASP D 248 -20.85 3.32 -19.33
C ASP D 248 -21.70 2.07 -19.45
N THR D 249 -21.06 0.92 -19.60
CA THR D 249 -21.76 -0.36 -19.68
C THR D 249 -22.58 -0.56 -18.41
N PRO D 250 -23.88 -0.85 -18.57
CA PRO D 250 -24.73 -0.97 -17.38
C PRO D 250 -24.36 -2.14 -16.49
N ASN D 251 -24.29 -1.88 -15.18
CA ASN D 251 -24.03 -2.90 -14.18
C ASN D 251 -22.71 -3.64 -14.41
N LYS D 252 -21.71 -2.94 -14.92
CA LYS D 252 -20.55 -3.62 -15.48
C LYS D 252 -19.70 -4.41 -14.48
N ILE D 253 -19.55 -3.93 -13.25
CA ILE D 253 -18.73 -4.67 -12.28
C ILE D 253 -19.38 -5.97 -11.81
N GLU D 254 -20.68 -5.92 -11.56
CA GLU D 254 -21.41 -7.14 -11.21
C GLU D 254 -21.29 -8.19 -12.33
N THR D 255 -21.34 -7.72 -13.58
CA THR D 255 -21.20 -8.61 -14.73
C THR D 255 -19.80 -9.22 -14.74
N LEU D 256 -18.81 -8.36 -14.49
CA LEU D 256 -17.42 -8.75 -14.42
C LEU D 256 -17.17 -9.84 -13.39
N GLU D 257 -17.61 -9.59 -12.16
CA GLU D 257 -17.43 -10.55 -11.07
C GLU D 257 -18.14 -11.87 -11.41
N GLY D 258 -19.27 -11.77 -12.08
CA GLY D 258 -20.06 -12.93 -12.44
C GLY D 258 -19.36 -13.80 -13.48
N GLU D 259 -18.40 -13.21 -14.19
CA GLU D 259 -17.68 -13.91 -15.23
C GLU D 259 -16.38 -14.53 -14.73
N VAL D 260 -16.10 -14.36 -13.44
CA VAL D 260 -14.95 -15.00 -12.81
C VAL D 260 -15.03 -16.52 -12.96
N SER D 261 -16.19 -17.09 -12.64
CA SER D 261 -16.38 -18.53 -12.73
C SER D 261 -16.26 -19.02 -14.17
N LEU D 262 -16.68 -18.17 -15.09
CA LEU D 262 -16.57 -18.46 -16.51
C LEU D 262 -15.09 -18.65 -16.87
N LEU D 263 -14.27 -17.71 -16.43
CA LEU D 263 -12.83 -17.82 -16.64
C LEU D 263 -12.24 -19.04 -15.94
N ALA D 264 -12.61 -19.23 -14.68
CA ALA D 264 -12.08 -20.33 -13.88
C ALA D 264 -12.35 -21.69 -14.53
N ASN D 265 -13.59 -21.90 -14.96
CA ASN D 265 -14.00 -23.19 -15.51
C ASN D 265 -13.36 -23.45 -16.86
N TYR D 266 -13.12 -22.38 -17.62
CA TYR D 266 -12.46 -22.48 -18.91
C TYR D 266 -11.00 -22.94 -18.73
N LEU D 267 -10.31 -22.33 -17.78
CA LEU D 267 -8.93 -22.69 -17.48
C LEU D 267 -8.83 -24.13 -16.94
N ALA D 268 -9.80 -24.51 -16.11
CA ALA D 268 -9.83 -25.83 -15.47
C ALA D 268 -10.21 -26.94 -16.44
N GLY D 269 -10.68 -26.56 -17.63
CA GLY D 269 -11.07 -27.54 -18.64
C GLY D 269 -12.35 -28.30 -18.33
N THR D 270 -13.30 -27.62 -17.69
CA THR D 270 -14.59 -28.22 -17.41
C THR D 270 -15.69 -27.51 -18.20
N SER D 271 -15.30 -26.50 -18.95
CA SER D 271 -16.23 -25.78 -19.83
C SER D 271 -15.53 -25.15 -21.02
N PRO D 272 -16.19 -25.17 -22.18
CA PRO D 272 -15.64 -24.50 -23.38
C PRO D 272 -16.06 -23.04 -23.47
N ASP D 273 -16.93 -22.59 -22.57
CA ASP D 273 -17.43 -21.22 -22.62
C ASP D 273 -16.43 -20.26 -21.99
N ALA D 274 -16.05 -19.25 -22.75
CA ALA D 274 -15.07 -18.27 -22.30
C ALA D 274 -15.69 -16.89 -22.07
N PRO D 275 -15.14 -16.11 -21.13
CA PRO D 275 -15.63 -14.74 -20.96
C PRO D 275 -15.31 -13.89 -22.18
N LYS D 276 -16.26 -13.01 -22.51
CA LYS D 276 -16.10 -12.09 -23.62
C LYS D 276 -15.78 -10.71 -23.04
N GLY D 277 -15.01 -9.92 -23.78
CA GLY D 277 -14.70 -8.57 -23.35
C GLY D 277 -13.85 -8.48 -22.09
N MET D 278 -14.14 -7.49 -21.25
CA MET D 278 -13.30 -7.18 -20.09
C MET D 278 -13.16 -8.34 -19.10
N GLY D 279 -14.16 -9.22 -19.09
CA GLY D 279 -14.17 -10.37 -18.20
C GLY D 279 -13.05 -11.35 -18.46
N ASN D 280 -12.43 -11.28 -19.63
CA ASN D 280 -11.29 -12.15 -19.88
C ASN D 280 -9.98 -11.41 -19.69
N ARG D 281 -10.08 -10.15 -19.24
CA ARG D 281 -8.95 -9.25 -19.13
C ARG D 281 -8.65 -8.84 -17.67
N TYR D 282 -9.69 -8.43 -16.94
CA TYR D 282 -9.50 -7.84 -15.61
C TYR D 282 -10.03 -8.74 -14.49
N ASN D 283 -10.10 -10.05 -14.75
CA ASN D 283 -10.49 -11.00 -13.71
C ASN D 283 -9.37 -11.93 -13.26
N TRP D 284 -8.17 -11.74 -13.79
CA TRP D 284 -7.05 -12.64 -13.48
C TRP D 284 -6.63 -12.56 -12.02
N HIS D 285 -6.76 -11.38 -11.41
CA HIS D 285 -6.36 -11.22 -10.01
C HIS D 285 -7.29 -11.94 -9.04
N LYS D 286 -8.44 -12.40 -9.54
CA LYS D 286 -9.36 -13.17 -8.72
C LYS D 286 -8.96 -14.65 -8.66
N LEU D 287 -8.11 -15.06 -9.59
CA LEU D 287 -7.72 -16.47 -9.70
C LEU D 287 -6.23 -16.71 -9.46
N TYR D 288 -5.42 -15.69 -9.69
CA TYR D 288 -3.97 -15.78 -9.51
C TYR D 288 -3.43 -14.50 -8.90
N ASP D 289 -2.26 -14.59 -8.30
CA ASP D 289 -1.54 -13.41 -7.82
C ASP D 289 -1.12 -12.58 -9.04
N THR D 290 -1.80 -11.46 -9.26
CA THR D 290 -1.70 -10.72 -10.51
C THR D 290 -1.45 -9.23 -10.28
N ASP D 291 -0.50 -8.67 -11.02
CA ASP D 291 -0.32 -7.22 -11.08
C ASP D 291 -0.77 -6.71 -12.44
N TYR D 292 -1.58 -5.65 -12.45
CA TYR D 292 -1.93 -4.97 -13.70
C TYR D 292 -1.11 -3.69 -13.75
N TYR D 293 -0.11 -3.62 -14.62
CA TYR D 293 0.68 -2.40 -14.73
C TYR D 293 0.00 -1.47 -15.74
N PHE D 294 -0.50 -0.35 -15.24
CA PHE D 294 -1.15 0.66 -16.06
C PHE D 294 -0.12 1.71 -16.47
N LEU D 295 -0.02 2.07 -17.75
CA LEU D 295 0.81 3.22 -18.12
C LEU D 295 0.24 4.51 -17.47
N ARG D 296 -1.09 4.61 -17.34
CA ARG D 296 -1.69 5.71 -16.57
C ARG D 296 -2.72 5.18 -15.57
N GLU D 297 -2.26 4.72 -14.42
CA GLU D 297 -3.16 4.17 -13.40
C GLU D 297 -4.17 5.21 -12.92
N ASP D 298 -3.79 6.48 -12.96
CA ASP D 298 -4.68 7.53 -12.49
C ASP D 298 -5.90 7.70 -13.40
N TYR D 299 -5.90 7.05 -14.56
CA TYR D 299 -7.10 7.07 -15.39
C TYR D 299 -8.28 6.52 -14.59
N LEU D 300 -8.00 5.54 -13.72
CA LEU D 300 -9.04 4.93 -12.91
C LEU D 300 -9.58 5.88 -11.84
N ASP D 301 -8.82 6.95 -11.56
CA ASP D 301 -9.21 8.00 -10.62
C ASP D 301 -9.96 9.14 -11.31
N VAL D 302 -9.37 9.66 -12.39
CA VAL D 302 -9.89 10.87 -13.03
C VAL D 302 -11.19 10.60 -13.78
N GLU D 303 -11.38 9.35 -14.22
CA GLU D 303 -12.64 8.98 -14.85
C GLU D 303 -13.58 8.36 -13.83
N ALA D 304 -14.59 9.12 -13.42
CA ALA D 304 -15.46 8.74 -12.32
C ALA D 304 -16.22 7.45 -12.60
N ASN D 305 -16.52 7.18 -13.87
CA ASN D 305 -17.25 5.98 -14.23
C ASN D 305 -16.37 4.74 -14.22
N LEU D 306 -15.12 4.90 -13.81
CA LEU D 306 -14.22 3.76 -13.66
C LEU D 306 -13.82 3.56 -12.20
N HIS D 307 -14.41 4.35 -11.30
CA HIS D 307 -14.13 4.16 -9.87
C HIS D 307 -14.54 2.77 -9.43
N ASP D 308 -15.59 2.24 -10.02
CA ASP D 308 -16.02 0.91 -9.63
C ASP D 308 -14.99 -0.14 -10.07
N LEU D 309 -14.36 0.05 -11.23
CA LEU D 309 -13.29 -0.86 -11.65
C LEU D 309 -12.07 -0.68 -10.77
N ARG D 310 -11.76 0.57 -10.42
CA ARG D 310 -10.65 0.82 -9.50
C ARG D 310 -10.79 0.04 -8.19
N ASP D 311 -12.00 0.03 -7.63
CA ASP D 311 -12.27 -0.70 -6.41
C ASP D 311 -12.18 -2.21 -6.64
N TYR D 312 -12.63 -2.67 -7.81
CA TYR D 312 -12.64 -4.08 -8.13
C TYR D 312 -11.22 -4.63 -8.29
N LEU D 313 -10.34 -3.83 -8.88
CA LEU D 313 -8.95 -4.26 -9.07
C LEU D 313 -8.15 -4.14 -7.78
N GLY D 314 -8.48 -3.12 -6.99
CA GLY D 314 -7.81 -2.92 -5.71
C GLY D 314 -6.30 -2.82 -5.83
N SER D 315 -5.59 -3.53 -4.95
CA SER D 315 -4.14 -3.40 -4.90
C SER D 315 -3.44 -4.05 -6.10
N SER D 316 -4.18 -4.79 -6.91
CA SER D 316 -3.63 -5.39 -8.12
C SER D 316 -3.34 -4.37 -9.22
N ALA D 317 -4.04 -3.23 -9.18
CA ALA D 317 -3.73 -2.16 -10.11
C ALA D 317 -2.49 -1.41 -9.67
N LYS D 318 -1.52 -1.32 -10.55
CA LYS D 318 -0.27 -0.64 -10.24
C LYS D 318 0.11 0.35 -11.35
N GLN D 319 0.96 1.31 -10.99
CA GLN D 319 1.47 2.27 -11.94
C GLN D 319 2.78 1.74 -12.54
N MET D 320 2.83 1.66 -13.85
CA MET D 320 4.03 1.27 -14.56
C MET D 320 5.15 2.26 -14.27
N PRO D 321 6.31 1.77 -13.82
CA PRO D 321 7.41 2.69 -13.49
C PRO D 321 8.18 3.09 -14.74
N TRP D 322 8.71 4.32 -14.74
CA TRP D 322 9.45 4.83 -15.88
C TRP D 322 10.94 4.99 -15.58
N ASP D 323 11.32 4.74 -14.33
CA ASP D 323 12.65 5.08 -13.86
C ASP D 323 13.50 3.88 -13.45
N GLU D 324 13.13 2.68 -13.85
CA GLU D 324 13.89 1.52 -13.38
C GLU D 324 15.22 1.37 -14.12
N PHE D 325 15.26 1.81 -15.37
CA PHE D 325 16.50 1.76 -16.15
C PHE D 325 17.65 2.47 -15.46
N ALA D 326 17.38 3.66 -14.93
CA ALA D 326 18.42 4.48 -14.33
C ALA D 326 18.99 3.86 -13.05
N LYS D 327 18.22 2.98 -12.42
CA LYS D 327 18.65 2.31 -11.20
C LYS D 327 19.44 1.03 -11.48
N LEU D 328 19.45 0.63 -12.75
CA LEU D 328 20.29 -0.48 -13.19
C LEU D 328 21.76 -0.10 -13.12
N SER D 329 22.64 -1.10 -12.99
CA SER D 329 24.07 -0.85 -13.05
C SER D 329 24.46 -0.41 -14.46
N ASP D 330 25.65 0.15 -14.61
CA ASP D 330 26.13 0.59 -15.92
C ASP D 330 26.16 -0.55 -16.91
N SER D 331 26.64 -1.71 -16.49
CA SER D 331 26.71 -2.85 -17.39
C SER D 331 25.31 -3.32 -17.76
N GLN D 332 24.40 -3.33 -16.79
CA GLN D 332 23.02 -3.72 -17.05
C GLN D 332 22.36 -2.74 -18.01
N GLN D 333 22.66 -1.45 -17.86
CA GLN D 333 22.14 -0.43 -18.78
C GLN D 333 22.65 -0.64 -20.22
N THR D 334 23.94 -0.92 -20.35
CA THR D 334 24.56 -1.17 -21.65
C THR D 334 23.92 -2.39 -22.33
N LEU D 335 23.61 -3.40 -21.52
CA LEU D 335 22.95 -4.59 -22.05
C LEU D 335 21.55 -4.25 -22.57
N PHE D 336 20.78 -3.49 -21.79
CA PHE D 336 19.45 -3.08 -22.23
C PHE D 336 19.55 -2.32 -23.56
N LEU D 337 20.46 -1.36 -23.61
CA LEU D 337 20.62 -0.53 -24.81
C LEU D 337 21.03 -1.35 -26.02
N ASP D 338 21.90 -2.33 -25.81
CA ASP D 338 22.33 -3.18 -26.93
C ASP D 338 21.18 -3.98 -27.49
N ILE D 339 20.38 -4.57 -26.60
CA ILE D 339 19.24 -5.38 -27.03
C ILE D 339 18.20 -4.57 -27.81
N VAL D 340 17.84 -3.39 -27.31
CA VAL D 340 16.79 -2.60 -27.97
C VAL D 340 17.35 -1.78 -29.13
N GLY D 341 18.67 -1.80 -29.28
CA GLY D 341 19.33 -1.19 -30.42
C GLY D 341 19.45 0.32 -30.39
N PHE D 342 19.61 0.86 -29.18
CA PHE D 342 19.64 2.32 -28.99
C PHE D 342 21.01 2.81 -28.50
N ASP D 343 21.65 3.65 -29.30
CA ASP D 343 22.92 4.27 -28.89
C ASP D 343 22.61 5.55 -28.12
N LYS D 344 22.37 5.40 -26.82
CA LYS D 344 22.00 6.50 -25.94
C LYS D 344 23.11 7.55 -25.85
N GLU D 345 24.34 7.08 -25.69
CA GLU D 345 25.48 7.97 -25.57
C GLU D 345 25.60 8.87 -26.82
N GLN D 346 25.34 8.29 -27.99
CA GLN D 346 25.36 9.07 -29.22
C GLN D 346 24.28 10.13 -29.22
N LEU D 347 23.06 9.76 -28.84
CA LEU D 347 21.96 10.74 -28.83
C LEU D 347 22.25 11.79 -27.78
N GLN D 348 22.85 11.39 -26.65
CA GLN D 348 23.27 12.37 -25.63
C GLN D 348 24.24 13.39 -26.22
N GLN D 349 25.23 12.90 -26.97
CA GLN D 349 26.20 13.79 -27.60
C GLN D 349 25.53 14.70 -28.62
N GLN D 350 24.61 14.14 -29.39
CA GLN D 350 23.91 14.90 -30.42
C GLN D 350 22.98 15.95 -29.81
N TYR D 351 22.33 15.59 -28.70
CA TYR D 351 21.52 16.53 -27.96
C TYR D 351 22.36 17.71 -27.49
N SER D 352 23.59 17.43 -27.09
CA SER D 352 24.45 18.46 -26.50
C SER D 352 25.32 19.17 -27.54
N GLN D 353 25.20 18.76 -28.80
CA GLN D 353 25.95 19.37 -29.89
C GLN D 353 25.77 20.87 -29.93
N SER D 354 24.50 21.26 -29.86
CA SER D 354 24.10 22.66 -29.93
C SER D 354 23.38 23.07 -28.66
N PRO D 355 23.57 24.33 -28.23
CA PRO D 355 22.96 24.75 -26.96
C PRO D 355 21.46 24.98 -27.06
N LEU D 356 20.91 24.93 -28.28
CA LEU D 356 19.48 25.06 -28.45
C LEU D 356 18.75 23.85 -27.85
N PRO D 357 17.52 24.08 -27.36
CA PRO D 357 16.69 22.96 -26.89
C PRO D 357 16.35 22.03 -28.04
N ASN D 358 15.97 20.80 -27.72
CA ASN D 358 15.85 19.76 -28.73
C ASN D 358 14.40 19.39 -29.04
N PHE D 359 14.10 19.28 -30.33
CA PHE D 359 12.75 18.97 -30.79
C PHE D 359 12.78 17.66 -31.59
N ILE D 360 11.96 16.70 -31.20
CA ILE D 360 11.76 15.50 -32.00
C ILE D 360 10.43 15.57 -32.74
N PHE D 361 10.48 15.47 -34.06
CA PHE D 361 9.29 15.27 -34.86
C PHE D 361 9.04 13.77 -35.03
N THR D 362 7.83 13.32 -34.72
CA THR D 362 7.52 11.89 -34.86
C THR D 362 6.78 11.62 -36.17
N GLY D 363 7.41 10.86 -37.06
CA GLY D 363 6.83 10.56 -38.34
C GLY D 363 5.81 9.45 -38.32
N THR D 364 5.11 9.29 -39.43
CA THR D 364 4.19 8.18 -39.62
C THR D 364 4.41 7.58 -41.00
N THR D 365 3.57 6.62 -41.37
CA THR D 365 3.65 5.98 -42.67
C THR D 365 2.72 6.68 -43.62
N THR D 366 1.79 5.94 -44.21
CA THR D 366 0.75 6.51 -45.05
C THR D 366 -0.61 6.44 -44.33
N TRP D 367 -1.59 7.21 -44.79
CA TRP D 367 -2.92 7.12 -44.21
C TRP D 367 -4.00 7.13 -45.30
N ALA D 368 -5.24 7.38 -44.91
CA ALA D 368 -6.37 7.28 -45.85
C ALA D 368 -6.30 8.33 -46.95
N GLY D 369 -7.01 8.10 -48.04
CA GLY D 369 -7.14 9.12 -49.08
C GLY D 369 -6.74 8.63 -50.47
N GLY D 370 -6.00 7.53 -50.52
CA GLY D 370 -5.62 6.96 -51.80
C GLY D 370 -4.60 7.76 -52.59
N GLU D 371 -3.77 8.52 -51.90
CA GLU D 371 -2.73 9.32 -52.54
C GLU D 371 -1.44 8.52 -52.66
N THR D 372 -0.43 9.10 -53.30
CA THR D 372 0.86 8.43 -53.46
C THR D 372 1.68 8.46 -52.17
N LYS D 373 2.64 7.55 -52.08
CA LYS D 373 3.53 7.55 -50.93
C LYS D 373 4.25 8.91 -50.83
N GLU D 374 4.52 9.54 -51.97
CA GLU D 374 5.16 10.86 -52.00
C GLU D 374 4.31 11.95 -51.34
N TYR D 375 2.99 11.88 -51.55
CA TYR D 375 2.05 12.82 -50.94
C TYR D 375 2.10 12.75 -49.41
N TYR D 376 2.12 11.55 -48.87
CA TYR D 376 2.10 11.41 -47.43
C TYR D 376 3.42 11.89 -46.84
N ALA D 377 4.51 11.65 -47.56
CA ALA D 377 5.82 12.12 -47.10
C ALA D 377 5.83 13.63 -47.13
N GLN D 378 5.23 14.20 -48.17
CA GLN D 378 5.21 15.65 -48.34
C GLN D 378 4.38 16.30 -47.24
N GLN D 379 3.27 15.68 -46.85
CA GLN D 379 2.40 16.22 -45.80
C GLN D 379 3.18 16.31 -44.48
N GLN D 380 4.03 15.33 -44.22
CA GLN D 380 4.84 15.35 -42.99
C GLN D 380 5.99 16.37 -43.05
N VAL D 381 6.63 16.46 -44.22
CA VAL D 381 7.67 17.48 -44.43
C VAL D 381 7.06 18.85 -44.20
N ASN D 382 5.83 19.04 -44.68
CA ASN D 382 5.12 20.31 -44.48
C ASN D 382 4.86 20.64 -43.01
N VAL D 383 4.44 19.64 -42.23
CA VAL D 383 4.20 19.83 -40.80
C VAL D 383 5.46 20.36 -40.12
N ILE D 384 6.61 19.78 -40.45
CA ILE D 384 7.87 20.24 -39.86
C ILE D 384 8.14 21.69 -40.26
N ASN D 385 7.90 22.03 -41.51
CA ASN D 385 8.06 23.41 -41.99
C ASN D 385 7.20 24.38 -41.19
N ASN D 386 5.95 24.01 -40.94
CA ASN D 386 5.06 24.83 -40.13
C ASN D 386 5.51 24.93 -38.68
N ALA D 387 6.04 23.83 -38.13
CA ALA D 387 6.46 23.80 -36.73
C ALA D 387 7.62 24.75 -36.48
N ILE D 388 8.47 24.91 -37.48
CA ILE D 388 9.67 25.73 -37.35
C ILE D 388 9.49 27.13 -37.97
N ASN D 389 8.28 27.41 -38.45
CA ASN D 389 7.96 28.72 -39.01
C ASN D 389 7.45 29.68 -37.93
N GLU D 390 8.24 30.71 -37.65
CA GLU D 390 7.91 31.63 -36.56
C GLU D 390 6.56 32.32 -36.75
N THR D 391 6.10 32.40 -37.99
CA THR D 391 4.85 33.07 -38.32
C THR D 391 3.63 32.14 -38.30
N SER D 392 3.87 30.83 -38.26
CA SER D 392 2.79 29.86 -38.27
C SER D 392 2.04 29.88 -36.94
N PRO D 393 0.73 29.62 -36.97
CA PRO D 393 -0.04 29.62 -35.72
C PRO D 393 0.38 28.50 -34.78
N TYR D 394 0.97 27.45 -35.34
CA TYR D 394 1.41 26.29 -34.58
C TYR D 394 2.93 26.13 -34.48
N TYR D 395 3.61 27.28 -34.57
CA TYR D 395 5.03 27.39 -34.27
C TYR D 395 5.33 26.75 -32.92
N LEU D 396 6.43 26.01 -32.84
CA LEU D 396 6.80 25.31 -31.62
C LEU D 396 6.99 26.26 -30.43
N GLY D 397 7.26 27.53 -30.72
CA GLY D 397 7.38 28.55 -29.69
C GLY D 397 8.75 29.19 -29.54
N LYS D 398 9.78 28.49 -30.00
CA LYS D 398 11.13 29.04 -30.00
C LYS D 398 12.01 28.25 -30.97
N ASP D 399 13.26 28.64 -31.09
CA ASP D 399 14.20 27.92 -31.95
C ASP D 399 14.62 26.60 -31.30
N TYR D 400 14.49 25.51 -32.04
CA TYR D 400 14.93 24.21 -31.55
C TYR D 400 15.94 23.56 -32.49
N ASP D 401 16.79 22.71 -31.94
CA ASP D 401 17.57 21.77 -32.76
C ASP D 401 16.60 20.70 -33.26
N LEU D 402 16.71 20.36 -34.54
CA LEU D 402 15.77 19.41 -35.16
C LEU D 402 16.23 17.96 -35.05
N PHE D 403 15.34 17.10 -34.58
CA PHE D 403 15.58 15.66 -34.54
C PHE D 403 14.38 14.97 -35.18
N PHE D 404 14.62 13.84 -35.84
CA PHE D 404 13.58 13.11 -36.55
C PHE D 404 13.51 11.69 -36.05
N LYS D 405 12.34 11.29 -35.57
CA LYS D 405 12.10 9.88 -35.26
C LYS D 405 11.03 9.35 -36.20
N GLY D 406 11.49 8.70 -37.27
CA GLY D 406 10.58 8.16 -38.26
C GLY D 406 9.87 6.92 -37.77
N HIS D 407 8.75 6.62 -38.40
CA HIS D 407 8.03 5.37 -38.17
C HIS D 407 8.86 4.19 -38.64
N PRO D 408 8.87 3.10 -37.88
CA PRO D 408 9.69 1.95 -38.29
C PRO D 408 9.33 1.38 -39.67
N ALA D 409 8.08 1.53 -40.08
CA ALA D 409 7.63 0.97 -41.36
C ALA D 409 7.67 2.02 -42.44
N GLY D 410 8.35 3.12 -42.15
CA GLY D 410 8.37 4.26 -43.04
C GLY D 410 9.15 4.04 -44.32
N GLY D 411 10.16 3.17 -44.26
CA GLY D 411 11.03 2.91 -45.41
C GLY D 411 11.73 4.15 -45.96
N VAL D 412 11.66 4.33 -47.28
CA VAL D 412 12.33 5.47 -47.93
C VAL D 412 11.72 6.81 -47.56
N ILE D 413 10.47 6.81 -47.09
CA ILE D 413 9.82 8.03 -46.60
C ILE D 413 10.68 8.72 -45.54
N ASN D 414 11.28 7.93 -44.67
CA ASN D 414 12.16 8.44 -43.65
C ASN D 414 13.39 9.14 -44.27
N ASP D 415 13.97 8.53 -45.30
CA ASP D 415 15.07 9.13 -46.04
C ASP D 415 14.63 10.44 -46.71
N ILE D 416 13.40 10.45 -47.23
CA ILE D 416 12.87 11.65 -47.89
C ILE D 416 12.72 12.82 -46.93
N ILE D 417 12.10 12.57 -45.78
CA ILE D 417 11.92 13.61 -44.75
C ILE D 417 13.26 14.09 -44.23
N LEU D 418 14.17 13.17 -43.91
CA LEU D 418 15.49 13.55 -43.39
C LEU D 418 16.22 14.45 -44.40
N GLY D 419 16.09 14.09 -45.68
CA GLY D 419 16.74 14.81 -46.77
C GLY D 419 16.21 16.20 -47.05
N SER D 420 15.06 16.54 -46.48
CA SER D 420 14.43 17.84 -46.69
C SER D 420 14.91 18.90 -45.69
N PHE D 421 15.71 18.49 -44.71
CA PHE D 421 16.24 19.36 -43.66
C PHE D 421 17.70 19.05 -43.35
N PRO D 422 18.63 19.84 -43.92
CA PRO D 422 20.06 19.53 -43.90
C PRO D 422 20.68 19.19 -42.55
N ASP D 423 20.32 19.88 -41.47
CA ASP D 423 20.89 19.52 -40.17
C ASP D 423 19.94 18.77 -39.24
N MET D 424 19.15 17.86 -39.80
CA MET D 424 18.27 17.04 -39.00
C MET D 424 19.02 15.82 -38.48
N ILE D 425 18.94 15.57 -37.18
CA ILE D 425 19.64 14.43 -36.63
C ILE D 425 18.66 13.27 -36.67
N ASN D 426 19.12 12.14 -37.20
CA ASN D 426 18.26 10.97 -37.30
C ASN D 426 18.32 10.14 -36.04
N ILE D 427 17.15 9.73 -35.56
CA ILE D 427 17.08 8.72 -34.52
C ILE D 427 16.58 7.47 -35.23
N PRO D 428 17.40 6.41 -35.26
CA PRO D 428 17.10 5.22 -36.07
C PRO D 428 15.64 4.77 -35.92
N ALA D 429 14.92 4.71 -37.03
CA ALA D 429 13.49 4.45 -37.02
C ALA D 429 13.14 3.09 -36.39
N LYS D 430 14.07 2.15 -36.45
CA LYS D 430 13.85 0.80 -35.93
C LYS D 430 13.63 0.81 -34.41
N ILE D 431 14.16 1.82 -33.73
CA ILE D 431 14.02 1.93 -32.28
C ILE D 431 12.57 2.26 -31.90
N SER D 432 11.99 1.54 -30.94
CA SER D 432 10.68 1.91 -30.42
C SER D 432 10.79 3.23 -29.72
N PHE D 433 9.90 4.17 -30.04
CA PHE D 433 9.96 5.51 -29.42
C PHE D 433 9.93 5.41 -27.92
N GLU D 434 9.17 4.45 -27.40
CA GLU D 434 9.01 4.26 -25.96
C GLU D 434 10.36 4.02 -25.24
N VAL D 435 11.38 3.57 -25.98
CA VAL D 435 12.72 3.43 -25.41
C VAL D 435 13.25 4.77 -24.86
N LEU D 436 12.91 5.87 -25.52
CA LEU D 436 13.38 7.18 -25.07
C LEU D 436 12.88 7.56 -23.67
N MET D 437 11.59 7.36 -23.43
CA MET D 437 11.00 7.66 -22.14
C MET D 437 11.59 6.74 -21.07
N MET D 438 11.78 5.48 -21.42
CA MET D 438 12.29 4.46 -20.49
C MET D 438 13.70 4.76 -20.01
N THR D 439 14.50 5.38 -20.87
CA THR D 439 15.91 5.63 -20.59
C THR D 439 16.18 7.10 -20.26
N ASP D 440 15.12 7.85 -19.98
CA ASP D 440 15.20 9.27 -19.64
CA ASP D 440 15.20 9.27 -19.64
C ASP D 440 15.87 10.09 -20.74
N MET D 441 15.53 9.79 -21.99
CA MET D 441 16.14 10.46 -23.13
C MET D 441 15.12 11.22 -23.98
N LEU D 442 14.01 11.60 -23.38
CA LEU D 442 13.08 12.49 -24.08
C LEU D 442 13.71 13.88 -24.27
N PRO D 443 13.37 14.54 -25.37
CA PRO D 443 13.90 15.86 -25.68
C PRO D 443 13.12 16.95 -24.96
N ASP D 444 13.36 18.21 -25.30
CA ASP D 444 12.63 19.30 -24.67
C ASP D 444 11.19 19.38 -25.16
N THR D 445 10.98 19.03 -26.43
CA THR D 445 9.63 19.04 -26.96
C THR D 445 9.47 17.98 -28.05
N VAL D 446 8.26 17.42 -28.12
CA VAL D 446 7.94 16.37 -29.08
C VAL D 446 6.65 16.76 -29.81
N ALA D 447 6.64 16.62 -31.12
CA ALA D 447 5.44 16.91 -31.89
C ALA D 447 5.44 16.07 -33.16
N GLY D 448 4.28 15.97 -33.79
CA GLY D 448 4.17 15.21 -35.02
C GLY D 448 2.87 14.46 -35.11
N ILE D 449 2.88 13.35 -35.84
CA ILE D 449 1.65 12.62 -36.12
C ILE D 449 1.25 11.75 -34.92
N ALA D 450 -0.04 11.75 -34.61
CA ALA D 450 -0.58 10.98 -33.49
C ALA D 450 -0.12 9.53 -33.49
N SER D 451 0.15 9.03 -32.29
CA SER D 451 0.58 7.66 -32.11
C SER D 451 0.47 7.33 -30.64
N SER D 452 0.35 6.04 -30.34
CA SER D 452 0.31 5.55 -28.98
C SER D 452 1.51 6.03 -28.16
N LEU D 453 2.61 6.33 -28.83
CA LEU D 453 3.82 6.77 -28.15
C LEU D 453 3.58 8.01 -27.31
N TYR D 454 2.55 8.78 -27.66
CA TYR D 454 2.27 10.02 -26.91
C TYR D 454 1.67 9.75 -25.53
N PHE D 455 1.28 8.51 -25.25
CA PHE D 455 0.70 8.20 -23.92
C PHE D 455 1.74 8.06 -22.83
N THR D 456 3.01 8.06 -23.17
CA THR D 456 4.02 7.99 -22.14
C THR D 456 5.01 9.16 -22.27
N ILE D 457 4.50 10.29 -22.71
CA ILE D 457 5.27 11.53 -22.69
C ILE D 457 4.65 12.53 -21.73
N PRO D 458 5.45 13.08 -20.81
CA PRO D 458 4.95 14.15 -19.93
C PRO D 458 4.32 15.29 -20.73
N ALA D 459 3.19 15.79 -20.23
CA ALA D 459 2.42 16.80 -20.94
C ALA D 459 3.25 18.01 -21.39
N ASP D 460 4.18 18.45 -20.55
CA ASP D 460 4.94 19.66 -20.86
C ASP D 460 5.93 19.44 -22.01
N LYS D 461 6.11 18.19 -22.41
CA LYS D 461 7.02 17.89 -23.51
C LYS D 461 6.26 17.63 -24.81
N VAL D 462 4.93 17.64 -24.74
CA VAL D 462 4.09 17.47 -25.94
C VAL D 462 3.70 18.84 -26.50
N ASN D 463 4.13 19.14 -27.71
CA ASN D 463 3.89 20.47 -28.27
C ASN D 463 2.54 20.52 -29.00
N PHE D 464 2.36 19.63 -29.98
CA PHE D 464 1.07 19.42 -30.65
C PHE D 464 1.02 17.99 -31.20
N ILE D 465 -0.18 17.52 -31.48
CA ILE D 465 -0.38 16.20 -32.08
C ILE D 465 -1.28 16.32 -33.33
N VAL D 466 -0.84 15.72 -34.42
CA VAL D 466 -1.58 15.81 -35.69
C VAL D 466 -2.32 14.51 -35.96
N PHE D 467 -3.62 14.60 -36.14
CA PHE D 467 -4.40 13.44 -36.57
C PHE D 467 -4.64 13.54 -38.07
N THR D 468 -4.48 12.39 -38.72
CA THR D 468 -4.59 12.31 -40.18
C THR D 468 -5.87 11.57 -40.55
N SER D 469 -6.28 11.68 -41.81
CA SER D 469 -7.53 11.02 -42.24
C SER D 469 -7.52 9.51 -41.98
N SER D 470 -8.61 9.05 -41.38
CA SER D 470 -8.83 7.63 -41.13
C SER D 470 -10.27 7.28 -41.44
N ASP D 471 -10.66 6.03 -41.19
CA ASP D 471 -12.05 5.62 -41.43
C ASP D 471 -13.03 6.32 -40.48
N THR D 472 -12.51 6.83 -39.36
CA THR D 472 -13.36 7.47 -38.36
C THR D 472 -13.06 8.97 -38.15
N ILE D 473 -11.93 9.44 -38.65
CA ILE D 473 -11.54 10.84 -38.46
C ILE D 473 -11.23 11.48 -39.81
N THR D 474 -12.07 12.43 -40.23
CA THR D 474 -11.84 13.08 -41.53
C THR D 474 -11.81 14.61 -41.47
N ASP D 475 -11.89 15.16 -40.25
CA ASP D 475 -11.59 16.57 -40.02
C ASP D 475 -11.29 16.79 -38.53
N ARG D 476 -10.96 18.01 -38.16
CA ARG D 476 -10.54 18.29 -36.78
C ARG D 476 -11.64 18.07 -35.76
N GLU D 477 -12.88 18.43 -36.10
CA GLU D 477 -14.00 18.17 -35.19
C GLU D 477 -14.12 16.69 -34.88
N GLU D 478 -13.95 15.85 -35.90
CA GLU D 478 -14.02 14.40 -35.70
C GLU D 478 -12.85 13.89 -34.87
N ALA D 479 -11.68 14.50 -35.01
CA ALA D 479 -10.56 14.12 -34.18
C ALA D 479 -10.86 14.45 -32.71
N LEU D 480 -11.34 15.66 -32.46
CA LEU D 480 -11.58 16.09 -31.08
C LEU D 480 -12.58 15.18 -30.35
N LYS D 481 -13.55 14.66 -31.09
CA LYS D 481 -14.63 13.87 -30.51
C LYS D 481 -14.29 12.38 -30.43
N SER D 482 -13.16 12.00 -31.00
CA SER D 482 -12.74 10.60 -31.02
C SER D 482 -12.42 10.10 -29.61
N PRO D 483 -12.64 8.81 -29.36
CA PRO D 483 -12.29 8.20 -28.07
C PRO D 483 -10.85 8.50 -27.67
N LEU D 484 -9.91 8.36 -28.62
CA LEU D 484 -8.51 8.59 -28.30
C LEU D 484 -8.26 9.99 -27.77
N VAL D 485 -8.77 11.00 -28.45
CA VAL D 485 -8.57 12.38 -27.99
C VAL D 485 -9.29 12.64 -26.67
N GLN D 486 -10.49 12.09 -26.52
CA GLN D 486 -11.25 12.26 -25.29
C GLN D 486 -10.47 11.73 -24.09
N VAL D 487 -9.82 10.59 -24.26
CA VAL D 487 -8.98 10.03 -23.20
C VAL D 487 -7.77 10.93 -22.92
N MET D 488 -7.12 11.39 -23.99
CA MET D 488 -5.94 12.23 -23.83
C MET D 488 -6.30 13.57 -23.16
N LEU D 489 -7.46 14.10 -23.49
CA LEU D 489 -7.93 15.32 -22.82
C LEU D 489 -8.15 15.08 -21.33
N THR D 490 -8.86 14.01 -21.03
CA THR D 490 -9.17 13.62 -19.66
C THR D 490 -7.91 13.38 -18.81
N LEU D 491 -6.91 12.77 -19.44
CA LEU D 491 -5.64 12.48 -18.79
C LEU D 491 -4.74 13.70 -18.71
N GLY D 492 -5.11 14.77 -19.42
CA GLY D 492 -4.33 15.98 -19.41
C GLY D 492 -3.09 15.92 -20.27
N ILE D 493 -3.05 14.99 -21.22
CA ILE D 493 -1.90 14.85 -22.10
C ILE D 493 -1.84 16.00 -23.09
N VAL D 494 -3.00 16.36 -23.61
CA VAL D 494 -3.15 17.53 -24.46
C VAL D 494 -4.38 18.31 -24.06
N LYS D 495 -4.40 19.57 -24.48
CA LYS D 495 -5.64 20.32 -24.52
C LYS D 495 -6.09 20.41 -25.97
N GLU D 496 -7.31 20.87 -26.18
CA GLU D 496 -7.92 20.88 -27.50
C GLU D 496 -7.06 21.66 -28.50
N LYS D 497 -6.44 22.74 -28.04
CA LYS D 497 -5.60 23.58 -28.89
C LYS D 497 -4.39 22.81 -29.44
N ASP D 498 -4.05 21.69 -28.79
CA ASP D 498 -2.89 20.92 -29.16
C ASP D 498 -3.21 19.90 -30.23
N VAL D 499 -4.51 19.70 -30.48
CA VAL D 499 -4.96 18.71 -31.45
C VAL D 499 -5.21 19.33 -32.82
N LEU D 500 -4.43 18.88 -33.78
CA LEU D 500 -4.48 19.39 -35.15
C LEU D 500 -4.95 18.29 -36.09
N PHE D 501 -5.42 18.69 -37.25
CA PHE D 501 -5.82 17.72 -38.27
C PHE D 501 -5.15 18.01 -39.59
N TRP D 502 -4.68 16.94 -40.24
CA TRP D 502 -4.14 17.01 -41.59
C TRP D 502 -4.84 15.96 -42.47
N ALA D 503 -5.46 16.39 -43.56
CA ALA D 503 -6.20 15.44 -44.39
C ALA D 503 -5.29 14.44 -45.10
#